data_8DO6
#
_entry.id   8DO6
#
_cell.length_a   1.00
_cell.length_b   1.00
_cell.length_c   1.00
_cell.angle_alpha   90.00
_cell.angle_beta   90.00
_cell.angle_gamma   90.00
#
_symmetry.space_group_name_H-M   'P 1'
#
loop_
_entity.id
_entity.type
_entity.pdbx_description
1 polymer 'CRISPR system Cms endoribonuclease Csm3'
2 polymer crRNA
3 polymer 'Target RNA'
4 polymer 'CRISPR system Cms protein Csm2'
5 polymer 'CRISPR system Cms protein Csm4'
6 polymer 'CRISPR system Cms protein Csm5'
#
loop_
_entity_poly.entity_id
_entity_poly.type
_entity_poly.pdbx_seq_one_letter_code
_entity_poly.pdbx_strand_id
1 'polypeptide(L)'
;MYSKIKISGTIEVVTGLHIGGGGESSMIGAIDSPVVRDLQTKLPIIPGSSIKGKMRNLLAKHFGLKMKQESHNQDDERVL
RLFGSSEKGNIQRARLQISDAFFSEKTKEHFAQNDIAYTETKFENTINRLTAVANPRQIERVTRGSEFDFVFIYNVDEES
QVEDDFENIEKAIHLLENDYLGGGGTRGNGRIQFKDTNIETVVGEYDSTNLKIK
;
E,G,F
2 'polyribonucleotide' ACGAGAACACGUAUGCCGAAGUAUAUAAAUCAUCAGU I
3 'polyribonucleotide' CUUUGUACUGAUGAUUUAUAUACUUCGGCAUACGUUCUCUAAA J
4 'polypeptide(L)'
;MILAKTKSGKTIDLTFAHEVVKSNVKNVKDRKGKEKQVLFNGLTTSKLRNLMEQVNRLYTIAFNSNEDQLNEEFIDELEY
LKIKFYYEAGREKSVDEFLKKTLMFPIIDRVIKKESKKFFLDYCKYFEALVAYAKYYQKED
;
C,D
5 'polypeptide(L)'
;MTLATKVFKLSFKTPVHFGKKRLSDGEMTITADTLFSALFIETLQLGKDTDWLLNDLIISDTFPYENELYYLPKPLIKID
SKEEDNHKAFKKLKYVPVHHYNQYLNGELSAEDATDLNDIFNIGYFSLQTKVSLIAQETDSSADSEPYSVGTFTFEPEAG
LYFIAKGSEETLDHLNNIMTALQYSGLGGKRNAGYGQFEYEIINNQQLSKLLNQNGKHSILLSTAMAKKEEIESALKEAR
YILTKRSGFVQSTNYSEMLVKKSDFYSFSSGSVFKNIFNGDIFNVGHNGKHPVYRYAKPLWLEV
;
B
6 'polypeptide(L)'
;MTIKNYEVVIKTLGPIHIGSGQVMKKQDYIYDFYNSKVYMINGNKLVKFLKRKNLLYTYQNFLRYPPKNPRENGLKDYLD
AQNVKQSEWEAFVSYSEKVNQGKKYGNTRPKPLNDLHLMVRDGQNKVYLPGSSIKGAIKTTLVSKYNNEKNKDIYSKIKV
SDSKPIDESNLAIYQKIDINKSEKSMPLYRECIDVNTEIKFKLTIEDEIYSINEIEQSIQDFYKNYYDKWLVGFKETKGG
RRFALEGGIPDVLNQNILFLGAGTGFVSKTTHYQLKNRKQAKQDSFEILTKKFRGTYGKMKEIPSNVPVALKGTTNQSRH
TSYQQGMCKVSFQELNNEVL
;
H
#
loop_
_chem_comp.id
_chem_comp.type
_chem_comp.name
_chem_comp.formula
A RNA linking ADENOSINE-5'-MONOPHOSPHATE 'C10 H14 N5 O7 P'
C RNA linking CYTIDINE-5'-MONOPHOSPHATE 'C9 H14 N3 O8 P'
G RNA linking GUANOSINE-5'-MONOPHOSPHATE 'C10 H14 N5 O8 P'
U RNA linking URIDINE-5'-MONOPHOSPHATE 'C9 H13 N2 O9 P'
#
# COMPACT_ATOMS: atom_id res chain seq x y z
N TYR A 2 54.53 21.47 6.48
CA TYR A 2 53.07 21.62 6.46
C TYR A 2 52.49 21.04 5.17
N SER A 3 51.40 20.29 5.31
CA SER A 3 50.76 19.63 4.18
C SER A 3 49.25 19.66 4.39
N LYS A 4 48.52 19.11 3.43
CA LYS A 4 47.07 18.99 3.52
C LYS A 4 46.66 17.57 3.18
N ILE A 5 45.58 17.12 3.81
CA ILE A 5 45.06 15.77 3.62
C ILE A 5 43.59 15.89 3.31
N LYS A 6 43.21 15.53 2.08
CA LYS A 6 41.81 15.55 1.66
C LYS A 6 41.19 14.20 2.00
N ILE A 7 40.23 14.22 2.93
CA ILE A 7 39.40 13.05 3.23
C ILE A 7 38.14 13.23 2.40
N SER A 8 38.18 12.69 1.18
CA SER A 8 37.00 12.64 0.35
C SER A 8 36.21 11.39 0.72
N GLY A 9 35.21 11.05 -0.07
CA GLY A 9 34.41 9.88 0.19
C GLY A 9 32.96 10.16 -0.09
N THR A 10 32.10 9.36 0.53
CA THR A 10 30.67 9.44 0.25
C THR A 10 29.91 9.07 1.52
N ILE A 11 28.74 9.67 1.71
CA ILE A 11 27.88 9.36 2.84
C ILE A 11 26.50 8.97 2.31
N GLU A 12 26.02 7.82 2.77
CA GLU A 12 24.74 7.27 2.32
C GLU A 12 23.68 7.52 3.38
N VAL A 13 22.52 8.00 2.95
CA VAL A 13 21.41 8.30 3.85
C VAL A 13 20.71 6.97 4.18
N VAL A 14 20.95 6.46 5.39
CA VAL A 14 20.34 5.20 5.79
C VAL A 14 18.83 5.35 5.91
N THR A 15 18.36 6.45 6.51
CA THR A 15 16.95 6.75 6.59
C THR A 15 16.78 8.25 6.52
N GLY A 16 15.56 8.68 6.18
CA GLY A 16 15.26 10.07 5.86
C GLY A 16 15.95 11.10 6.73
N LEU A 17 16.64 12.05 6.08
CA LEU A 17 17.41 13.07 6.76
C LEU A 17 16.74 14.42 6.54
N HIS A 18 16.45 15.13 7.62
CA HIS A 18 15.76 16.41 7.57
C HIS A 18 16.62 17.46 8.25
N ILE A 19 17.13 18.41 7.48
CA ILE A 19 17.88 19.54 7.99
C ILE A 19 17.10 20.80 7.63
N GLY A 20 16.58 21.49 8.64
CA GLY A 20 15.64 22.57 8.39
C GLY A 20 16.30 23.76 7.72
N GLY A 21 15.50 24.44 6.89
CA GLY A 21 15.94 25.67 6.24
C GLY A 21 15.10 26.85 6.65
N GLY A 22 13.82 26.59 6.97
CA GLY A 22 12.92 27.63 7.44
C GLY A 22 12.13 28.33 6.35
N GLY A 23 12.79 29.13 5.53
CA GLY A 23 12.10 29.95 4.55
C GLY A 23 11.91 29.32 3.19
N GLU A 24 11.07 28.29 3.11
CA GLU A 24 10.75 27.69 1.82
C GLU A 24 9.25 27.60 1.55
N SER A 25 8.45 27.31 2.57
CA SER A 25 7.01 27.19 2.39
C SER A 25 6.31 27.44 3.72
N SER A 26 5.27 28.27 3.70
CA SER A 26 4.52 28.61 4.90
C SER A 26 3.01 28.67 4.63
N MET A 27 2.52 27.89 3.69
CA MET A 27 1.12 27.93 3.30
C MET A 27 0.31 26.92 4.10
N ILE A 28 -1.01 26.99 3.94
CA ILE A 28 -1.92 26.08 4.61
C ILE A 28 -1.99 24.78 3.79
N GLY A 29 -1.65 23.67 4.43
CA GLY A 29 -1.60 22.38 3.77
C GLY A 29 -0.30 22.07 3.08
N ALA A 30 0.63 23.03 3.03
CA ALA A 30 1.94 22.80 2.42
C ALA A 30 2.87 22.16 3.44
N ILE A 31 4.15 22.04 3.09
CA ILE A 31 5.12 21.42 3.99
C ILE A 31 5.43 22.39 5.12
N ASP A 32 5.33 21.90 6.36
CA ASP A 32 5.58 22.72 7.53
C ASP A 32 7.04 22.72 7.96
N SER A 33 7.88 21.88 7.37
CA SER A 33 9.29 21.81 7.72
C SER A 33 10.08 21.37 6.50
N PRO A 34 10.44 22.30 5.62
CA PRO A 34 11.24 21.95 4.45
C PRO A 34 12.69 21.71 4.82
N VAL A 35 13.37 20.96 3.96
CA VAL A 35 14.81 20.73 4.14
C VAL A 35 15.60 21.90 3.56
N VAL A 36 16.87 21.96 3.93
CA VAL A 36 17.76 22.98 3.37
C VAL A 36 18.16 22.54 1.96
N ARG A 37 17.96 23.43 0.99
CA ARG A 37 18.23 23.12 -0.41
C ARG A 37 18.83 24.36 -1.07
N ASP A 38 19.38 24.15 -2.25
CA ASP A 38 19.84 25.27 -3.07
C ASP A 38 18.64 26.10 -3.52
N LEU A 39 18.82 27.41 -3.58
CA LEU A 39 17.70 28.30 -3.90
C LEU A 39 17.16 28.04 -5.29
N GLN A 40 18.04 27.82 -6.26
CA GLN A 40 17.65 27.57 -7.64
C GLN A 40 17.88 26.14 -8.08
N THR A 41 18.99 25.53 -7.70
CA THR A 41 19.25 24.13 -8.06
C THR A 41 18.23 23.20 -7.42
N LYS A 42 17.79 23.51 -6.20
CA LYS A 42 16.74 22.82 -5.46
C LYS A 42 17.14 21.41 -5.02
N LEU A 43 18.35 20.98 -5.30
CA LEU A 43 18.79 19.66 -4.83
C LEU A 43 19.07 19.71 -3.34
N PRO A 44 18.51 18.80 -2.55
CA PRO A 44 18.78 18.81 -1.12
C PRO A 44 20.26 18.62 -0.83
N ILE A 45 20.76 19.37 0.16
CA ILE A 45 22.16 19.33 0.53
C ILE A 45 22.27 19.28 2.04
N ILE A 46 23.43 18.84 2.52
CA ILE A 46 23.77 18.89 3.94
C ILE A 46 24.83 19.99 4.10
N PRO A 47 24.53 21.06 4.84
CA PRO A 47 25.56 22.08 5.06
C PRO A 47 26.73 21.52 5.84
N GLY A 48 27.93 22.04 5.53
CA GLY A 48 29.11 21.62 6.27
C GLY A 48 29.04 22.03 7.73
N SER A 49 28.32 23.10 8.04
CA SER A 49 28.16 23.51 9.42
C SER A 49 27.40 22.45 10.24
N SER A 50 26.41 21.81 9.63
CA SER A 50 25.65 20.79 10.34
C SER A 50 26.53 19.59 10.69
N ILE A 51 27.30 19.09 9.72
CA ILE A 51 28.20 17.97 9.98
C ILE A 51 29.25 18.38 11.00
N LYS A 52 29.80 19.58 10.86
CA LYS A 52 30.81 20.06 11.80
C LYS A 52 30.27 20.10 13.22
N GLY A 53 29.07 20.66 13.39
CA GLY A 53 28.48 20.76 14.71
C GLY A 53 28.13 19.41 15.29
N LYS A 54 27.57 18.51 14.48
CA LYS A 54 27.23 17.19 14.97
C LYS A 54 28.49 16.42 15.38
N MET A 55 29.54 16.46 14.55
CA MET A 55 30.78 15.78 14.89
C MET A 55 31.42 16.39 16.13
N ARG A 56 31.40 17.71 16.26
CA ARG A 56 31.97 18.34 17.44
C ARG A 56 31.20 17.95 18.69
N ASN A 57 29.86 17.93 18.61
CA ASN A 57 29.05 17.53 19.75
C ASN A 57 29.33 16.09 20.15
N LEU A 58 29.40 15.18 19.16
CA LEU A 58 29.66 13.78 19.47
C LEU A 58 31.05 13.59 20.06
N LEU A 59 32.06 14.27 19.51
CA LEU A 59 33.41 14.15 20.04
C LEU A 59 33.51 14.73 21.43
N ALA A 60 32.83 15.85 21.70
CA ALA A 60 32.82 16.42 23.04
C ALA A 60 32.13 15.48 24.02
N LYS A 61 31.04 14.84 23.59
CA LYS A 61 30.38 13.86 24.45
C LYS A 61 31.32 12.69 24.76
N HIS A 62 32.05 12.22 23.74
CA HIS A 62 32.98 11.11 23.94
C HIS A 62 34.11 11.49 24.89
N PHE A 63 34.65 12.71 24.76
CA PHE A 63 35.85 13.06 25.50
C PHE A 63 35.54 13.54 26.90
N GLY A 64 34.55 14.43 27.06
CA GLY A 64 34.24 14.97 28.37
C GLY A 64 33.76 13.91 29.34
N LEU A 65 33.00 12.93 28.84
CA LEU A 65 32.50 11.86 29.68
C LEU A 65 33.45 10.66 29.67
N GLN A 74 36.68 23.88 31.00
CA GLN A 74 35.71 22.80 30.79
C GLN A 74 35.69 22.37 29.33
N ASP A 75 36.85 21.98 28.82
CA ASP A 75 36.97 21.57 27.42
C ASP A 75 38.12 20.60 27.27
N ASP A 76 38.08 19.82 26.18
CA ASP A 76 39.14 18.90 25.82
C ASP A 76 39.80 19.39 24.55
N GLU A 77 41.13 19.59 24.61
CA GLU A 77 41.83 20.31 23.55
C GLU A 77 41.70 19.65 22.19
N ARG A 78 41.39 18.36 22.14
CA ARG A 78 41.31 17.66 20.85
C ARG A 78 40.21 18.25 19.98
N VAL A 79 39.02 18.43 20.55
CA VAL A 79 37.89 18.90 19.75
C VAL A 79 38.11 20.33 19.28
N LEU A 80 38.57 21.21 20.16
CA LEU A 80 38.82 22.59 19.76
C LEU A 80 39.96 22.67 18.75
N ARG A 81 40.96 21.80 18.87
CA ARG A 81 42.03 21.75 17.88
C ARG A 81 41.49 21.36 16.52
N LEU A 82 40.58 20.39 16.49
CA LEU A 82 40.04 19.92 15.21
C LEU A 82 39.05 20.91 14.60
N PHE A 83 38.32 21.66 15.43
CA PHE A 83 37.21 22.46 14.94
C PHE A 83 37.32 23.96 15.21
N GLY A 84 38.24 24.40 16.06
CA GLY A 84 38.37 25.81 16.34
C GLY A 84 38.12 26.16 17.80
N SER A 85 38.83 27.14 18.32
CA SER A 85 38.76 27.49 19.73
C SER A 85 38.74 29.01 19.92
N SER A 86 37.91 29.70 19.15
CA SER A 86 37.92 31.16 19.20
C SER A 86 37.31 31.67 20.50
N GLU A 87 37.99 31.40 21.61
CA GLU A 87 37.59 31.90 22.91
C GLU A 87 38.41 33.15 23.24
N LYS A 88 38.30 33.63 24.47
CA LYS A 88 39.03 34.82 24.87
C LYS A 88 40.52 34.57 24.99
N GLY A 89 40.93 33.36 25.35
CA GLY A 89 42.33 33.09 25.58
C GLY A 89 42.89 31.90 24.84
N ASN A 90 42.12 31.32 23.93
CA ASN A 90 42.54 30.15 23.17
C ASN A 90 42.79 30.46 21.70
N ILE A 91 41.79 31.04 21.02
CA ILE A 91 41.79 31.44 19.61
C ILE A 91 42.69 30.54 18.75
N GLN A 92 42.10 29.52 18.15
CA GLN A 92 42.82 28.59 17.28
C GLN A 92 42.17 28.55 15.91
N ARG A 93 42.92 27.99 14.96
CA ARG A 93 42.41 27.74 13.61
C ARG A 93 42.09 26.26 13.49
N ALA A 94 40.90 25.96 12.99
CA ALA A 94 40.48 24.57 12.85
C ALA A 94 41.39 23.82 11.91
N ARG A 95 41.87 22.65 12.34
CA ARG A 95 42.71 21.82 11.49
C ARG A 95 41.92 21.10 10.42
N LEU A 96 40.60 21.00 10.58
CA LEU A 96 39.76 20.28 9.63
C LEU A 96 38.69 21.23 9.11
N GLN A 97 38.44 21.18 7.81
CA GLN A 97 37.46 22.05 7.16
C GLN A 97 36.37 21.18 6.56
N ILE A 98 35.31 20.92 7.34
CA ILE A 98 34.16 20.20 6.81
C ILE A 98 33.54 21.04 5.70
N SER A 99 33.26 20.39 4.57
CA SER A 99 32.67 21.05 3.41
C SER A 99 31.22 20.62 3.25
N ASP A 100 30.49 21.38 2.44
CA ASP A 100 29.08 21.08 2.19
C ASP A 100 28.96 19.79 1.41
N ALA A 101 28.01 18.94 1.81
CA ALA A 101 27.76 17.68 1.14
C ALA A 101 26.74 17.87 0.04
N PHE A 102 26.99 17.22 -1.10
CA PHE A 102 26.14 17.34 -2.27
C PHE A 102 25.78 15.95 -2.78
N PHE A 103 24.67 15.87 -3.51
CA PHE A 103 24.32 14.64 -4.20
C PHE A 103 25.44 14.18 -5.12
N SER A 104 25.88 12.94 -4.93
CA SER A 104 26.75 12.32 -5.92
C SER A 104 25.98 12.14 -7.22
N GLU A 105 26.66 12.40 -8.34
CA GLU A 105 25.97 12.37 -9.63
C GLU A 105 25.36 11.01 -9.92
N LYS A 106 25.98 9.94 -9.41
CA LYS A 106 25.39 8.62 -9.57
C LYS A 106 24.03 8.53 -8.89
N THR A 107 23.91 9.11 -7.69
CA THR A 107 22.62 9.15 -7.01
C THR A 107 21.61 9.93 -7.83
N LYS A 108 22.01 11.07 -8.39
CA LYS A 108 21.11 11.86 -9.20
C LYS A 108 20.59 11.08 -10.39
N GLU A 109 21.49 10.44 -11.15
CA GLU A 109 21.05 9.75 -12.35
C GLU A 109 20.22 8.51 -12.00
N HIS A 110 20.59 7.81 -10.93
CA HIS A 110 19.81 6.64 -10.51
C HIS A 110 18.40 7.07 -10.11
N PHE A 111 18.28 8.14 -9.33
CA PHE A 111 16.97 8.60 -8.91
C PHE A 111 16.16 9.13 -10.09
N ALA A 112 16.83 9.70 -11.09
CA ALA A 112 16.11 10.20 -12.26
C ALA A 112 15.66 9.06 -13.17
N GLN A 113 16.40 7.95 -13.18
CA GLN A 113 16.04 6.83 -14.04
C GLN A 113 14.68 6.24 -13.66
N ASN A 114 14.57 5.69 -12.46
CA ASN A 114 13.35 5.05 -12.00
C ASN A 114 12.40 6.01 -11.29
N ASP A 115 12.52 7.31 -11.56
CA ASP A 115 11.57 8.32 -11.08
C ASP A 115 11.43 8.30 -9.56
N ILE A 116 12.58 8.24 -8.88
CA ILE A 116 12.61 8.34 -7.42
C ILE A 116 12.83 9.80 -7.04
N ALA A 117 11.88 10.38 -6.32
CA ALA A 117 12.00 11.77 -5.90
C ALA A 117 13.10 11.92 -4.88
N TYR A 118 13.80 13.05 -4.94
CA TYR A 118 14.93 13.29 -4.04
C TYR A 118 14.51 13.51 -2.60
N THR A 119 13.25 13.87 -2.36
CA THR A 119 12.79 14.21 -1.02
C THR A 119 11.44 13.57 -0.74
N GLU A 120 11.24 13.19 0.51
CA GLU A 120 9.98 12.67 1.03
C GLU A 120 9.26 13.75 1.82
N THR A 121 7.96 13.55 2.00
CA THR A 121 7.03 14.54 2.54
C THR A 121 6.28 13.94 3.73
N LYS A 122 7.04 13.42 4.69
CA LYS A 122 6.48 12.60 5.75
C LYS A 122 5.38 13.33 6.52
N PHE A 123 4.28 12.64 6.77
CA PHE A 123 3.15 13.19 7.49
C PHE A 123 3.12 12.66 8.92
N GLU A 124 2.74 13.53 9.86
CA GLU A 124 2.81 13.23 11.27
C GLU A 124 1.59 13.79 11.98
N ASN A 125 1.36 13.29 13.19
CA ASN A 125 0.37 13.83 14.11
C ASN A 125 1.05 14.22 15.42
N THR A 126 0.34 14.98 16.23
CA THR A 126 0.78 15.27 17.59
C THR A 126 -0.27 14.99 18.64
N ILE A 127 -1.55 14.93 18.28
CA ILE A 127 -2.65 14.61 19.19
C ILE A 127 -2.57 15.49 20.43
N ASN A 128 -3.06 14.99 21.56
CA ASN A 128 -3.09 15.76 22.80
C ASN A 128 -3.46 14.82 23.94
N ARG A 129 -2.85 15.03 25.11
CA ARG A 129 -3.18 14.22 26.27
C ARG A 129 -4.39 14.75 27.04
N LEU A 130 -4.91 15.91 26.67
CA LEU A 130 -6.07 16.48 27.33
C LEU A 130 -7.36 16.30 26.54
N THR A 131 -7.28 16.21 25.21
CA THR A 131 -8.47 16.03 24.39
C THR A 131 -8.33 14.99 23.30
N ALA A 132 -7.12 14.56 22.96
CA ALA A 132 -6.89 13.58 21.88
C ALA A 132 -7.55 14.03 20.58
N VAL A 133 -7.44 15.32 20.29
CA VAL A 133 -8.11 15.88 19.11
C VAL A 133 -7.32 15.64 17.83
N ALA A 134 -6.05 15.26 17.94
CA ALA A 134 -5.14 15.07 16.81
C ALA A 134 -4.84 16.40 16.12
N ASN A 135 -3.70 16.47 15.43
CA ASN A 135 -3.28 17.69 14.74
C ASN A 135 -2.22 17.34 13.70
N PRO A 136 -2.43 17.69 12.44
CA PRO A 136 -1.51 17.26 11.39
C PRO A 136 -0.19 18.01 11.44
N ARG A 137 0.81 17.45 10.74
CA ARG A 137 2.12 18.03 10.61
C ARG A 137 2.79 17.44 9.37
N GLN A 138 3.59 18.25 8.68
CA GLN A 138 4.32 17.79 7.51
C GLN A 138 5.81 18.10 7.70
N ILE A 139 6.65 17.11 7.45
CA ILE A 139 8.10 17.27 7.57
C ILE A 139 8.76 16.76 6.30
N GLU A 140 9.56 17.61 5.67
CA GLU A 140 10.32 17.23 4.48
C GLU A 140 11.62 16.56 4.90
N ARG A 141 11.94 15.45 4.23
CA ARG A 141 13.17 14.71 4.47
C ARG A 141 13.81 14.39 3.13
N VAL A 142 15.05 13.94 3.16
CA VAL A 142 15.69 13.48 1.94
C VAL A 142 15.34 12.01 1.75
N THR A 143 15.27 11.58 0.50
CA THR A 143 14.87 10.22 0.19
C THR A 143 15.86 9.21 0.77
N ARG A 144 15.33 8.14 1.35
CA ARG A 144 16.16 7.08 1.88
C ARG A 144 17.04 6.51 0.76
N GLY A 145 18.30 6.22 1.11
CA GLY A 145 19.25 5.73 0.15
C GLY A 145 19.99 6.79 -0.63
N SER A 146 19.65 8.06 -0.46
CA SER A 146 20.40 9.13 -1.09
C SER A 146 21.83 9.14 -0.58
N GLU A 147 22.75 9.60 -1.42
CA GLU A 147 24.18 9.48 -1.12
C GLU A 147 24.86 10.80 -1.40
N PHE A 148 25.61 11.31 -0.43
CA PHE A 148 26.26 12.60 -0.52
C PHE A 148 27.77 12.45 -0.40
N ASP A 149 28.50 13.47 -0.85
CA ASP A 149 29.96 13.48 -0.85
C ASP A 149 30.47 14.42 0.24
N PHE A 150 31.44 13.94 1.02
CA PHE A 150 32.09 14.74 2.05
C PHE A 150 33.56 14.90 1.69
N VAL A 151 34.06 16.13 1.79
CA VAL A 151 35.35 16.50 1.22
C VAL A 151 36.22 17.08 2.35
N PHE A 152 36.11 16.50 3.54
CA PHE A 152 36.77 17.06 4.72
C PHE A 152 38.26 17.30 4.49
N ILE A 153 38.70 18.55 4.49
CA ILE A 153 40.10 18.89 4.29
C ILE A 153 40.75 19.08 5.65
N TYR A 154 41.83 18.36 5.92
CA TYR A 154 42.54 18.42 7.18
C TYR A 154 43.93 19.00 6.92
N ASN A 155 44.17 20.21 7.42
CA ASN A 155 45.46 20.86 7.25
C ASN A 155 46.39 20.41 8.37
N VAL A 156 47.54 19.84 7.99
CA VAL A 156 48.47 19.29 8.97
C VAL A 156 49.30 20.41 9.58
N ASP A 157 48.80 20.99 10.68
CA ASP A 157 49.56 22.04 11.35
C ASP A 157 50.80 21.46 12.02
N GLU A 158 50.65 20.31 12.67
CA GLU A 158 51.77 19.63 13.31
C GLU A 158 51.83 18.20 12.81
N GLU A 159 53.04 17.72 12.55
CA GLU A 159 53.19 16.41 11.91
C GLU A 159 52.76 15.29 12.84
N SER A 160 53.23 15.29 14.08
CA SER A 160 52.97 14.19 15.00
C SER A 160 51.61 14.33 15.67
N GLN A 161 50.57 14.56 14.87
CA GLN A 161 49.21 14.58 15.37
C GLN A 161 48.21 13.86 14.48
N VAL A 162 48.52 13.67 13.19
CA VAL A 162 47.56 13.05 12.28
C VAL A 162 47.24 11.63 12.73
N GLU A 163 48.28 10.86 13.04
CA GLU A 163 48.10 9.49 13.50
C GLU A 163 47.27 9.42 14.78
N ASP A 164 46.95 10.56 15.39
CA ASP A 164 45.97 10.66 16.44
C ASP A 164 44.68 11.32 15.97
N ASP A 165 44.79 12.42 15.21
CA ASP A 165 43.62 13.20 14.87
C ASP A 165 42.60 12.38 14.11
N PHE A 166 43.05 11.62 13.09
CA PHE A 166 42.13 10.80 12.32
C PHE A 166 41.46 9.77 13.21
N GLU A 167 42.18 9.24 14.20
CA GLU A 167 41.57 8.32 15.15
C GLU A 167 40.40 8.99 15.86
N ASN A 168 40.57 10.26 16.25
CA ASN A 168 39.43 11.01 16.74
C ASN A 168 38.42 11.26 15.64
N ILE A 169 38.89 11.63 14.45
CA ILE A 169 37.98 12.00 13.37
C ILE A 169 37.09 10.82 13.01
N GLU A 170 37.70 9.65 12.79
CA GLU A 170 36.90 8.45 12.53
C GLU A 170 35.97 8.16 13.69
N LYS A 171 36.39 8.43 14.92
CA LYS A 171 35.48 8.33 16.06
C LYS A 171 34.29 9.24 15.88
N ALA A 172 34.55 10.52 15.55
CA ALA A 172 33.46 11.43 15.22
C ALA A 172 32.66 10.91 14.03
N ILE A 173 33.33 10.20 13.12
CA ILE A 173 32.59 9.54 12.03
C ILE A 173 31.80 8.36 12.58
N HIS A 174 32.42 7.56 13.45
CA HIS A 174 31.76 6.40 14.01
C HIS A 174 30.51 6.81 14.78
N LEU A 175 30.66 7.75 15.71
CA LEU A 175 29.51 8.29 16.43
C LEU A 175 28.49 8.88 15.46
N LEU A 176 28.95 9.42 14.33
CA LEU A 176 28.01 10.00 13.38
C LEU A 176 27.27 8.91 12.60
N GLU A 177 27.87 7.74 12.44
CA GLU A 177 27.18 6.68 11.72
C GLU A 177 26.29 5.84 12.62
N ASN A 178 26.33 6.08 13.93
CA ASN A 178 25.40 5.47 14.88
C ASN A 178 24.45 6.48 15.48
N ASP A 179 24.38 7.69 14.94
CA ASP A 179 23.56 8.76 15.50
C ASP A 179 22.97 9.57 14.35
N TYR A 180 21.89 10.27 14.65
CA TYR A 180 21.19 11.01 13.61
C TYR A 180 22.00 12.23 13.17
N LEU A 181 21.70 12.71 11.96
CA LEU A 181 22.21 13.97 11.47
C LEU A 181 21.04 14.75 10.89
N GLY A 182 20.69 15.87 11.51
CA GLY A 182 19.58 16.68 11.09
C GLY A 182 18.51 16.78 12.16
N GLY A 183 17.45 17.51 11.82
CA GLY A 183 16.40 17.78 12.78
C GLY A 183 15.46 16.60 12.96
N GLY A 184 14.96 16.47 14.19
CA GLY A 184 14.01 15.43 14.51
C GLY A 184 14.54 14.03 14.29
N GLY A 185 15.79 13.78 14.67
CA GLY A 185 16.37 12.47 14.47
C GLY A 185 15.98 11.44 15.50
N THR A 186 15.48 11.88 16.66
CA THR A 186 15.07 10.92 17.69
C THR A 186 13.87 10.12 17.22
N ARG A 187 12.83 10.80 16.74
CA ARG A 187 11.81 10.15 15.94
C ARG A 187 12.43 9.81 14.58
N GLY A 188 12.68 8.52 14.34
CA GLY A 188 13.72 8.09 13.42
C GLY A 188 13.93 8.91 12.17
N ASN A 189 15.12 9.50 12.06
CA ASN A 189 15.48 10.37 10.96
C ASN A 189 16.98 10.59 10.95
N GLY A 190 17.48 11.06 9.81
CA GLY A 190 18.84 11.55 9.72
C GLY A 190 19.92 10.55 10.04
N ARG A 191 19.67 9.26 9.86
CA ARG A 191 20.68 8.25 10.05
C ARG A 191 21.49 8.10 8.77
N ILE A 192 22.82 8.21 8.89
CA ILE A 192 23.72 8.18 7.74
C ILE A 192 24.86 7.22 8.02
N GLN A 193 25.53 6.81 6.95
CA GLN A 193 26.71 5.95 7.04
C GLN A 193 27.79 6.50 6.12
N PHE A 194 29.04 6.19 6.45
CA PHE A 194 30.18 6.64 5.68
C PHE A 194 30.75 5.49 4.85
N LYS A 195 31.14 5.77 3.61
CA LYS A 195 31.65 4.75 2.72
C LYS A 195 32.51 5.42 1.66
N ASP A 196 33.27 4.61 0.94
CA ASP A 196 34.10 5.06 -0.18
C ASP A 196 35.13 6.10 0.25
N THR A 197 35.60 6.00 1.49
CA THR A 197 36.59 6.97 1.98
C THR A 197 37.94 6.74 1.30
N ASN A 198 38.51 7.81 0.77
CA ASN A 198 39.81 7.77 0.09
C ASN A 198 40.64 8.93 0.62
N ILE A 199 41.41 8.66 1.69
CA ILE A 199 42.28 9.67 2.26
C ILE A 199 43.46 9.90 1.32
N GLU A 200 43.66 11.16 0.94
CA GLU A 200 44.71 11.53 -0.01
C GLU A 200 45.48 12.72 0.53
N THR A 201 46.70 12.90 0.03
CA THR A 201 47.48 14.10 0.33
C THR A 201 47.53 14.94 -0.93
N VAL A 202 46.77 16.04 -0.93
CA VAL A 202 46.66 16.87 -2.13
C VAL A 202 47.74 17.95 -2.16
N VAL A 203 48.20 18.42 -1.00
CA VAL A 203 49.28 19.38 -0.91
C VAL A 203 50.30 18.86 0.09
N GLY A 204 51.56 18.85 -0.28
CA GLY A 204 52.63 18.39 0.59
C GLY A 204 53.06 16.97 0.27
N GLU A 205 54.00 16.49 1.08
CA GLU A 205 54.58 15.17 0.87
C GLU A 205 54.34 14.27 2.09
N TYR A 206 53.11 14.26 2.60
CA TYR A 206 52.74 13.42 3.73
C TYR A 206 52.10 12.14 3.21
N ASP A 207 52.39 11.03 3.88
CA ASP A 207 51.91 9.72 3.47
C ASP A 207 50.46 9.54 3.94
N SER A 208 49.53 9.51 3.00
CA SER A 208 48.11 9.34 3.28
C SER A 208 47.62 7.93 2.97
N THR A 209 48.53 6.99 2.73
CA THR A 209 48.16 5.63 2.37
C THR A 209 48.07 4.70 3.57
N ASN A 210 48.23 5.21 4.79
CA ASN A 210 48.20 4.40 5.99
C ASN A 210 47.25 5.00 7.01
N LEU A 211 46.13 5.56 6.54
CA LEU A 211 45.11 6.14 7.40
C LEU A 211 43.74 5.64 6.96
N LYS A 212 42.87 5.43 7.93
CA LYS A 212 41.54 4.85 7.69
C LYS A 212 40.48 5.70 8.37
N ILE A 213 39.36 5.89 7.69
CA ILE A 213 38.22 6.62 8.23
C ILE A 213 36.94 5.93 7.76
N LYS A 214 36.16 5.42 8.71
CA LYS A 214 34.87 4.80 8.40
C LYS A 214 34.07 4.57 9.68
N TYR B 2 -2.41 1.80 34.78
CA TYR B 2 -3.16 1.36 33.62
C TYR B 2 -3.00 -0.14 33.38
N SER B 3 -4.09 -0.78 32.94
CA SER B 3 -4.10 -2.20 32.69
C SER B 3 -4.88 -2.50 31.42
N LYS B 4 -4.71 -3.72 30.93
CA LYS B 4 -5.31 -4.14 29.67
C LYS B 4 -5.39 -5.66 29.63
N ILE B 5 -6.50 -6.21 29.14
CA ILE B 5 -6.78 -7.63 29.29
C ILE B 5 -7.11 -8.25 27.94
N LYS B 6 -6.87 -9.55 27.84
CA LYS B 6 -7.18 -10.31 26.63
C LYS B 6 -8.38 -11.22 26.86
N ILE B 7 -9.24 -11.28 25.86
CA ILE B 7 -10.33 -12.23 25.77
C ILE B 7 -10.00 -13.12 24.58
N SER B 8 -9.41 -14.27 24.84
CA SER B 8 -8.94 -15.17 23.80
C SER B 8 -9.99 -16.25 23.61
N GLY B 9 -10.78 -16.12 22.53
CA GLY B 9 -11.85 -17.05 22.25
C GLY B 9 -11.74 -17.59 20.82
N THR B 10 -12.65 -18.49 20.50
CA THR B 10 -12.69 -19.14 19.20
C THR B 10 -14.12 -19.15 18.70
N ILE B 11 -14.34 -18.59 17.51
CA ILE B 11 -15.67 -18.57 16.91
C ILE B 11 -15.77 -19.73 15.93
N GLU B 12 -16.73 -20.61 16.19
CA GLU B 12 -17.09 -21.70 15.30
C GLU B 12 -18.26 -21.26 14.44
N VAL B 13 -18.16 -21.50 13.14
CA VAL B 13 -19.19 -21.10 12.19
C VAL B 13 -20.28 -22.18 12.18
N VAL B 14 -21.51 -21.78 12.49
CA VAL B 14 -22.62 -22.72 12.45
C VAL B 14 -23.22 -22.79 11.06
N THR B 15 -23.56 -21.62 10.50
CA THR B 15 -23.98 -21.50 9.11
C THR B 15 -22.94 -20.67 8.38
N GLY B 16 -22.54 -21.12 7.20
CA GLY B 16 -21.44 -20.52 6.44
C GLY B 16 -21.35 -19.01 6.49
N LEU B 17 -20.18 -18.50 6.82
CA LEU B 17 -19.98 -17.07 7.05
C LEU B 17 -19.26 -16.47 5.86
N HIS B 18 -19.85 -15.40 5.31
CA HIS B 18 -19.31 -14.75 4.12
C HIS B 18 -19.05 -13.28 4.41
N ILE B 19 -17.81 -12.84 4.19
CA ILE B 19 -17.43 -11.44 4.28
C ILE B 19 -16.75 -11.06 2.96
N GLY B 20 -17.18 -9.95 2.37
CA GLY B 20 -16.71 -9.59 1.05
C GLY B 20 -15.21 -9.32 1.03
N GLY B 21 -14.60 -9.61 -0.10
CA GLY B 21 -13.17 -9.48 -0.30
C GLY B 21 -12.79 -8.22 -1.03
N GLY B 22 -11.62 -8.25 -1.68
CA GLY B 22 -11.09 -7.08 -2.34
C GLY B 22 -11.33 -7.04 -3.84
N GLY B 23 -10.24 -6.99 -4.60
CA GLY B 23 -10.35 -6.99 -6.05
C GLY B 23 -10.33 -8.37 -6.65
N GLU B 24 -9.86 -9.35 -5.85
CA GLU B 24 -9.82 -10.77 -6.19
C GLU B 24 -9.41 -11.03 -7.63
N SER B 25 -10.06 -12.00 -8.28
CA SER B 25 -9.91 -12.24 -9.71
C SER B 25 -11.25 -12.81 -10.19
N SER B 26 -12.13 -11.92 -10.66
CA SER B 26 -13.47 -12.32 -11.05
C SER B 26 -13.39 -13.15 -12.32
N MET B 27 -13.43 -14.46 -12.18
CA MET B 27 -13.41 -15.34 -13.34
C MET B 27 -14.81 -15.45 -13.90
N ILE B 28 -14.90 -15.80 -15.18
CA ILE B 28 -16.17 -15.69 -15.90
C ILE B 28 -17.20 -16.63 -15.32
N GLY B 29 -16.83 -17.89 -15.06
CA GLY B 29 -17.79 -18.84 -14.56
C GLY B 29 -17.61 -19.14 -13.08
N ALA B 30 -16.57 -18.59 -12.49
CA ALA B 30 -16.19 -18.93 -11.12
C ALA B 30 -16.84 -17.97 -10.13
N ILE B 31 -16.34 -18.00 -8.90
CA ILE B 31 -16.92 -17.25 -7.79
C ILE B 31 -16.97 -15.76 -8.13
N ASP B 32 -18.11 -15.13 -7.81
CA ASP B 32 -18.31 -13.71 -8.10
C ASP B 32 -18.01 -12.82 -6.90
N SER B 33 -18.48 -13.20 -5.71
CA SER B 33 -18.21 -12.44 -4.49
C SER B 33 -17.45 -13.33 -3.52
N PRO B 34 -16.12 -13.23 -3.50
CA PRO B 34 -15.33 -14.14 -2.67
C PRO B 34 -15.24 -13.67 -1.22
N VAL B 35 -14.98 -14.64 -0.34
CA VAL B 35 -14.68 -14.29 1.05
C VAL B 35 -13.33 -13.59 1.11
N VAL B 36 -13.15 -12.80 2.17
CA VAL B 36 -12.03 -11.85 2.22
C VAL B 36 -10.68 -12.58 2.17
N ARG B 37 -10.55 -13.66 2.92
CA ARG B 37 -9.33 -14.48 2.96
C ARG B 37 -8.11 -13.72 3.46
N ASP B 38 -7.05 -14.45 3.76
CA ASP B 38 -5.76 -13.86 4.09
C ASP B 38 -4.92 -13.79 2.81
N LEU B 39 -3.68 -13.31 2.95
CA LEU B 39 -2.76 -13.25 1.83
C LEU B 39 -1.45 -14.00 2.07
N GLN B 40 -0.95 -14.03 3.30
CA GLN B 40 0.25 -14.82 3.59
C GLN B 40 -0.01 -16.31 3.44
N THR B 41 -1.25 -16.75 3.68
CA THR B 41 -1.60 -18.15 3.54
C THR B 41 -2.91 -18.37 2.78
N LYS B 42 -3.55 -17.31 2.29
CA LYS B 42 -4.78 -17.39 1.51
C LYS B 42 -5.92 -18.04 2.28
N LEU B 43 -5.78 -18.17 3.60
CA LEU B 43 -6.81 -18.76 4.43
C LEU B 43 -7.91 -17.74 4.74
N PRO B 44 -9.13 -18.20 4.98
CA PRO B 44 -10.20 -17.27 5.36
C PRO B 44 -9.88 -16.59 6.69
N ILE B 45 -10.24 -15.31 6.78
CA ILE B 45 -10.12 -14.54 8.02
C ILE B 45 -11.40 -13.76 8.21
N ILE B 46 -11.62 -13.33 9.45
CA ILE B 46 -12.75 -12.46 9.76
C ILE B 46 -12.18 -11.15 10.28
N PRO B 47 -12.31 -10.05 9.53
CA PRO B 47 -11.74 -8.78 9.99
C PRO B 47 -12.35 -8.35 11.32
N GLY B 48 -11.49 -7.83 12.19
CA GLY B 48 -11.97 -7.31 13.46
C GLY B 48 -12.87 -6.11 13.30
N SER B 49 -12.75 -5.40 12.17
CA SER B 49 -13.64 -4.27 11.91
C SER B 49 -15.08 -4.74 11.78
N SER B 50 -15.31 -5.85 11.09
CA SER B 50 -16.67 -6.38 10.94
C SER B 50 -17.23 -6.82 12.29
N ILE B 51 -16.43 -7.50 13.10
CA ILE B 51 -16.88 -7.94 14.42
C ILE B 51 -17.22 -6.74 15.27
N LYS B 52 -16.37 -5.72 15.26
CA LYS B 52 -16.62 -4.52 16.05
C LYS B 52 -17.87 -3.79 15.57
N GLY B 53 -18.06 -3.69 14.26
CA GLY B 53 -19.24 -3.03 13.73
C GLY B 53 -20.52 -3.74 14.13
N LYS B 54 -20.54 -5.06 13.97
CA LYS B 54 -21.73 -5.82 14.36
C LYS B 54 -21.99 -5.73 15.86
N MET B 55 -20.93 -5.87 16.67
CA MET B 55 -21.09 -5.79 18.11
C MET B 55 -21.60 -4.42 18.54
N ARG B 56 -21.03 -3.36 17.96
CA ARG B 56 -21.45 -2.00 18.30
C ARG B 56 -22.88 -1.73 17.87
N ASN B 57 -23.27 -2.18 16.67
CA ASN B 57 -24.65 -1.99 16.23
C ASN B 57 -25.62 -2.74 17.12
N LEU B 58 -25.29 -3.98 17.48
CA LEU B 58 -26.16 -4.76 18.36
C LEU B 58 -26.29 -4.11 19.72
N LEU B 59 -25.18 -3.65 20.29
CA LEU B 59 -25.23 -3.00 21.60
C LEU B 59 -26.02 -1.70 21.54
N ALA B 60 -25.85 -0.93 20.46
CA ALA B 60 -26.59 0.32 20.31
C ALA B 60 -28.09 0.06 20.20
N LYS B 61 -28.49 -0.89 19.36
CA LYS B 61 -29.90 -1.21 19.22
C LYS B 61 -30.46 -1.79 20.52
N HIS B 62 -29.61 -2.45 21.31
CA HIS B 62 -30.07 -2.96 22.61
C HIS B 62 -30.21 -1.84 23.63
N PHE B 63 -29.42 -0.77 23.50
CA PHE B 63 -29.45 0.35 24.42
C PHE B 63 -30.09 1.59 23.81
N GLY B 64 -29.60 2.05 22.66
CA GLY B 64 -30.08 3.29 22.07
C GLY B 64 -31.50 3.23 21.56
N LEU B 65 -32.01 2.03 21.31
CA LEU B 65 -33.39 1.86 20.85
C LEU B 65 -33.88 0.45 21.09
N GLN B 74 -26.83 11.09 16.30
CA GLN B 74 -26.14 11.16 17.57
C GLN B 74 -25.35 9.89 17.85
N ASP B 75 -25.09 9.64 19.14
CA ASP B 75 -24.37 8.46 19.58
C ASP B 75 -24.97 8.01 20.91
N ASP B 76 -24.60 6.80 21.34
CA ASP B 76 -25.01 6.26 22.63
C ASP B 76 -23.79 6.14 23.52
N GLU B 77 -23.84 6.79 24.69
CA GLU B 77 -22.66 6.88 25.55
C GLU B 77 -22.20 5.52 26.06
N ARG B 78 -23.15 4.61 26.33
CA ARG B 78 -22.78 3.27 26.73
C ARG B 78 -21.99 2.57 25.63
N VAL B 79 -22.43 2.72 24.38
CA VAL B 79 -21.70 2.19 23.24
C VAL B 79 -20.40 2.97 23.05
N LEU B 80 -20.44 4.28 23.28
CA LEU B 80 -19.24 5.11 23.08
C LEU B 80 -18.11 4.69 23.99
N ARG B 81 -18.41 4.36 25.24
CA ARG B 81 -17.36 3.98 26.18
C ARG B 81 -16.62 2.74 25.73
N LEU B 82 -17.30 1.83 25.01
CA LEU B 82 -16.72 0.56 24.64
C LEU B 82 -16.22 0.50 23.20
N PHE B 83 -16.68 1.40 22.33
CA PHE B 83 -16.32 1.36 20.92
C PHE B 83 -15.94 2.74 20.40
N GLY B 84 -15.36 3.58 21.25
CA GLY B 84 -14.87 4.88 20.82
C GLY B 84 -15.96 5.92 20.63
N SER B 85 -15.61 7.17 20.86
CA SER B 85 -16.58 8.27 20.89
C SER B 85 -16.05 9.47 20.12
N SER B 86 -15.61 9.26 18.89
CA SER B 86 -15.02 10.36 18.13
C SER B 86 -16.04 11.47 17.92
N GLU B 87 -15.89 12.56 18.65
CA GLU B 87 -16.78 13.71 18.54
C GLU B 87 -16.00 14.93 19.02
N LYS B 88 -16.65 16.09 18.94
CA LYS B 88 -15.96 17.34 19.18
C LYS B 88 -15.46 17.45 20.63
N GLY B 89 -16.25 17.00 21.59
CA GLY B 89 -15.93 17.28 22.98
C GLY B 89 -15.58 16.11 23.87
N ASN B 90 -16.19 14.95 23.65
CA ASN B 90 -16.01 13.85 24.59
C ASN B 90 -14.68 13.13 24.37
N ILE B 91 -14.52 12.50 23.21
CA ILE B 91 -13.34 11.71 22.84
C ILE B 91 -12.87 10.81 23.99
N GLN B 92 -13.40 9.59 24.02
CA GLN B 92 -12.88 8.57 24.92
C GLN B 92 -12.37 7.40 24.10
N ARG B 93 -11.23 6.86 24.49
CA ARG B 93 -10.62 5.77 23.74
C ARG B 93 -11.53 4.55 23.75
N ALA B 94 -11.60 3.88 22.61
CA ALA B 94 -12.38 2.64 22.51
C ALA B 94 -11.79 1.60 23.44
N ARG B 95 -12.58 1.19 24.43
CA ARG B 95 -12.09 0.22 25.41
C ARG B 95 -11.77 -1.11 24.74
N LEU B 96 -12.61 -1.55 23.81
CA LEU B 96 -12.41 -2.82 23.12
C LEU B 96 -11.58 -2.59 21.86
N GLN B 97 -10.38 -3.15 21.82
CA GLN B 97 -9.60 -3.23 20.58
C GLN B 97 -9.82 -4.63 20.00
N ILE B 98 -10.95 -4.78 19.33
CA ILE B 98 -11.32 -6.06 18.71
C ILE B 98 -10.36 -6.36 17.57
N SER B 99 -9.85 -7.58 17.54
CA SER B 99 -8.84 -8.00 16.59
C SER B 99 -9.44 -8.88 15.50
N ASP B 100 -8.71 -8.99 14.39
CA ASP B 100 -9.12 -9.88 13.32
C ASP B 100 -9.08 -11.33 13.78
N ALA B 101 -10.04 -12.12 13.35
CA ALA B 101 -10.14 -13.53 13.71
C ALA B 101 -9.42 -14.35 12.65
N PHE B 102 -8.49 -15.20 13.10
CA PHE B 102 -7.60 -15.92 12.20
C PHE B 102 -7.99 -17.39 12.13
N PHE B 103 -7.86 -17.97 10.94
CA PHE B 103 -8.18 -19.37 10.73
C PHE B 103 -7.27 -20.26 11.57
N SER B 104 -7.84 -20.95 12.56
CA SER B 104 -7.04 -21.70 13.50
C SER B 104 -6.37 -22.89 12.83
N GLU B 105 -5.20 -23.27 13.37
CA GLU B 105 -4.49 -24.44 12.85
C GLU B 105 -5.26 -25.72 13.12
N LYS B 106 -6.05 -25.76 14.19
CA LYS B 106 -6.84 -26.94 14.50
C LYS B 106 -7.83 -27.23 13.37
N THR B 107 -8.52 -26.20 12.88
CA THR B 107 -9.42 -26.39 11.76
C THR B 107 -8.66 -26.80 10.51
N LYS B 108 -7.46 -26.24 10.31
CA LYS B 108 -6.65 -26.63 9.16
C LYS B 108 -6.36 -28.13 9.17
N GLU B 109 -5.86 -28.63 10.30
CA GLU B 109 -5.50 -30.05 10.38
C GLU B 109 -6.74 -30.93 10.33
N HIS B 110 -7.85 -30.50 10.95
CA HIS B 110 -9.07 -31.31 10.91
C HIS B 110 -9.63 -31.39 9.50
N PHE B 111 -9.63 -30.28 8.76
CA PHE B 111 -10.17 -30.29 7.41
C PHE B 111 -9.22 -30.97 6.44
N ALA B 112 -7.93 -30.96 6.72
CA ALA B 112 -6.99 -31.69 5.87
C ALA B 112 -7.07 -33.19 6.12
N GLN B 113 -7.34 -33.60 7.36
CA GLN B 113 -7.47 -35.01 7.69
C GLN B 113 -8.86 -35.57 7.43
N ASN B 114 -9.80 -34.73 6.99
CA ASN B 114 -11.14 -35.18 6.67
C ASN B 114 -11.55 -34.89 5.23
N ASP B 115 -10.64 -34.34 4.41
CA ASP B 115 -10.91 -34.02 3.01
C ASP B 115 -12.12 -33.09 2.88
N ILE B 116 -12.22 -32.13 3.80
CA ILE B 116 -13.29 -31.14 3.80
C ILE B 116 -12.69 -29.79 3.43
N ALA B 117 -13.27 -29.14 2.42
CA ALA B 117 -12.75 -27.85 1.97
C ALA B 117 -12.91 -26.82 3.07
N TYR B 118 -11.93 -25.90 3.14
CA TYR B 118 -12.00 -24.83 4.12
C TYR B 118 -13.23 -23.95 3.91
N THR B 119 -13.56 -23.66 2.65
CA THR B 119 -14.70 -22.85 2.30
C THR B 119 -15.68 -23.66 1.47
N GLU B 120 -16.96 -23.34 1.61
CA GLU B 120 -18.01 -23.96 0.81
C GLU B 120 -18.02 -23.32 -0.58
N THR B 121 -19.06 -23.58 -1.35
CA THR B 121 -19.39 -22.76 -2.51
C THR B 121 -20.91 -22.90 -2.71
N LYS B 122 -21.65 -21.93 -2.17
CA LYS B 122 -23.11 -21.97 -2.22
C LYS B 122 -23.55 -21.23 -3.47
N PHE B 123 -23.99 -21.98 -4.47
CA PHE B 123 -24.53 -21.41 -5.69
C PHE B 123 -25.92 -20.86 -5.37
N GLU B 124 -26.02 -19.56 -5.16
CA GLU B 124 -27.27 -18.92 -4.75
C GLU B 124 -28.13 -18.54 -5.95
N ASN B 125 -29.14 -17.70 -5.76
CA ASN B 125 -30.03 -17.32 -6.83
C ASN B 125 -30.84 -16.10 -6.42
N THR B 126 -31.56 -15.54 -7.39
CA THR B 126 -32.58 -14.52 -7.13
C THR B 126 -33.60 -14.62 -8.27
N ILE B 127 -34.82 -15.05 -7.92
CA ILE B 127 -35.76 -15.49 -8.94
C ILE B 127 -36.27 -14.31 -9.77
N ASN B 128 -36.56 -13.18 -9.12
CA ASN B 128 -37.24 -12.05 -9.76
C ASN B 128 -38.59 -12.50 -10.32
N ARG B 129 -39.48 -12.82 -9.38
CA ARG B 129 -40.69 -13.60 -9.64
C ARG B 129 -41.75 -12.84 -10.42
N LEU B 130 -41.39 -12.38 -11.61
CA LEU B 130 -42.33 -11.99 -12.64
C LEU B 130 -42.19 -12.79 -13.91
N THR B 131 -40.97 -13.26 -14.21
CA THR B 131 -40.72 -14.19 -15.29
C THR B 131 -39.99 -15.45 -14.82
N ALA B 132 -39.60 -15.51 -13.55
CA ALA B 132 -38.84 -16.63 -12.99
C ALA B 132 -37.57 -16.90 -13.79
N VAL B 133 -36.85 -15.83 -14.15
CA VAL B 133 -35.68 -15.96 -14.99
C VAL B 133 -34.42 -16.32 -14.20
N ALA B 134 -34.42 -16.06 -12.88
CA ALA B 134 -33.31 -16.41 -12.00
C ALA B 134 -32.00 -15.71 -12.37
N ASN B 135 -30.98 -15.87 -11.52
CA ASN B 135 -29.67 -15.28 -11.74
C ASN B 135 -28.62 -16.12 -11.03
N PRO B 136 -27.77 -16.85 -11.78
CA PRO B 136 -26.90 -17.87 -11.19
C PRO B 136 -26.16 -17.49 -9.91
N ARG B 137 -25.32 -16.46 -9.93
CA ARG B 137 -24.78 -15.86 -8.71
C ARG B 137 -24.03 -16.87 -7.83
N GLN B 138 -22.88 -17.30 -8.34
CA GLN B 138 -22.01 -18.16 -7.54
C GLN B 138 -21.44 -17.40 -6.34
N ILE B 139 -21.50 -18.00 -5.16
CA ILE B 139 -21.02 -17.40 -3.93
C ILE B 139 -20.47 -18.51 -3.06
N GLU B 140 -19.46 -18.19 -2.25
CA GLU B 140 -19.01 -19.16 -1.26
C GLU B 140 -18.93 -18.50 0.11
N ARG B 141 -18.74 -19.34 1.12
CA ARG B 141 -18.62 -18.91 2.50
C ARG B 141 -17.78 -19.95 3.23
N VAL B 142 -17.20 -19.54 4.34
CA VAL B 142 -16.37 -20.45 5.11
C VAL B 142 -17.24 -21.58 5.65
N THR B 143 -16.70 -22.80 5.60
CA THR B 143 -17.48 -23.99 5.92
C THR B 143 -17.85 -24.01 7.41
N ARG B 144 -19.02 -24.58 7.69
CA ARG B 144 -19.46 -24.73 9.07
C ARG B 144 -18.46 -25.58 9.85
N GLY B 145 -18.27 -25.25 11.13
CA GLY B 145 -17.27 -25.89 11.94
C GLY B 145 -15.90 -25.25 11.87
N SER B 146 -15.71 -24.26 11.00
CA SER B 146 -14.46 -23.54 10.95
C SER B 146 -14.27 -22.71 12.21
N GLU B 147 -13.05 -22.71 12.74
CA GLU B 147 -12.73 -22.02 13.99
C GLU B 147 -11.79 -20.86 13.70
N PHE B 148 -12.20 -19.65 14.08
CA PHE B 148 -11.39 -18.46 13.97
C PHE B 148 -11.05 -17.96 15.37
N ASP B 149 -9.77 -17.75 15.64
CA ASP B 149 -9.33 -17.33 16.97
C ASP B 149 -9.28 -15.81 17.07
N PHE B 150 -9.96 -15.27 18.08
CA PHE B 150 -9.90 -13.84 18.36
C PHE B 150 -9.24 -13.62 19.72
N VAL B 151 -8.52 -12.51 19.82
CA VAL B 151 -7.68 -12.22 20.98
C VAL B 151 -8.09 -10.87 21.59
N PHE B 152 -9.41 -10.60 21.60
CA PHE B 152 -9.96 -9.28 21.94
C PHE B 152 -9.16 -8.58 23.03
N ILE B 153 -8.88 -7.30 22.82
CA ILE B 153 -8.07 -6.54 23.77
C ILE B 153 -8.96 -5.46 24.37
N TYR B 154 -9.05 -5.43 25.69
CA TYR B 154 -9.87 -4.47 26.42
C TYR B 154 -8.96 -3.58 27.25
N ASN B 155 -9.21 -2.28 27.21
CA ASN B 155 -8.41 -1.28 27.89
C ASN B 155 -9.10 -0.85 29.19
N VAL B 156 -8.40 -0.94 30.31
CA VAL B 156 -8.96 -0.52 31.60
C VAL B 156 -8.64 0.96 31.74
N ASP B 157 -9.50 1.79 31.14
CA ASP B 157 -9.34 3.23 31.29
C ASP B 157 -9.74 3.69 32.68
N GLU B 158 -10.86 3.18 33.19
CA GLU B 158 -11.33 3.46 34.54
C GLU B 158 -11.43 2.16 35.31
N GLU B 159 -10.82 2.13 36.50
CA GLU B 159 -10.84 0.92 37.31
C GLU B 159 -12.25 0.55 37.74
N SER B 160 -13.04 1.52 38.19
CA SER B 160 -14.39 1.25 38.67
C SER B 160 -15.43 1.41 37.55
N GLN B 161 -15.15 0.81 36.40
CA GLN B 161 -16.16 0.64 35.36
C GLN B 161 -16.12 -0.70 34.66
N VAL B 162 -15.03 -1.47 34.81
CA VAL B 162 -14.75 -2.57 33.90
C VAL B 162 -15.89 -3.57 33.89
N GLU B 163 -16.32 -4.01 35.08
CA GLU B 163 -17.41 -4.98 35.18
C GLU B 163 -18.61 -4.51 34.39
N ASP B 164 -19.03 -3.26 34.61
CA ASP B 164 -20.18 -2.72 33.90
C ASP B 164 -19.96 -2.83 32.39
N ASP B 165 -18.78 -2.41 31.92
CA ASP B 165 -18.45 -2.54 30.52
C ASP B 165 -18.63 -3.98 30.06
N PHE B 166 -18.03 -4.91 30.82
CA PHE B 166 -18.13 -6.32 30.43
C PHE B 166 -19.55 -6.82 30.49
N GLU B 167 -20.38 -6.26 31.37
CA GLU B 167 -21.79 -6.59 31.34
C GLU B 167 -22.35 -6.36 29.94
N ASN B 168 -22.14 -5.15 29.42
CA ASN B 168 -22.52 -4.87 28.05
C ASN B 168 -21.83 -5.84 27.09
N ILE B 169 -20.53 -6.08 27.31
CA ILE B 169 -19.80 -7.03 26.48
C ILE B 169 -20.50 -8.37 26.49
N GLU B 170 -20.95 -8.81 27.67
CA GLU B 170 -21.66 -10.08 27.73
C GLU B 170 -22.82 -10.07 26.76
N LYS B 171 -23.68 -9.05 26.85
CA LYS B 171 -24.75 -8.92 25.87
C LYS B 171 -24.16 -8.78 24.48
N ALA B 172 -23.19 -7.88 24.32
CA ALA B 172 -22.55 -7.68 23.03
C ALA B 172 -21.90 -8.97 22.54
N ILE B 173 -21.63 -9.91 23.43
CA ILE B 173 -21.20 -11.22 23.01
C ILE B 173 -22.39 -12.16 22.87
N HIS B 174 -23.24 -12.21 23.90
CA HIS B 174 -24.28 -13.24 23.96
C HIS B 174 -25.30 -13.04 22.84
N LEU B 175 -25.82 -11.82 22.72
CA LEU B 175 -26.74 -11.54 21.62
C LEU B 175 -26.05 -11.63 20.27
N LEU B 176 -24.72 -11.56 20.23
CA LEU B 176 -24.03 -11.82 18.97
C LEU B 176 -24.13 -13.28 18.59
N GLU B 177 -24.08 -14.18 19.58
CA GLU B 177 -24.28 -15.61 19.31
C GLU B 177 -25.71 -15.91 18.89
N ASN B 178 -26.66 -15.03 19.22
CA ASN B 178 -28.03 -15.11 18.73
C ASN B 178 -28.25 -14.21 17.52
N ASP B 179 -27.19 -13.99 16.73
CA ASP B 179 -27.23 -13.04 15.64
C ASP B 179 -26.18 -13.47 14.62
N TYR B 180 -26.34 -12.98 13.39
CA TYR B 180 -25.47 -13.38 12.30
C TYR B 180 -24.22 -12.51 12.26
N LEU B 181 -23.44 -12.66 11.18
CA LEU B 181 -22.24 -11.87 10.95
C LEU B 181 -21.93 -11.93 9.46
N GLY B 182 -21.22 -10.92 8.97
CA GLY B 182 -20.88 -10.94 7.57
C GLY B 182 -22.05 -10.58 6.68
N GLY B 183 -21.87 -10.83 5.38
CA GLY B 183 -22.87 -10.44 4.40
C GLY B 183 -24.00 -11.45 4.29
N GLY B 184 -25.19 -10.93 4.00
CA GLY B 184 -26.35 -11.78 3.77
C GLY B 184 -26.72 -12.66 4.95
N GLY B 185 -26.58 -12.14 6.17
CA GLY B 185 -26.85 -12.95 7.34
C GLY B 185 -28.32 -13.23 7.56
N THR B 186 -29.20 -12.46 6.95
CA THR B 186 -30.63 -12.71 7.02
C THR B 186 -31.04 -13.99 6.31
N ARG B 187 -30.15 -14.59 5.53
CA ARG B 187 -30.41 -15.81 4.79
C ARG B 187 -29.52 -16.95 5.28
N GLY B 188 -29.38 -17.06 6.60
CA GLY B 188 -28.59 -18.12 7.18
C GLY B 188 -27.11 -18.05 6.89
N ASN B 189 -26.51 -16.87 7.01
CA ASN B 189 -25.08 -16.68 6.81
C ASN B 189 -24.46 -16.12 8.08
N GLY B 190 -23.34 -16.71 8.49
CA GLY B 190 -22.55 -16.14 9.56
C GLY B 190 -22.96 -16.50 10.97
N ARG B 191 -23.93 -17.40 11.15
CA ARG B 191 -24.29 -17.84 12.50
C ARG B 191 -23.07 -18.48 13.16
N ILE B 192 -22.69 -17.95 14.32
CA ILE B 192 -21.44 -18.33 14.96
C ILE B 192 -21.68 -18.57 16.44
N GLN B 193 -20.79 -19.37 17.04
CA GLN B 193 -20.77 -19.59 18.48
C GLN B 193 -19.37 -19.37 19.00
N PHE B 194 -19.28 -18.89 20.23
CA PHE B 194 -17.99 -18.52 20.82
C PHE B 194 -17.63 -19.55 21.90
N LYS B 195 -16.40 -20.06 21.84
CA LYS B 195 -15.97 -21.16 22.67
C LYS B 195 -14.58 -20.88 23.21
N ASP B 196 -14.28 -21.48 24.37
CA ASP B 196 -12.95 -21.39 24.99
C ASP B 196 -12.52 -19.94 25.18
N THR B 197 -13.47 -19.07 25.47
CA THR B 197 -13.22 -17.63 25.57
C THR B 197 -12.52 -17.32 26.90
N ASN B 198 -11.24 -17.67 26.95
CA ASN B 198 -10.42 -17.40 28.12
C ASN B 198 -10.21 -15.89 28.26
N ILE B 199 -10.19 -15.43 29.51
CA ILE B 199 -9.96 -14.03 29.84
C ILE B 199 -8.70 -13.95 30.68
N GLU B 200 -7.74 -13.14 30.23
CA GLU B 200 -6.47 -13.02 30.91
C GLU B 200 -5.97 -11.58 30.77
N THR B 201 -5.12 -11.17 31.70
CA THR B 201 -4.60 -9.82 31.76
C THR B 201 -3.20 -9.79 31.16
N VAL B 202 -2.97 -8.86 30.24
CA VAL B 202 -1.66 -8.71 29.61
C VAL B 202 -0.88 -7.53 30.20
N VAL B 203 -1.56 -6.43 30.51
CA VAL B 203 -0.93 -5.24 31.07
C VAL B 203 -1.59 -4.91 32.40
N GLY B 204 -0.80 -4.40 33.33
CA GLY B 204 -1.33 -4.03 34.63
C GLY B 204 -1.48 -5.23 35.54
N GLU B 205 -2.13 -5.00 36.66
CA GLU B 205 -2.37 -6.02 37.68
C GLU B 205 -3.84 -6.10 38.02
N TYR B 206 -4.69 -6.09 36.99
CA TYR B 206 -6.12 -6.22 37.21
C TYR B 206 -6.49 -7.66 37.52
N ASP B 207 -7.60 -7.83 38.23
CA ASP B 207 -8.11 -9.15 38.61
C ASP B 207 -9.25 -9.51 37.67
N SER B 208 -8.93 -10.29 36.63
CA SER B 208 -9.91 -10.71 35.64
C SER B 208 -10.41 -12.13 35.85
N THR B 209 -10.05 -12.77 36.97
CA THR B 209 -10.50 -14.14 37.22
C THR B 209 -12.02 -14.20 37.35
N ASN B 210 -12.61 -13.22 38.05
CA ASN B 210 -14.05 -13.22 38.24
C ASN B 210 -14.81 -12.92 36.96
N LEU B 211 -14.13 -12.39 35.93
CA LEU B 211 -14.79 -12.07 34.69
C LEU B 211 -15.14 -13.33 33.90
N LYS B 212 -16.26 -13.26 33.18
CA LYS B 212 -16.71 -14.38 32.37
C LYS B 212 -17.49 -13.84 31.18
N ILE B 213 -17.26 -14.43 30.01
CA ILE B 213 -17.93 -14.05 28.78
C ILE B 213 -18.59 -15.28 28.18
N LYS B 214 -19.86 -15.16 27.83
CA LYS B 214 -20.61 -16.27 27.24
C LYS B 214 -21.48 -15.80 26.07
N TYR C 2 31.10 7.47 26.47
CA TYR C 2 29.83 7.73 25.83
C TYR C 2 29.46 6.60 24.88
N SER C 3 28.66 5.65 25.37
CA SER C 3 28.25 4.50 24.60
C SER C 3 26.92 4.75 23.91
N LYS C 4 26.58 3.86 22.97
CA LYS C 4 25.32 3.94 22.23
C LYS C 4 24.83 2.52 22.01
N ILE C 5 23.88 2.08 22.84
CA ILE C 5 23.31 0.76 22.69
C ILE C 5 22.46 0.72 21.42
N LYS C 6 22.42 -0.43 20.77
CA LYS C 6 21.61 -0.62 19.58
C LYS C 6 20.70 -1.82 19.78
N ILE C 7 19.40 -1.58 19.90
CA ILE C 7 18.40 -2.63 19.95
C ILE C 7 17.98 -2.92 18.52
N SER C 8 18.51 -4.00 17.97
CA SER C 8 18.25 -4.39 16.59
C SER C 8 17.42 -5.67 16.57
N GLY C 9 16.43 -5.71 15.69
CA GLY C 9 15.60 -6.88 15.59
C GLY C 9 14.56 -6.71 14.51
N THR C 10 13.61 -7.64 14.48
CA THR C 10 12.52 -7.60 13.51
C THR C 10 11.21 -7.46 14.25
N ILE C 11 10.25 -6.82 13.58
CA ILE C 11 8.87 -6.76 14.05
C ILE C 11 8.00 -7.44 13.01
N GLU C 12 7.19 -8.39 13.46
CA GLU C 12 6.31 -9.16 12.60
C GLU C 12 4.88 -8.68 12.79
N VAL C 13 4.13 -8.60 11.68
CA VAL C 13 2.78 -8.08 11.69
C VAL C 13 1.81 -9.24 11.88
N VAL C 14 0.99 -9.16 12.93
CA VAL C 14 -0.07 -10.16 13.13
C VAL C 14 -1.29 -9.81 12.28
N THR C 15 -1.89 -8.65 12.54
CA THR C 15 -2.99 -8.14 11.74
C THR C 15 -2.49 -6.94 10.95
N GLY C 16 -2.92 -6.85 9.69
CA GLY C 16 -2.33 -5.95 8.72
C GLY C 16 -2.08 -4.54 9.23
N LEU C 17 -0.80 -4.19 9.35
CA LEU C 17 -0.41 -2.87 9.83
C LEU C 17 -0.67 -1.82 8.75
N HIS C 18 -1.25 -0.70 9.14
CA HIS C 18 -1.56 0.38 8.22
C HIS C 18 -1.22 1.71 8.87
N ILE C 19 -0.14 2.34 8.41
CA ILE C 19 0.23 3.68 8.82
C ILE C 19 -0.03 4.60 7.63
N GLY C 20 -0.95 5.54 7.81
CA GLY C 20 -1.45 6.31 6.69
C GLY C 20 -0.39 7.22 6.08
N GLY C 21 -0.59 7.53 4.81
CA GLY C 21 0.31 8.42 4.10
C GLY C 21 -0.15 9.86 4.11
N GLY C 22 -0.03 10.54 2.98
CA GLY C 22 -0.38 11.94 2.91
C GLY C 22 -1.64 12.23 2.13
N GLY C 23 -1.55 13.11 1.14
CA GLY C 23 -2.70 13.47 0.33
C GLY C 23 -2.79 12.66 -0.95
N GLU C 24 -1.72 11.91 -1.26
CA GLU C 24 -1.59 11.09 -2.47
C GLU C 24 -2.19 11.77 -3.69
N SER C 25 -3.34 11.28 -4.16
CA SER C 25 -4.00 11.84 -5.33
C SER C 25 -5.50 11.90 -5.05
N SER C 26 -6.28 12.12 -6.10
CA SER C 26 -7.74 12.20 -6.01
C SER C 26 -8.40 10.91 -6.48
N MET C 27 -7.81 9.76 -6.13
CA MET C 27 -8.27 8.48 -6.65
C MET C 27 -9.72 8.24 -6.22
N ILE C 28 -10.52 7.69 -7.13
CA ILE C 28 -11.98 7.69 -7.00
C ILE C 28 -12.51 6.25 -6.89
N GLY C 29 -11.80 5.41 -6.15
CA GLY C 29 -12.24 4.04 -5.98
C GLY C 29 -11.10 3.05 -5.82
N ALA C 30 -9.88 3.56 -5.88
CA ALA C 30 -8.70 2.81 -5.49
C ALA C 30 -7.98 3.59 -4.41
N ILE C 31 -7.09 2.88 -3.70
CA ILE C 31 -6.24 3.40 -2.62
C ILE C 31 -6.91 4.54 -1.86
N ASP C 32 -8.07 4.26 -1.27
CA ASP C 32 -8.77 5.27 -0.48
C ASP C 32 -7.94 5.77 0.69
N SER C 33 -7.05 4.94 1.22
CA SER C 33 -6.15 5.37 2.29
C SER C 33 -4.90 4.50 2.26
N PRO C 34 -3.86 4.90 1.55
CA PRO C 34 -2.68 4.04 1.39
C PRO C 34 -1.77 4.09 2.61
N VAL C 35 -0.89 3.09 2.69
CA VAL C 35 0.08 2.97 3.76
C VAL C 35 1.33 3.74 3.38
N VAL C 36 2.07 4.21 4.38
CA VAL C 36 3.30 4.94 4.14
C VAL C 36 4.34 3.98 3.57
N ARG C 37 5.05 4.42 2.53
CA ARG C 37 5.97 3.56 1.80
C ARG C 37 7.33 4.24 1.65
N ASP C 38 8.36 3.43 1.48
CA ASP C 38 9.69 3.92 1.18
C ASP C 38 9.72 4.48 -0.24
N LEU C 39 10.88 4.99 -0.65
CA LEU C 39 11.04 5.53 -1.99
C LEU C 39 12.17 4.89 -2.77
N GLN C 40 13.28 4.54 -2.11
CA GLN C 40 14.36 3.86 -2.83
C GLN C 40 13.90 2.51 -3.35
N THR C 41 13.17 1.75 -2.54
CA THR C 41 12.63 0.46 -2.95
C THR C 41 11.13 0.49 -3.17
N LYS C 42 10.46 1.59 -2.82
CA LYS C 42 9.00 1.69 -2.90
C LYS C 42 8.33 0.54 -2.16
N LEU C 43 8.89 0.18 -1.03
CA LEU C 43 8.43 -0.85 -0.13
C LEU C 43 7.68 -0.23 1.03
N PRO C 44 6.74 -0.97 1.64
CA PRO C 44 6.09 -0.46 2.84
C PRO C 44 7.11 -0.18 3.93
N ILE C 45 6.89 0.92 4.64
CA ILE C 45 7.81 1.39 5.67
C ILE C 45 7.01 1.60 6.95
N ILE C 46 7.67 1.42 8.08
CA ILE C 46 7.04 1.67 9.36
C ILE C 46 7.86 2.78 10.02
N PRO C 47 7.40 4.03 9.94
CA PRO C 47 8.24 5.15 10.36
C PRO C 47 8.53 5.13 11.85
N GLY C 48 9.78 5.41 12.20
CA GLY C 48 10.17 5.45 13.61
C GLY C 48 9.45 6.51 14.40
N SER C 49 8.98 7.56 13.76
CA SER C 49 8.13 8.54 14.44
C SER C 49 6.86 7.89 14.97
N SER C 50 6.28 6.98 14.18
CA SER C 50 5.08 6.28 14.62
C SER C 50 5.35 5.44 15.87
N ILE C 51 6.46 4.68 15.87
CA ILE C 51 6.80 3.89 17.05
C ILE C 51 7.04 4.79 18.24
N LYS C 52 7.79 5.88 18.04
CA LYS C 52 8.10 6.73 19.17
C LYS C 52 6.83 7.37 19.75
N GLY C 53 5.93 7.85 18.88
CA GLY C 53 4.70 8.44 19.38
C GLY C 53 3.82 7.42 20.09
N LYS C 54 3.69 6.23 19.51
CA LYS C 54 2.87 5.20 20.15
C LYS C 54 3.46 4.79 21.50
N MET C 55 4.76 4.50 21.53
CA MET C 55 5.41 4.13 22.78
C MET C 55 5.34 5.24 23.80
N ARG C 56 5.48 6.49 23.36
CA ARG C 56 5.32 7.63 24.24
C ARG C 56 3.94 7.64 24.87
N ASN C 57 2.91 7.45 24.05
CA ASN C 57 1.54 7.46 24.58
C ASN C 57 1.32 6.34 25.58
N LEU C 58 1.65 5.10 25.19
CA LEU C 58 1.40 3.99 26.11
C LEU C 58 2.25 4.07 27.38
N LEU C 59 3.50 4.53 27.29
CA LEU C 59 4.30 4.65 28.50
C LEU C 59 3.77 5.75 29.42
N ALA C 60 3.36 6.89 28.84
CA ALA C 60 2.85 7.97 29.67
C ALA C 60 1.49 7.66 30.28
N LYS C 61 0.69 6.83 29.61
CA LYS C 61 -0.57 6.40 30.20
C LYS C 61 -0.42 5.17 31.09
N HIS C 62 0.70 4.46 30.99
CA HIS C 62 1.01 3.41 31.95
C HIS C 62 1.54 4.00 33.25
N PHE C 63 2.28 5.10 33.16
CA PHE C 63 2.79 5.76 34.36
C PHE C 63 1.80 6.78 34.91
N GLY C 64 1.34 7.70 34.06
CA GLY C 64 0.41 8.73 34.50
C GLY C 64 -1.02 8.30 34.62
N LEU C 65 -1.34 7.06 34.27
CA LEU C 65 -2.70 6.56 34.36
C LEU C 65 -2.72 5.05 34.59
N GLN C 74 1.09 17.91 31.69
CA GLN C 74 1.71 16.80 32.40
C GLN C 74 2.62 15.99 31.46
N ASP C 75 3.71 15.48 32.00
CA ASP C 75 4.67 14.69 31.22
C ASP C 75 5.51 13.89 32.21
N ASP C 76 5.40 12.55 32.16
CA ASP C 76 6.02 11.71 33.17
C ASP C 76 7.53 11.70 33.04
N GLU C 77 8.21 11.50 34.17
CA GLU C 77 9.66 11.67 34.23
C GLU C 77 10.38 10.63 33.39
N ARG C 78 10.06 9.36 33.57
CA ARG C 78 10.72 8.30 32.81
C ARG C 78 10.44 8.44 31.32
N VAL C 79 9.17 8.73 30.98
CA VAL C 79 8.80 8.92 29.58
C VAL C 79 9.55 10.12 28.99
N LEU C 80 9.67 11.19 29.77
CA LEU C 80 10.42 12.37 29.31
C LEU C 80 11.88 12.04 29.08
N ARG C 81 12.49 11.30 30.00
CA ARG C 81 13.91 10.98 29.87
C ARG C 81 14.17 10.06 28.69
N LEU C 82 13.24 9.15 28.39
CA LEU C 82 13.43 8.26 27.25
C LEU C 82 13.12 8.93 25.92
N PHE C 83 12.18 9.86 25.90
CA PHE C 83 11.65 10.36 24.62
C PHE C 83 11.85 11.86 24.40
N GLY C 84 11.93 12.67 25.44
CA GLY C 84 12.18 14.08 25.23
C GLY C 84 11.25 15.00 25.99
N SER C 85 11.78 16.12 26.47
CA SER C 85 11.11 16.94 27.47
C SER C 85 11.20 18.42 27.14
N SER C 86 10.81 18.79 25.92
CA SER C 86 10.77 20.21 25.56
C SER C 86 9.95 21.00 26.56
N GLU C 87 10.52 22.09 27.05
CA GLU C 87 9.95 22.86 28.14
C GLU C 87 10.61 24.22 28.14
N LYS C 88 10.04 25.15 28.91
CA LYS C 88 10.60 26.49 29.00
C LYS C 88 12.02 26.44 29.57
N GLY C 89 12.22 25.69 30.64
CA GLY C 89 13.53 25.60 31.26
C GLY C 89 13.86 24.25 31.85
N ASN C 90 13.18 23.21 31.39
CA ASN C 90 13.33 21.86 31.95
C ASN C 90 13.51 20.84 30.84
N ILE C 91 14.41 21.13 29.90
CA ILE C 91 14.66 20.25 28.77
C ILE C 91 15.81 19.31 29.11
N GLN C 92 15.58 18.00 28.97
CA GLN C 92 16.64 17.01 28.97
C GLN C 92 16.55 16.19 27.69
N ARG C 93 17.72 15.75 27.22
CA ARG C 93 17.83 15.18 25.88
C ARG C 93 17.07 13.86 25.78
N ALA C 94 16.68 13.52 24.55
CA ALA C 94 16.02 12.26 24.27
C ALA C 94 17.09 11.16 24.25
N ARG C 95 17.05 10.29 25.24
CA ARG C 95 18.07 9.26 25.40
C ARG C 95 17.80 8.02 24.55
N LEU C 96 16.69 7.98 23.83
CA LEU C 96 16.30 6.81 23.04
C LEU C 96 15.86 7.31 21.65
N GLN C 97 16.81 7.37 20.72
CA GLN C 97 16.51 7.76 19.35
C GLN C 97 15.93 6.56 18.62
N ILE C 98 14.62 6.57 18.41
CA ILE C 98 13.93 5.53 17.65
C ILE C 98 14.37 5.64 16.20
N SER C 99 14.09 4.60 15.40
CA SER C 99 14.53 4.54 14.02
C SER C 99 13.44 3.93 13.16
N ASP C 100 13.50 4.22 11.87
CA ASP C 100 12.53 3.67 10.93
C ASP C 100 12.73 2.17 10.76
N ALA C 101 11.70 1.51 10.26
CA ALA C 101 11.70 0.07 10.05
C ALA C 101 11.49 -0.22 8.57
N PHE C 102 12.39 -1.02 7.99
CA PHE C 102 12.31 -1.44 6.61
C PHE C 102 12.19 -2.96 6.54
N PHE C 103 11.72 -3.46 5.40
CA PHE C 103 11.61 -4.90 5.21
C PHE C 103 12.94 -5.59 5.41
N SER C 104 12.91 -6.74 6.08
CA SER C 104 14.11 -7.53 6.29
C SER C 104 14.58 -8.12 4.96
N GLU C 105 15.87 -8.49 4.93
CA GLU C 105 16.39 -9.19 3.77
C GLU C 105 15.67 -10.51 3.57
N LYS C 106 15.36 -11.22 4.66
CA LYS C 106 14.68 -12.50 4.56
C LYS C 106 13.30 -12.36 3.96
N THR C 107 12.49 -11.43 4.50
CA THR C 107 11.09 -11.32 4.09
C THR C 107 10.97 -10.86 2.64
N LYS C 108 11.82 -9.92 2.20
CA LYS C 108 11.69 -9.38 0.86
C LYS C 108 11.80 -10.45 -0.21
N GLU C 109 12.61 -11.49 0.04
CA GLU C 109 12.70 -12.61 -0.89
C GLU C 109 11.77 -13.76 -0.53
N HIS C 110 11.41 -13.90 0.74
CA HIS C 110 10.48 -14.95 1.13
C HIS C 110 9.09 -14.71 0.54
N PHE C 111 8.65 -13.46 0.53
CA PHE C 111 7.37 -13.11 -0.05
C PHE C 111 7.40 -13.10 -1.58
N ALA C 112 8.58 -13.17 -2.18
CA ALA C 112 8.72 -13.19 -3.64
C ALA C 112 8.93 -14.59 -4.18
N GLN C 113 9.51 -15.50 -3.40
CA GLN C 113 9.78 -16.85 -3.88
C GLN C 113 8.53 -17.69 -4.00
N ASN C 114 7.41 -17.25 -3.40
CA ASN C 114 6.14 -17.96 -3.54
C ASN C 114 4.99 -17.01 -3.88
N ASP C 115 5.28 -15.80 -4.33
CA ASP C 115 4.28 -14.84 -4.81
C ASP C 115 3.25 -14.52 -3.73
N ILE C 116 3.74 -13.88 -2.68
CA ILE C 116 2.90 -13.36 -1.59
C ILE C 116 2.91 -11.84 -1.69
N ALA C 117 1.73 -11.23 -1.67
CA ALA C 117 1.63 -9.79 -1.83
C ALA C 117 2.26 -9.07 -0.64
N TYR C 118 2.84 -7.90 -0.92
CA TYR C 118 3.46 -7.11 0.13
C TYR C 118 2.44 -6.38 0.99
N THR C 119 1.30 -6.00 0.39
CA THR C 119 0.26 -5.29 1.12
C THR C 119 -1.11 -5.87 0.76
N GLU C 120 -2.06 -5.67 1.66
CA GLU C 120 -3.46 -6.01 1.44
C GLU C 120 -4.25 -4.76 1.11
N THR C 121 -5.43 -4.96 0.53
CA THR C 121 -6.34 -3.87 0.20
C THR C 121 -7.76 -4.25 0.63
N LYS C 122 -7.87 -4.72 1.87
CA LYS C 122 -9.16 -5.21 2.36
C LYS C 122 -10.17 -4.08 2.45
N PHE C 123 -11.43 -4.42 2.17
CA PHE C 123 -12.51 -3.45 2.08
C PHE C 123 -13.13 -3.20 3.44
N GLU C 124 -13.99 -2.18 3.49
CA GLU C 124 -14.56 -1.70 4.74
C GLU C 124 -15.94 -1.12 4.48
N ASN C 125 -16.72 -0.99 5.56
CA ASN C 125 -17.99 -0.26 5.52
C ASN C 125 -18.03 0.76 6.64
N THR C 126 -19.04 1.64 6.56
CA THR C 126 -19.41 2.50 7.68
C THR C 126 -20.92 2.62 7.80
N ILE C 127 -21.69 1.84 7.05
CA ILE C 127 -23.14 1.95 6.82
C ILE C 127 -23.73 3.26 7.33
N ASN C 128 -24.73 3.15 8.20
CA ASN C 128 -25.41 4.30 8.79
C ASN C 128 -26.35 3.77 9.85
N ARG C 129 -26.91 4.70 10.64
CA ARG C 129 -27.89 4.34 11.65
C ARG C 129 -29.24 4.98 11.38
N LEU C 130 -29.43 5.54 10.19
CA LEU C 130 -30.70 6.12 9.76
C LEU C 130 -31.19 5.55 8.44
N THR C 131 -30.28 5.30 7.50
CA THR C 131 -30.67 4.81 6.18
C THR C 131 -29.89 3.58 5.72
N ALA C 132 -28.79 3.21 6.40
CA ALA C 132 -27.94 2.09 6.00
C ALA C 132 -27.44 2.28 4.56
N VAL C 133 -26.63 3.33 4.40
CA VAL C 133 -26.17 3.75 3.08
C VAL C 133 -24.84 3.08 2.76
N ALA C 134 -24.42 2.15 3.62
CA ALA C 134 -23.24 1.32 3.40
C ALA C 134 -21.95 2.14 3.36
N ASN C 135 -21.74 2.93 2.30
CA ASN C 135 -20.59 3.83 2.18
C ASN C 135 -19.26 3.11 2.42
N PRO C 136 -18.77 2.37 1.43
CA PRO C 136 -17.59 1.52 1.66
C PRO C 136 -16.30 2.30 1.91
N ARG C 137 -15.20 1.57 2.08
CA ARG C 137 -13.91 2.17 2.40
C ARG C 137 -12.81 1.18 2.06
N GLN C 138 -11.72 1.69 1.49
CA GLN C 138 -10.56 0.90 1.14
C GLN C 138 -9.39 1.28 2.03
N ILE C 139 -8.79 0.30 2.68
CA ILE C 139 -7.63 0.52 3.54
C ILE C 139 -6.51 -0.41 3.07
N GLU C 140 -5.33 0.15 2.88
CA GLU C 140 -4.15 -0.63 2.49
C GLU C 140 -3.33 -0.94 3.73
N ARG C 141 -3.15 -2.23 3.99
CA ARG C 141 -2.39 -2.70 5.14
C ARG C 141 -1.34 -3.69 4.67
N VAL C 142 -0.17 -3.66 5.32
CA VAL C 142 0.88 -4.59 4.97
C VAL C 142 0.43 -6.01 5.28
N THR C 143 0.87 -6.96 4.46
CA THR C 143 0.50 -8.36 4.68
C THR C 143 1.08 -8.85 6.01
N ARG C 144 0.30 -9.66 6.71
CA ARG C 144 0.77 -10.22 7.97
C ARG C 144 1.94 -11.17 7.70
N GLY C 145 2.81 -11.29 8.69
CA GLY C 145 4.03 -12.05 8.55
C GLY C 145 5.20 -11.27 8.00
N SER C 146 4.98 -10.02 7.58
CA SER C 146 6.08 -9.19 7.11
C SER C 146 6.98 -8.82 8.28
N GLU C 147 8.29 -8.86 8.04
CA GLU C 147 9.28 -8.52 9.04
C GLU C 147 9.90 -7.18 8.70
N PHE C 148 9.84 -6.24 9.63
CA PHE C 148 10.48 -4.94 9.49
C PHE C 148 11.68 -4.87 10.43
N ASP C 149 12.80 -4.37 9.92
CA ASP C 149 14.03 -4.25 10.73
C ASP C 149 13.97 -2.96 11.53
N PHE C 150 13.90 -3.10 12.85
CA PHE C 150 13.98 -1.95 13.75
C PHE C 150 15.35 -1.93 14.41
N VAL C 151 16.01 -0.78 14.34
CA VAL C 151 17.42 -0.61 14.70
C VAL C 151 17.56 0.44 15.79
N PHE C 152 16.63 0.44 16.74
CA PHE C 152 16.54 1.47 17.77
C PHE C 152 17.91 1.74 18.38
N ILE C 153 18.16 3.00 18.73
CA ILE C 153 19.44 3.41 19.32
C ILE C 153 19.16 4.13 20.62
N TYR C 154 19.91 3.78 21.67
CA TYR C 154 19.74 4.35 23.00
C TYR C 154 21.06 4.95 23.44
N ASN C 155 21.05 6.25 23.74
CA ASN C 155 22.26 6.96 24.14
C ASN C 155 22.48 6.78 25.64
N VAL C 156 23.66 6.30 26.02
CA VAL C 156 23.99 6.16 27.43
C VAL C 156 24.53 7.48 27.94
N ASP C 157 23.64 8.35 28.42
CA ASP C 157 24.06 9.66 28.91
C ASP C 157 24.75 9.53 30.26
N GLU C 158 24.04 9.04 31.27
CA GLU C 158 24.63 8.69 32.54
C GLU C 158 24.36 7.22 32.81
N GLU C 159 25.38 6.51 33.29
CA GLU C 159 25.33 5.05 33.30
C GLU C 159 24.26 4.52 34.25
N SER C 160 24.26 4.98 35.50
CA SER C 160 23.55 4.24 36.54
C SER C 160 22.05 4.50 36.56
N GLN C 161 21.40 4.49 35.41
CA GLN C 161 19.99 4.13 35.34
C GLN C 161 19.65 3.38 34.07
N VAL C 162 20.63 3.08 33.21
CA VAL C 162 20.33 2.62 31.84
C VAL C 162 19.51 1.34 31.88
N GLU C 163 19.95 0.37 32.68
CA GLU C 163 19.21 -0.88 32.82
C GLU C 163 17.75 -0.60 33.15
N ASP C 164 17.52 0.24 34.16
CA ASP C 164 16.16 0.58 34.54
C ASP C 164 15.40 1.19 33.36
N ASP C 165 16.04 2.12 32.64
CA ASP C 165 15.41 2.69 31.46
C ASP C 165 15.02 1.59 30.48
N PHE C 166 15.92 0.63 30.25
CA PHE C 166 15.59 -0.45 29.35
C PHE C 166 14.45 -1.29 29.89
N GLU C 167 14.41 -1.49 31.21
CA GLU C 167 13.24 -2.13 31.79
C GLU C 167 11.98 -1.40 31.34
N ASN C 168 11.99 -0.07 31.44
CA ASN C 168 10.84 0.71 31.00
C ASN C 168 10.54 0.43 29.53
N ILE C 169 11.55 0.45 28.66
CA ILE C 169 11.27 0.23 27.25
C ILE C 169 10.71 -1.17 27.07
N GLU C 170 11.21 -2.14 27.85
CA GLU C 170 10.65 -3.48 27.78
C GLU C 170 9.15 -3.43 28.03
N LYS C 171 8.74 -2.74 29.10
CA LYS C 171 7.32 -2.58 29.36
C LYS C 171 6.63 -1.94 28.17
N ALA C 172 7.21 -0.86 27.63
CA ALA C 172 6.61 -0.22 26.47
C ALA C 172 6.51 -1.21 25.32
N ILE C 173 7.57 -2.01 25.11
CA ILE C 173 7.53 -3.02 24.07
C ILE C 173 6.34 -3.95 24.27
N HIS C 174 6.15 -4.40 25.51
CA HIS C 174 5.01 -5.25 25.81
C HIS C 174 3.71 -4.61 25.36
N LEU C 175 3.54 -3.32 25.63
CA LEU C 175 2.30 -2.65 25.25
C LEU C 175 2.14 -2.61 23.74
N LEU C 176 3.24 -2.38 23.02
CA LEU C 176 3.18 -2.50 21.57
C LEU C 176 2.81 -3.91 21.16
N GLU C 177 3.32 -4.91 21.87
CA GLU C 177 2.96 -6.29 21.59
C GLU C 177 1.52 -6.60 21.99
N ASN C 178 0.88 -5.72 22.75
CA ASN C 178 -0.51 -5.91 23.15
C ASN C 178 -1.44 -4.87 22.56
N ASP C 179 -0.91 -3.88 21.85
CA ASP C 179 -1.74 -2.88 21.19
C ASP C 179 -1.42 -2.77 19.71
N TYR C 180 -1.97 -1.74 19.08
CA TYR C 180 -1.89 -1.54 17.64
C TYR C 180 -0.85 -0.48 17.28
N LEU C 181 -0.51 -0.46 16.00
CA LEU C 181 0.34 0.58 15.40
C LEU C 181 -0.30 1.00 14.10
N GLY C 182 -0.73 2.25 14.01
CA GLY C 182 -1.29 2.79 12.78
C GLY C 182 -2.79 2.95 12.85
N GLY C 183 -3.35 3.41 11.73
CA GLY C 183 -4.76 3.72 11.68
C GLY C 183 -5.64 2.49 11.75
N GLY C 184 -6.84 2.69 12.30
CA GLY C 184 -7.82 1.62 12.37
C GLY C 184 -7.41 0.44 13.23
N GLY C 185 -6.43 0.62 14.11
CA GLY C 185 -5.93 -0.50 14.89
C GLY C 185 -6.90 -1.01 15.92
N THR C 186 -7.88 -0.20 16.32
CA THR C 186 -8.92 -0.70 17.20
C THR C 186 -9.83 -1.67 16.47
N ARG C 187 -9.97 -1.51 15.16
CA ARG C 187 -10.73 -2.43 14.32
C ARG C 187 -9.83 -3.54 13.78
N GLY C 188 -9.08 -4.19 14.68
CA GLY C 188 -8.21 -5.27 14.29
C GLY C 188 -7.14 -4.92 13.27
N ASN C 189 -6.23 -4.03 13.64
CA ASN C 189 -5.14 -3.63 12.75
C ASN C 189 -3.91 -3.32 13.58
N GLY C 190 -2.75 -3.37 12.91
CA GLY C 190 -1.53 -2.90 13.51
C GLY C 190 -0.94 -3.79 14.58
N ARG C 191 -1.47 -4.99 14.78
CA ARG C 191 -0.90 -5.88 15.78
C ARG C 191 0.44 -6.43 15.30
N ILE C 192 1.46 -6.35 16.17
CA ILE C 192 2.81 -6.79 15.84
C ILE C 192 3.44 -7.46 17.05
N GLN C 193 4.58 -8.11 16.81
CA GLN C 193 5.44 -8.57 17.89
C GLN C 193 6.88 -8.23 17.52
N PHE C 194 7.72 -8.14 18.54
CA PHE C 194 9.15 -7.95 18.37
C PHE C 194 9.86 -9.29 18.58
N LYS C 195 10.88 -9.55 17.77
CA LYS C 195 11.64 -10.79 17.88
C LYS C 195 13.01 -10.58 17.25
N ASP C 196 13.84 -11.61 17.35
CA ASP C 196 15.20 -11.58 16.81
C ASP C 196 15.97 -10.36 17.34
N THR C 197 15.75 -10.05 18.61
CA THR C 197 16.29 -8.83 19.21
C THR C 197 17.62 -9.13 19.89
N ASN C 198 18.66 -8.45 19.47
CA ASN C 198 19.98 -8.55 20.08
C ASN C 198 20.43 -7.17 20.52
N ILE C 199 21.04 -7.10 21.70
CA ILE C 199 21.48 -5.85 22.31
C ILE C 199 23.00 -5.82 22.27
N GLU C 200 23.54 -4.80 21.62
CA GLU C 200 24.99 -4.65 21.50
C GLU C 200 25.33 -3.17 21.48
N THR C 201 26.57 -2.87 21.90
CA THR C 201 27.07 -1.51 21.93
C THR C 201 27.84 -1.26 20.65
N VAL C 202 27.22 -0.57 19.69
CA VAL C 202 27.86 -0.32 18.41
C VAL C 202 29.09 0.56 18.58
N VAL C 203 28.98 1.61 19.38
CA VAL C 203 30.11 2.47 19.70
C VAL C 203 30.11 2.72 21.20
N GLY C 204 31.28 2.65 21.81
CA GLY C 204 31.42 2.76 23.25
C GLY C 204 31.84 1.44 23.86
N GLU C 205 32.04 1.48 25.18
CA GLU C 205 32.57 0.34 25.92
C GLU C 205 31.61 -0.15 27.00
N TYR C 206 30.33 0.20 26.90
CA TYR C 206 29.36 -0.27 27.89
C TYR C 206 29.07 -1.75 27.67
N ASP C 207 29.10 -2.51 28.76
CA ASP C 207 28.86 -3.95 28.70
C ASP C 207 27.35 -4.20 28.74
N SER C 208 26.75 -4.24 27.55
CA SER C 208 25.32 -4.46 27.41
C SER C 208 24.98 -5.93 27.16
N THR C 209 25.86 -6.85 27.53
CA THR C 209 25.58 -8.27 27.35
C THR C 209 24.41 -8.72 28.22
N ASN C 210 24.36 -8.26 29.48
CA ASN C 210 23.31 -8.66 30.38
C ASN C 210 21.96 -8.05 30.03
N LEU C 211 21.96 -6.99 29.23
CA LEU C 211 20.70 -6.34 28.85
C LEU C 211 19.87 -7.27 27.98
N LYS C 212 18.56 -7.32 28.27
CA LYS C 212 17.64 -8.21 27.56
C LYS C 212 16.36 -7.46 27.24
N ILE C 213 15.89 -7.59 26.00
CA ILE C 213 14.63 -7.03 25.55
C ILE C 213 13.85 -8.12 24.84
N LYS C 214 12.60 -8.31 25.24
CA LYS C 214 11.73 -9.29 24.59
C LYS C 214 10.27 -9.01 24.90
N PHE F 16 -11.10 15.39 -21.65
CA PHE F 16 -10.79 14.20 -22.41
C PHE F 16 -11.87 13.13 -22.23
N ALA F 17 -12.56 13.18 -21.10
CA ALA F 17 -13.66 12.28 -20.81
C ALA F 17 -14.96 12.98 -20.46
N HIS F 18 -14.95 14.28 -20.21
CA HIS F 18 -16.17 15.00 -19.86
C HIS F 18 -17.14 15.05 -21.04
N GLU F 19 -16.62 15.28 -22.25
CA GLU F 19 -17.49 15.48 -23.40
C GLU F 19 -18.29 14.23 -23.74
N VAL F 20 -17.66 13.06 -23.66
CA VAL F 20 -18.36 11.82 -24.02
C VAL F 20 -19.42 11.48 -22.97
N VAL F 21 -19.11 11.71 -21.69
CA VAL F 21 -20.07 11.39 -20.63
C VAL F 21 -21.26 12.34 -20.70
N LYS F 22 -20.99 13.64 -20.81
CA LYS F 22 -22.07 14.62 -20.79
C LYS F 22 -22.77 14.78 -22.14
N SER F 23 -22.23 14.19 -23.20
CA SER F 23 -22.92 14.23 -24.49
C SER F 23 -24.09 13.25 -24.53
N ASN F 24 -23.94 12.10 -23.87
CA ASN F 24 -24.99 11.10 -23.83
C ASN F 24 -26.06 11.48 -22.82
N GLN F 37 -31.84 12.38 -18.00
CA GLN F 37 -32.27 10.99 -18.08
C GLN F 37 -31.38 10.17 -18.99
N VAL F 38 -30.97 10.76 -20.10
CA VAL F 38 -30.20 10.04 -21.11
C VAL F 38 -28.75 9.95 -20.66
N LEU F 39 -28.25 8.72 -20.51
CA LEU F 39 -26.83 8.49 -20.21
C LEU F 39 -26.51 7.06 -20.64
N PHE F 40 -25.92 6.92 -21.83
CA PHE F 40 -25.57 5.60 -22.38
C PHE F 40 -26.78 4.67 -22.38
N ASN F 41 -27.95 5.23 -22.71
CA ASN F 41 -29.20 4.50 -22.79
C ASN F 41 -29.63 3.95 -21.43
N GLY F 42 -28.95 2.90 -20.96
CA GLY F 42 -29.36 2.24 -19.73
C GLY F 42 -28.20 1.83 -18.84
N LEU F 43 -27.12 2.60 -18.86
CA LEU F 43 -25.97 2.30 -18.03
C LEU F 43 -26.28 2.56 -16.56
N THR F 44 -25.53 1.88 -15.70
CA THR F 44 -25.72 1.99 -14.25
C THR F 44 -24.37 2.20 -13.58
N THR F 45 -24.42 2.75 -12.36
CA THR F 45 -23.21 2.96 -11.58
C THR F 45 -22.55 1.63 -11.22
N SER F 46 -23.36 0.63 -10.92
CA SER F 46 -22.82 -0.66 -10.52
C SER F 46 -22.02 -1.32 -11.64
N LYS F 47 -22.50 -1.22 -12.88
CA LYS F 47 -21.74 -1.76 -14.00
C LYS F 47 -20.39 -1.07 -14.14
N LEU F 48 -20.39 0.27 -14.04
CA LEU F 48 -19.14 1.01 -14.18
C LEU F 48 -18.16 0.67 -13.07
N ARG F 49 -18.66 0.50 -11.84
CA ARG F 49 -17.75 0.15 -10.75
C ARG F 49 -17.27 -1.29 -10.86
N ASN F 50 -18.10 -2.20 -11.39
CA ASN F 50 -17.65 -3.55 -11.66
C ASN F 50 -16.53 -3.55 -12.68
N LEU F 51 -16.66 -2.72 -13.72
CA LEU F 51 -15.55 -2.54 -14.65
C LEU F 51 -14.33 -1.95 -13.96
N MET F 52 -14.55 -0.96 -13.09
CA MET F 52 -13.47 -0.23 -12.46
C MET F 52 -12.68 -1.07 -11.46
N GLU F 53 -13.28 -2.13 -10.92
CA GLU F 53 -12.59 -2.93 -9.92
C GLU F 53 -11.31 -3.55 -10.47
N GLN F 54 -11.39 -4.11 -11.68
CA GLN F 54 -10.22 -4.77 -12.27
C GLN F 54 -9.11 -3.77 -12.56
N VAL F 55 -9.45 -2.60 -13.12
CA VAL F 55 -8.42 -1.62 -13.42
C VAL F 55 -7.85 -1.03 -12.13
N ASN F 56 -8.66 -0.94 -11.07
CA ASN F 56 -8.12 -0.51 -9.78
C ASN F 56 -7.12 -1.52 -9.25
N ARG F 57 -7.44 -2.82 -9.36
CA ARG F 57 -6.49 -3.84 -8.92
C ARG F 57 -5.21 -3.78 -9.74
N LEU F 58 -5.33 -3.58 -11.06
CA LEU F 58 -4.13 -3.47 -11.89
C LEU F 58 -3.33 -2.22 -11.53
N TYR F 59 -4.01 -1.12 -11.21
CA TYR F 59 -3.33 0.10 -10.78
C TYR F 59 -2.55 -0.13 -9.50
N THR F 60 -3.16 -0.82 -8.53
CA THR F 60 -2.46 -1.11 -7.28
C THR F 60 -1.27 -2.03 -7.52
N ILE F 61 -1.44 -3.08 -8.31
CA ILE F 61 -0.34 -4.01 -8.56
C ILE F 61 0.75 -3.37 -9.39
N ALA F 62 0.43 -2.36 -10.19
CA ALA F 62 1.46 -1.61 -10.91
C ALA F 62 2.22 -0.69 -9.96
N PHE F 63 1.51 -0.03 -9.05
CA PHE F 63 2.21 0.75 -8.03
C PHE F 63 3.07 -0.13 -7.13
N ASN F 64 2.73 -1.41 -6.99
CA ASN F 64 3.60 -2.33 -6.26
C ASN F 64 4.95 -2.47 -6.96
N SER F 65 4.94 -2.56 -8.29
CA SER F 65 6.17 -2.71 -9.06
C SER F 65 6.93 -1.38 -9.11
N ASN F 66 8.26 -1.48 -9.13
CA ASN F 66 9.14 -0.33 -9.11
C ASN F 66 9.79 -0.05 -10.46
N GLU F 67 9.32 -0.68 -11.54
CA GLU F 67 9.94 -0.56 -12.85
C GLU F 67 8.91 -0.14 -13.88
N ASP F 68 9.33 0.69 -14.84
CA ASP F 68 8.42 1.15 -15.88
C ASP F 68 7.92 0.00 -16.74
N GLN F 69 8.80 -0.93 -17.11
CA GLN F 69 8.40 -2.05 -17.95
C GLN F 69 7.50 -2.99 -17.18
N LEU F 70 6.38 -3.36 -17.79
CA LEU F 70 5.44 -4.29 -17.18
C LEU F 70 5.87 -5.73 -17.47
N ASN F 71 5.79 -6.58 -16.44
CA ASN F 71 6.20 -7.96 -16.58
C ASN F 71 5.22 -8.74 -17.43
N GLU F 72 5.63 -9.94 -17.83
CA GLU F 72 4.74 -10.81 -18.60
C GLU F 72 3.49 -11.17 -17.80
N GLU F 73 3.62 -11.29 -16.48
CA GLU F 73 2.45 -11.50 -15.64
C GLU F 73 1.47 -10.34 -15.75
N PHE F 74 1.99 -9.11 -15.76
CA PHE F 74 1.13 -7.95 -15.93
C PHE F 74 0.46 -7.97 -17.31
N ILE F 75 1.17 -8.45 -18.33
CA ILE F 75 0.57 -8.59 -19.66
C ILE F 75 -0.58 -9.59 -19.60
N ASP F 76 -0.40 -10.68 -18.86
CA ASP F 76 -1.47 -11.66 -18.71
C ASP F 76 -2.67 -11.06 -17.99
N GLU F 77 -2.43 -10.27 -16.95
CA GLU F 77 -3.55 -9.60 -16.27
C GLU F 77 -4.25 -8.61 -17.18
N LEU F 78 -3.49 -7.91 -18.03
CA LEU F 78 -4.12 -7.00 -18.99
C LEU F 78 -4.98 -7.76 -20.00
N GLU F 79 -4.50 -8.92 -20.45
CA GLU F 79 -5.30 -9.75 -21.35
C GLU F 79 -6.58 -10.23 -20.66
N TYR F 80 -6.47 -10.61 -19.39
CA TYR F 80 -7.65 -11.00 -18.63
C TYR F 80 -8.60 -9.82 -18.47
N LEU F 81 -8.05 -8.61 -18.33
CA LEU F 81 -8.88 -7.42 -18.30
C LEU F 81 -9.65 -7.24 -19.60
N LYS F 82 -8.98 -7.45 -20.73
CA LYS F 82 -9.70 -7.39 -22.01
C LYS F 82 -10.78 -8.46 -22.08
N ILE F 83 -10.49 -9.65 -21.55
CA ILE F 83 -11.47 -10.73 -21.58
C ILE F 83 -12.71 -10.34 -20.81
N LYS F 84 -12.53 -9.82 -19.60
CA LYS F 84 -13.65 -9.37 -18.78
C LYS F 84 -14.40 -8.25 -19.47
N PHE F 85 -13.66 -7.32 -20.10
CA PHE F 85 -14.28 -6.19 -20.74
C PHE F 85 -15.17 -6.65 -21.89
N TYR F 86 -14.67 -7.58 -22.71
CA TYR F 86 -15.45 -8.13 -23.81
C TYR F 86 -16.67 -8.90 -23.29
N TYR F 87 -16.51 -9.66 -22.21
CA TYR F 87 -17.65 -10.39 -21.68
C TYR F 87 -18.75 -9.43 -21.25
N GLU F 88 -18.40 -8.45 -20.41
CA GLU F 88 -19.38 -7.48 -19.93
C GLU F 88 -19.99 -6.67 -21.05
N ALA F 89 -19.25 -6.44 -22.15
CA ALA F 89 -19.87 -5.84 -23.32
C ALA F 89 -20.88 -6.80 -23.95
N GLY F 90 -20.54 -8.09 -24.00
CA GLY F 90 -21.40 -9.04 -24.68
C GLY F 90 -22.72 -9.31 -23.97
N ARG F 91 -22.68 -9.48 -22.64
CA ARG F 91 -23.85 -10.00 -21.94
C ARG F 91 -25.00 -9.00 -21.89
N GLU F 92 -24.74 -7.71 -22.09
CA GLU F 92 -25.81 -6.73 -22.18
C GLU F 92 -25.35 -5.53 -22.98
N LYS F 93 -26.32 -4.84 -23.57
CA LYS F 93 -26.03 -3.83 -24.59
C LYS F 93 -25.49 -2.53 -24.01
N SER F 94 -25.84 -2.21 -22.76
CA SER F 94 -25.48 -0.90 -22.21
C SER F 94 -23.98 -0.71 -22.13
N VAL F 95 -23.27 -1.67 -21.52
CA VAL F 95 -21.82 -1.56 -21.42
C VAL F 95 -21.18 -1.72 -22.80
N ASP F 96 -21.81 -2.48 -23.69
CA ASP F 96 -21.29 -2.59 -25.06
C ASP F 96 -21.26 -1.23 -25.75
N GLU F 97 -22.37 -0.51 -25.68
CA GLU F 97 -22.40 0.84 -26.26
C GLU F 97 -21.45 1.77 -25.53
N PHE F 98 -21.37 1.63 -24.20
CA PHE F 98 -20.47 2.48 -23.42
C PHE F 98 -19.02 2.31 -23.87
N LEU F 99 -18.59 1.06 -24.04
CA LEU F 99 -17.22 0.79 -24.46
C LEU F 99 -16.97 1.19 -25.91
N LYS F 100 -17.97 0.98 -26.78
CA LYS F 100 -17.78 1.35 -28.18
C LYS F 100 -17.67 2.86 -28.34
N LYS F 101 -18.44 3.61 -27.56
CA LYS F 101 -18.41 5.06 -27.68
C LYS F 101 -17.14 5.67 -27.09
N THR F 102 -16.57 5.04 -26.07
CA THR F 102 -15.44 5.60 -25.35
C THR F 102 -14.09 5.11 -25.85
N LEU F 103 -14.06 4.35 -26.95
CA LEU F 103 -12.81 3.83 -27.53
C LEU F 103 -11.96 3.09 -26.50
N MET F 104 -12.63 2.29 -25.66
CA MET F 104 -11.95 1.59 -24.58
C MET F 104 -11.05 0.46 -25.09
N PHE F 105 -11.54 -0.32 -26.04
CA PHE F 105 -10.74 -1.42 -26.57
C PHE F 105 -9.49 -0.95 -27.32
N PRO F 106 -9.55 0.04 -28.22
CA PRO F 106 -8.29 0.51 -28.84
C PRO F 106 -7.29 1.05 -27.82
N ILE F 107 -7.76 1.74 -26.78
CA ILE F 107 -6.82 2.29 -25.81
C ILE F 107 -6.22 1.19 -24.95
N ILE F 108 -7.01 0.18 -24.60
CA ILE F 108 -6.45 -0.92 -23.80
C ILE F 108 -5.48 -1.73 -24.63
N ASP F 109 -5.70 -1.83 -25.95
CA ASP F 109 -4.71 -2.49 -26.80
C ASP F 109 -3.45 -1.64 -26.92
N ARG F 110 -3.63 -0.32 -27.05
CA ARG F 110 -2.49 0.59 -27.11
C ARG F 110 -1.67 0.57 -25.84
N VAL F 111 -2.31 0.27 -24.70
CA VAL F 111 -1.58 0.18 -23.44
C VAL F 111 -0.51 -0.89 -23.51
N ILE F 112 -0.86 -2.07 -24.02
CA ILE F 112 0.12 -3.13 -24.18
C ILE F 112 1.09 -2.81 -25.31
N LYS F 113 0.60 -2.25 -26.41
CA LYS F 113 1.47 -1.98 -27.55
C LYS F 113 2.58 -0.98 -27.19
N LYS F 114 2.23 0.09 -26.46
CA LYS F 114 3.25 1.05 -26.05
C LYS F 114 4.13 0.47 -24.95
N GLU F 115 3.55 -0.31 -24.04
CA GLU F 115 4.27 -1.02 -22.98
C GLU F 115 5.07 -0.04 -22.12
N SER F 116 4.33 0.82 -21.42
CA SER F 116 4.91 1.77 -20.49
C SER F 116 3.96 1.95 -19.31
N LYS F 117 4.54 2.02 -18.11
CA LYS F 117 3.74 2.16 -16.90
C LYS F 117 2.99 3.48 -16.89
N LYS F 118 3.63 4.56 -17.35
CA LYS F 118 2.99 5.86 -17.32
C LYS F 118 1.73 5.90 -18.19
N PHE F 119 1.79 5.27 -19.38
CA PHE F 119 0.60 5.24 -20.22
C PHE F 119 -0.50 4.41 -19.60
N PHE F 120 -0.15 3.33 -18.90
CA PHE F 120 -1.16 2.54 -18.20
C PHE F 120 -1.82 3.35 -17.09
N LEU F 121 -1.02 4.13 -16.35
CA LEU F 121 -1.59 4.99 -15.31
C LEU F 121 -2.46 6.07 -15.92
N ASP F 122 -2.07 6.60 -17.07
CA ASP F 122 -2.91 7.58 -17.77
C ASP F 122 -4.24 6.95 -18.20
N TYR F 123 -4.19 5.71 -18.67
CA TYR F 123 -5.43 5.00 -19.02
C TYR F 123 -6.31 4.82 -17.80
N CYS F 124 -5.72 4.44 -16.66
CA CYS F 124 -6.49 4.29 -15.44
C CYS F 124 -7.12 5.61 -15.02
N LYS F 125 -6.37 6.70 -15.15
CA LYS F 125 -6.91 8.02 -14.82
C LYS F 125 -8.05 8.40 -15.77
N TYR F 126 -7.93 8.03 -17.05
CA TYR F 126 -9.01 8.28 -18.00
C TYR F 126 -10.26 7.52 -17.61
N PHE F 127 -10.12 6.24 -17.25
CA PHE F 127 -11.27 5.45 -16.82
C PHE F 127 -11.89 6.05 -15.56
N GLU F 128 -11.05 6.49 -14.63
CA GLU F 128 -11.53 7.11 -13.40
C GLU F 128 -12.27 8.41 -13.69
N ALA F 129 -11.77 9.23 -14.61
CA ALA F 129 -12.47 10.46 -14.98
C ALA F 129 -13.82 10.12 -15.61
N LEU F 130 -13.87 9.07 -16.43
CA LEU F 130 -15.13 8.62 -16.98
C LEU F 130 -16.12 8.29 -15.87
N VAL F 131 -15.66 7.54 -14.86
CA VAL F 131 -16.55 7.15 -13.76
C VAL F 131 -17.01 8.38 -12.98
N ALA F 132 -16.08 9.30 -12.69
CA ALA F 132 -16.43 10.49 -11.92
C ALA F 132 -17.45 11.34 -12.65
N TYR F 133 -17.25 11.57 -13.96
CA TYR F 133 -18.23 12.31 -14.73
C TYR F 133 -19.55 11.56 -14.83
N ALA F 134 -19.50 10.22 -14.76
CA ALA F 134 -20.74 9.45 -14.70
C ALA F 134 -21.48 9.66 -13.39
N LYS F 135 -20.74 9.93 -12.30
CA LYS F 135 -21.39 10.23 -11.03
C LYS F 135 -22.24 11.50 -11.13
N TYR F 136 -21.72 12.52 -11.80
CA TYR F 136 -22.46 13.77 -11.98
C TYR F 136 -23.68 13.58 -12.85
N THR G 15 -4.43 -15.30 -26.28
CA THR G 15 -4.79 -14.48 -27.44
C THR G 15 -5.15 -15.35 -28.63
N PHE G 16 -4.96 -16.66 -28.48
CA PHE G 16 -5.31 -17.61 -29.52
C PHE G 16 -6.82 -17.71 -29.73
N ALA G 17 -7.60 -17.47 -28.68
CA ALA G 17 -9.03 -17.76 -28.72
C ALA G 17 -9.81 -16.76 -29.57
N HIS G 18 -9.35 -15.51 -29.66
CA HIS G 18 -10.13 -14.49 -30.36
C HIS G 18 -10.34 -14.87 -31.82
N GLU G 19 -9.27 -15.22 -32.51
CA GLU G 19 -9.36 -15.55 -33.93
C GLU G 19 -10.14 -16.84 -34.16
N VAL G 20 -9.99 -17.83 -33.28
CA VAL G 20 -10.71 -19.08 -33.50
C VAL G 20 -12.20 -18.89 -33.27
N VAL G 21 -12.60 -18.05 -32.32
CA VAL G 21 -14.03 -17.77 -32.17
C VAL G 21 -14.54 -16.95 -33.34
N LYS G 22 -13.80 -15.92 -33.75
CA LYS G 22 -14.26 -15.08 -34.85
C LYS G 22 -14.28 -15.81 -36.18
N SER G 23 -13.53 -16.91 -36.30
CA SER G 23 -13.42 -17.62 -37.57
C SER G 23 -14.45 -18.72 -37.74
N ASN G 24 -15.17 -19.10 -36.68
CA ASN G 24 -16.25 -20.09 -36.79
C ASN G 24 -17.52 -19.56 -36.13
N VAL G 25 -17.86 -18.30 -36.40
CA VAL G 25 -19.14 -17.72 -36.02
C VAL G 25 -19.74 -17.08 -37.26
N LYS G 26 -20.96 -17.46 -37.60
CA LYS G 26 -21.63 -16.93 -38.77
C LYS G 26 -23.14 -16.97 -38.53
N ASN G 27 -23.89 -16.43 -39.49
CA ASN G 27 -25.34 -16.40 -39.41
C ASN G 27 -25.94 -17.76 -39.75
N GLN G 37 -28.36 -17.86 -35.14
CA GLN G 37 -27.07 -18.12 -35.78
C GLN G 37 -26.46 -19.43 -35.29
N VAL G 38 -25.20 -19.66 -35.63
CA VAL G 38 -24.49 -20.87 -35.23
C VAL G 38 -23.12 -20.46 -34.69
N LEU G 39 -22.70 -21.16 -33.64
CA LEU G 39 -21.40 -20.90 -33.01
C LEU G 39 -20.67 -22.23 -32.89
N PHE G 40 -19.56 -22.35 -33.62
CA PHE G 40 -18.70 -23.54 -33.58
C PHE G 40 -19.50 -24.79 -33.93
N ASN G 41 -20.29 -24.70 -35.00
CA ASN G 41 -21.05 -25.83 -35.54
C ASN G 41 -22.01 -26.42 -34.50
N GLY G 42 -22.64 -25.55 -33.71
CA GLY G 42 -23.68 -25.96 -32.80
C GLY G 42 -23.34 -25.95 -31.32
N LEU G 43 -22.20 -25.39 -30.93
CA LEU G 43 -21.84 -25.31 -29.52
C LEU G 43 -22.65 -24.20 -28.87
N THR G 44 -23.68 -24.59 -28.12
CA THR G 44 -24.50 -23.62 -27.43
C THR G 44 -23.78 -23.11 -26.17
N THR G 45 -24.28 -21.99 -25.64
CA THR G 45 -23.69 -21.43 -24.44
C THR G 45 -23.79 -22.40 -23.27
N SER G 46 -24.94 -23.08 -23.14
CA SER G 46 -25.15 -23.99 -22.02
C SER G 46 -24.11 -25.11 -22.02
N LYS G 47 -23.83 -25.68 -23.19
CA LYS G 47 -22.81 -26.73 -23.27
C LYS G 47 -21.43 -26.19 -22.91
N LEU G 48 -21.13 -24.96 -23.33
CA LEU G 48 -19.83 -24.37 -23.01
C LEU G 48 -19.68 -24.19 -21.50
N ARG G 49 -20.73 -23.70 -20.83
CA ARG G 49 -20.64 -23.56 -19.37
C ARG G 49 -20.64 -24.91 -18.67
N ASN G 50 -21.30 -25.91 -19.24
CA ASN G 50 -21.20 -27.26 -18.70
C ASN G 50 -19.78 -27.78 -18.76
N LEU G 51 -19.09 -27.52 -19.87
CA LEU G 51 -17.67 -27.84 -19.96
C LEU G 51 -16.87 -27.05 -18.94
N MET G 52 -17.19 -25.77 -18.76
CA MET G 52 -16.38 -24.87 -17.97
C MET G 52 -16.64 -24.97 -16.47
N GLU G 53 -17.68 -25.66 -16.04
CA GLU G 53 -17.94 -25.78 -14.61
C GLU G 53 -16.78 -26.50 -13.91
N GLN G 54 -16.25 -27.55 -14.55
CA GLN G 54 -15.10 -28.24 -13.99
C GLN G 54 -13.88 -27.32 -13.94
N VAL G 55 -13.67 -26.53 -14.99
CA VAL G 55 -12.56 -25.58 -14.98
C VAL G 55 -12.75 -24.55 -13.88
N ASN G 56 -13.99 -24.13 -13.64
CA ASN G 56 -14.26 -23.18 -12.56
C ASN G 56 -13.92 -23.77 -11.20
N ARG G 57 -14.34 -25.01 -10.94
CA ARG G 57 -14.04 -25.61 -9.64
C ARG G 57 -12.54 -25.85 -9.48
N LEU G 58 -11.85 -26.27 -10.54
CA LEU G 58 -10.41 -26.42 -10.46
C LEU G 58 -9.71 -25.08 -10.25
N TYR G 59 -10.25 -24.01 -10.85
CA TYR G 59 -9.70 -22.68 -10.63
C TYR G 59 -9.85 -22.27 -9.17
N THR G 60 -11.01 -22.57 -8.58
CA THR G 60 -11.20 -22.27 -7.16
C THR G 60 -10.23 -23.07 -6.29
N ILE G 61 -10.03 -24.35 -6.60
CA ILE G 61 -9.06 -25.15 -5.85
C ILE G 61 -7.65 -24.59 -6.00
N ALA G 62 -7.28 -24.19 -7.23
CA ALA G 62 -5.95 -23.66 -7.47
C ALA G 62 -5.72 -22.37 -6.70
N PHE G 63 -6.73 -21.49 -6.66
CA PHE G 63 -6.60 -20.28 -5.86
C PHE G 63 -6.58 -20.59 -4.37
N ASN G 64 -7.22 -21.69 -3.95
CA ASN G 64 -7.13 -22.11 -2.56
C ASN G 64 -5.69 -22.47 -2.20
N SER G 65 -5.00 -23.20 -3.08
CA SER G 65 -3.65 -23.63 -2.80
C SER G 65 -2.67 -22.47 -2.89
N ASN G 66 -1.67 -22.47 -2.00
CA ASN G 66 -0.66 -21.44 -1.96
C ASN G 66 0.67 -21.90 -2.56
N GLU G 67 0.75 -23.12 -3.06
CA GLU G 67 1.98 -23.67 -3.61
C GLU G 67 1.91 -23.66 -5.13
N ASP G 68 2.99 -23.21 -5.77
CA ASP G 68 3.03 -23.19 -7.23
C ASP G 68 2.99 -24.60 -7.80
N GLN G 69 3.69 -25.54 -7.16
CA GLN G 69 3.66 -26.92 -7.61
C GLN G 69 2.28 -27.52 -7.36
N LEU G 70 1.73 -28.17 -8.38
CA LEU G 70 0.40 -28.75 -8.28
C LEU G 70 0.46 -30.06 -7.52
N ASN G 71 -0.45 -30.24 -6.56
CA ASN G 71 -0.53 -31.50 -5.84
C ASN G 71 -1.02 -32.60 -6.77
N GLU G 72 -0.44 -33.80 -6.61
CA GLU G 72 -0.75 -34.91 -7.51
C GLU G 72 -2.25 -35.21 -7.57
N GLU G 73 -2.96 -34.95 -6.47
CA GLU G 73 -4.41 -35.09 -6.49
C GLU G 73 -5.03 -34.11 -7.49
N PHE G 74 -4.50 -32.89 -7.54
CA PHE G 74 -4.99 -31.92 -8.51
C PHE G 74 -4.64 -32.33 -9.93
N ILE G 75 -3.48 -32.96 -10.13
CA ILE G 75 -3.15 -33.51 -11.45
C ILE G 75 -4.17 -34.57 -11.85
N ASP G 76 -4.53 -35.44 -10.90
CA ASP G 76 -5.54 -36.47 -11.19
C ASP G 76 -6.88 -35.83 -11.56
N GLU G 77 -7.29 -34.81 -10.83
CA GLU G 77 -8.52 -34.09 -11.20
C GLU G 77 -8.38 -33.40 -12.55
N LEU G 78 -7.16 -33.00 -12.93
CA LEU G 78 -6.97 -32.40 -14.25
C LEU G 78 -7.14 -33.44 -15.35
N GLU G 79 -6.58 -34.63 -15.16
CA GLU G 79 -6.84 -35.70 -16.12
C GLU G 79 -8.31 -36.09 -16.14
N TYR G 80 -9.01 -35.94 -15.01
CA TYR G 80 -10.45 -36.21 -15.05
C TYR G 80 -11.21 -35.10 -15.75
N LEU G 81 -10.70 -33.87 -15.70
CA LEU G 81 -11.26 -32.81 -16.55
C LEU G 81 -11.07 -33.15 -18.02
N LYS G 82 -9.89 -33.68 -18.37
CA LYS G 82 -9.67 -34.14 -19.73
C LYS G 82 -10.61 -35.28 -20.09
N ILE G 83 -10.93 -36.14 -19.12
CA ILE G 83 -11.89 -37.21 -19.35
C ILE G 83 -13.29 -36.64 -19.59
N LYS G 84 -13.69 -35.63 -18.81
CA LYS G 84 -14.93 -34.92 -19.10
C LYS G 84 -14.94 -34.38 -20.52
N PHE G 85 -13.84 -33.75 -20.92
CA PHE G 85 -13.75 -33.18 -22.26
C PHE G 85 -13.91 -34.24 -23.32
N TYR G 86 -13.23 -35.38 -23.14
CA TYR G 86 -13.37 -36.51 -24.06
C TYR G 86 -14.80 -37.02 -24.10
N TYR G 87 -15.46 -37.05 -22.94
CA TYR G 87 -16.83 -37.56 -22.89
C TYR G 87 -17.78 -36.67 -23.68
N GLU G 88 -17.70 -35.35 -23.48
CA GLU G 88 -18.56 -34.45 -24.25
C GLU G 88 -18.18 -34.47 -25.73
N ALA G 89 -16.90 -34.63 -26.05
CA ALA G 89 -16.50 -34.73 -27.45
C ALA G 89 -17.09 -35.97 -28.10
N GLY G 90 -17.07 -37.11 -27.39
CA GLY G 90 -17.63 -38.34 -27.93
C GLY G 90 -19.14 -38.43 -27.86
N ARG G 91 -19.77 -37.54 -27.10
CA ARG G 91 -21.23 -37.48 -27.04
C ARG G 91 -21.82 -36.40 -27.93
N GLU G 92 -21.11 -35.30 -28.14
CA GLU G 92 -21.58 -34.22 -29.01
C GLU G 92 -20.46 -33.84 -29.97
N LYS G 93 -20.80 -33.76 -31.26
CA LYS G 93 -19.79 -33.42 -32.27
C LYS G 93 -19.31 -31.99 -32.10
N SER G 94 -20.24 -31.04 -31.93
CA SER G 94 -19.88 -29.63 -31.86
C SER G 94 -18.85 -29.39 -30.77
N VAL G 95 -19.01 -30.06 -29.62
CA VAL G 95 -17.99 -30.00 -28.58
C VAL G 95 -16.68 -30.58 -29.10
N ASP G 96 -16.76 -31.61 -29.95
CA ASP G 96 -15.53 -32.23 -30.46
C ASP G 96 -14.72 -31.25 -31.30
N GLU G 97 -15.36 -30.56 -32.26
CA GLU G 97 -14.55 -29.61 -33.01
C GLU G 97 -14.29 -28.31 -32.23
N PHE G 98 -15.07 -27.99 -31.20
CA PHE G 98 -14.68 -26.89 -30.32
C PHE G 98 -13.39 -27.22 -29.59
N LEU G 99 -13.24 -28.46 -29.15
CA LEU G 99 -12.03 -28.90 -28.47
C LEU G 99 -10.87 -29.07 -29.45
N LYS G 100 -11.18 -29.44 -30.69
CA LYS G 100 -10.13 -29.63 -31.70
C LYS G 100 -9.59 -28.29 -32.18
N LYS G 101 -10.45 -27.47 -32.79
CA LYS G 101 -9.98 -26.25 -33.44
C LYS G 101 -9.38 -25.25 -32.46
N THR G 102 -9.71 -25.35 -31.18
CA THR G 102 -9.10 -24.51 -30.16
C THR G 102 -7.90 -25.18 -29.51
N LEU G 103 -7.55 -26.39 -29.96
CA LEU G 103 -6.34 -27.09 -29.51
C LEU G 103 -6.31 -27.26 -27.99
N MET G 104 -7.46 -27.57 -27.39
CA MET G 104 -7.54 -27.63 -25.95
C MET G 104 -6.64 -28.72 -25.38
N PHE G 105 -6.78 -29.94 -25.90
CA PHE G 105 -6.07 -31.09 -25.33
C PHE G 105 -4.55 -30.93 -25.27
N PRO G 106 -3.86 -30.44 -26.32
CA PRO G 106 -2.43 -30.19 -26.16
C PRO G 106 -2.11 -29.20 -25.04
N ILE G 107 -2.92 -28.15 -24.86
CA ILE G 107 -2.65 -27.22 -23.77
C ILE G 107 -2.87 -27.89 -22.43
N ILE G 108 -3.89 -28.75 -22.31
CA ILE G 108 -4.05 -29.50 -21.08
C ILE G 108 -2.81 -30.36 -20.82
N ASP G 109 -2.28 -30.98 -21.86
CA ASP G 109 -1.07 -31.79 -21.71
C ASP G 109 0.11 -30.94 -21.22
N ARG G 110 0.27 -29.75 -21.80
CA ARG G 110 1.33 -28.85 -21.32
C ARG G 110 1.09 -28.45 -19.87
N VAL G 111 -0.17 -28.26 -19.48
CA VAL G 111 -0.46 -27.87 -18.09
C VAL G 111 -0.06 -28.98 -17.14
N ILE G 112 -0.38 -30.23 -17.48
CA ILE G 112 0.03 -31.35 -16.62
C ILE G 112 1.56 -31.47 -16.58
N LYS G 113 2.21 -31.35 -17.74
CA LYS G 113 3.66 -31.55 -17.79
C LYS G 113 4.40 -30.45 -17.05
N LYS G 114 3.94 -29.20 -17.16
CA LYS G 114 4.69 -28.07 -16.64
C LYS G 114 4.75 -28.06 -15.12
N GLU G 115 3.69 -28.52 -14.46
CA GLU G 115 3.63 -28.62 -13.00
C GLU G 115 3.74 -27.23 -12.36
N SER G 116 3.24 -26.20 -13.02
CA SER G 116 3.28 -24.83 -12.52
C SER G 116 1.87 -24.27 -12.47
N LYS G 117 1.51 -23.68 -11.32
CA LYS G 117 0.15 -23.17 -11.13
C LYS G 117 -0.15 -22.04 -12.10
N LYS G 118 0.82 -21.16 -12.34
CA LYS G 118 0.58 -20.01 -13.21
C LYS G 118 0.19 -20.44 -14.62
N PHE G 119 0.75 -21.56 -15.11
CA PHE G 119 0.35 -22.06 -16.41
C PHE G 119 -1.11 -22.51 -16.40
N PHE G 120 -1.55 -23.15 -15.31
CA PHE G 120 -2.95 -23.55 -15.22
C PHE G 120 -3.87 -22.33 -15.18
N LEU G 121 -3.48 -21.29 -14.44
CA LEU G 121 -4.28 -20.06 -14.44
C LEU G 121 -4.31 -19.42 -15.82
N ASP G 122 -3.19 -19.46 -16.54
CA ASP G 122 -3.17 -18.95 -17.91
C ASP G 122 -4.12 -19.74 -18.79
N TYR G 123 -4.15 -21.07 -18.64
CA TYR G 123 -5.09 -21.89 -19.40
C TYR G 123 -6.53 -21.55 -19.05
N CYS G 124 -6.81 -21.30 -17.77
CA CYS G 124 -8.16 -20.93 -17.37
C CYS G 124 -8.57 -19.59 -17.99
N LYS G 125 -7.66 -18.62 -18.01
CA LYS G 125 -7.95 -17.34 -18.66
C LYS G 125 -8.19 -17.54 -20.15
N TYR G 126 -7.38 -18.39 -20.79
CA TYR G 126 -7.59 -18.67 -22.21
C TYR G 126 -8.95 -19.31 -22.45
N PHE G 127 -9.34 -20.24 -21.58
CA PHE G 127 -10.63 -20.92 -21.74
C PHE G 127 -11.79 -19.94 -21.56
N GLU G 128 -11.73 -19.09 -20.53
CA GLU G 128 -12.79 -18.11 -20.35
C GLU G 128 -12.79 -17.05 -21.45
N ALA G 129 -11.67 -16.86 -22.14
CA ALA G 129 -11.69 -16.01 -23.32
C ALA G 129 -12.67 -16.54 -24.36
N LEU G 130 -12.77 -17.87 -24.47
CA LEU G 130 -13.70 -18.46 -25.44
C LEU G 130 -15.12 -17.99 -25.22
N VAL G 131 -15.62 -18.11 -23.98
CA VAL G 131 -16.98 -17.66 -23.70
C VAL G 131 -17.08 -16.15 -23.76
N ALA G 132 -15.99 -15.44 -23.43
CA ALA G 132 -16.01 -13.99 -23.52
C ALA G 132 -16.31 -13.53 -24.93
N TYR G 133 -15.64 -14.13 -25.92
CA TYR G 133 -15.97 -13.79 -27.31
C TYR G 133 -17.27 -14.44 -27.78
N ALA G 134 -17.63 -15.59 -27.23
CA ALA G 134 -18.88 -16.24 -27.63
C ALA G 134 -20.08 -15.38 -27.28
N LYS G 135 -20.08 -14.78 -26.08
CA LYS G 135 -21.14 -13.86 -25.71
C LYS G 135 -21.15 -12.63 -26.62
N TYR G 136 -19.97 -12.12 -26.94
CA TYR G 136 -19.84 -10.94 -27.79
C TYR G 136 -19.72 -11.35 -29.25
N THR H 5 52.88 38.84 -15.64
CA THR H 5 51.47 39.02 -15.94
C THR H 5 50.78 37.66 -16.09
N LYS H 6 49.68 37.48 -15.36
CA LYS H 6 48.96 36.21 -15.35
C LYS H 6 47.55 36.47 -14.85
N VAL H 7 46.64 35.55 -15.17
CA VAL H 7 45.25 35.63 -14.74
C VAL H 7 44.88 34.29 -14.10
N PHE H 8 44.29 34.36 -12.91
CA PHE H 8 43.91 33.18 -12.14
C PHE H 8 42.40 33.04 -12.14
N LYS H 9 41.92 31.84 -12.44
CA LYS H 9 40.50 31.55 -12.56
C LYS H 9 40.09 30.57 -11.48
N LEU H 10 38.93 30.81 -10.86
CA LEU H 10 38.52 30.09 -9.66
C LEU H 10 37.09 29.63 -9.83
N SER H 11 36.87 28.33 -9.67
CA SER H 11 35.53 27.75 -9.61
C SER H 11 35.32 27.23 -8.20
N PHE H 12 34.26 27.70 -7.55
CA PHE H 12 33.97 27.35 -6.16
C PHE H 12 33.02 26.16 -6.12
N LYS H 13 33.43 25.10 -5.43
CA LYS H 13 32.58 23.93 -5.25
C LYS H 13 31.56 24.12 -4.14
N THR H 14 31.67 25.19 -3.37
CA THR H 14 30.77 25.47 -2.25
C THR H 14 30.40 26.94 -2.28
N PRO H 15 29.30 27.32 -1.63
CA PRO H 15 29.00 28.75 -1.50
C PRO H 15 30.08 29.47 -0.70
N VAL H 16 30.11 30.78 -0.85
CA VAL H 16 31.13 31.60 -0.20
C VAL H 16 30.45 32.63 0.69
N HIS H 17 31.20 33.09 1.69
CA HIS H 17 30.68 34.05 2.65
C HIS H 17 31.50 35.34 2.61
N PHE H 18 31.72 35.87 1.41
CA PHE H 18 32.48 37.11 1.29
C PHE H 18 31.68 38.26 1.89
N GLY H 19 31.87 38.53 3.17
CA GLY H 19 31.08 39.54 3.85
C GLY H 19 31.61 40.94 3.61
N LYS H 20 30.79 41.91 4.03
CA LYS H 20 31.16 43.32 3.98
C LYS H 20 31.24 43.92 5.36
N LYS H 21 30.18 43.78 6.17
CA LYS H 21 30.16 44.34 7.51
C LYS H 21 29.64 43.39 8.58
N ARG H 22 28.92 42.32 8.22
CA ARG H 22 28.33 41.44 9.21
C ARG H 22 28.22 40.04 8.64
N LEU H 23 27.98 39.08 9.53
CA LEU H 23 27.78 37.70 9.11
C LEU H 23 26.49 37.52 8.33
N SER H 24 25.56 38.46 8.44
CA SER H 24 24.25 38.33 7.80
C SER H 24 24.26 38.75 6.34
N ASP H 25 25.30 39.43 5.86
CA ASP H 25 25.40 39.85 4.48
C ASP H 25 26.66 39.25 3.86
N GLY H 26 26.54 38.78 2.62
CA GLY H 26 27.68 38.26 1.90
C GLY H 26 27.72 38.77 0.47
N GLU H 27 28.89 39.19 0.02
CA GLU H 27 29.07 39.72 -1.32
C GLU H 27 29.49 38.61 -2.28
N MET H 28 29.55 38.97 -3.56
CA MET H 28 29.97 38.04 -4.60
C MET H 28 31.46 38.10 -4.90
N THR H 29 32.20 39.03 -4.32
CA THR H 29 33.63 39.16 -4.56
C THR H 29 34.35 39.54 -3.28
N ILE H 30 35.66 39.26 -3.27
CA ILE H 30 36.56 39.71 -2.22
C ILE H 30 37.59 40.63 -2.85
N THR H 31 37.75 41.82 -2.28
CA THR H 31 38.70 42.78 -2.81
C THR H 31 40.13 42.27 -2.62
N ALA H 32 41.07 42.97 -3.25
CA ALA H 32 42.45 42.49 -3.30
C ALA H 32 43.09 42.39 -1.94
N ASP H 33 42.65 43.18 -0.95
CA ASP H 33 43.21 43.05 0.39
C ASP H 33 42.85 41.71 1.00
N THR H 34 41.61 41.25 0.81
CA THR H 34 41.21 39.94 1.32
C THR H 34 41.99 38.82 0.63
N LEU H 35 42.13 38.89 -0.69
CA LEU H 35 42.88 37.88 -1.41
C LEU H 35 44.35 37.88 -1.01
N PHE H 36 44.92 39.07 -0.81
CA PHE H 36 46.30 39.16 -0.36
C PHE H 36 46.44 38.58 1.05
N SER H 37 45.47 38.81 1.92
CA SER H 37 45.51 38.21 3.25
C SER H 37 45.47 36.70 3.15
N ALA H 38 44.63 36.16 2.26
CA ALA H 38 44.58 34.72 2.06
C ALA H 38 45.93 34.18 1.57
N LEU H 39 46.52 34.85 0.57
CA LEU H 39 47.81 34.41 0.06
C LEU H 39 48.89 34.49 1.13
N PHE H 40 48.88 35.55 1.92
CA PHE H 40 49.86 35.70 3.00
C PHE H 40 49.70 34.60 4.05
N ILE H 41 48.46 34.34 4.47
CA ILE H 41 48.26 33.33 5.50
C ILE H 41 48.67 31.96 4.97
N GLU H 42 48.41 31.71 3.68
CA GLU H 42 48.80 30.43 3.11
C GLU H 42 50.31 30.31 2.99
N THR H 43 50.99 31.39 2.61
CA THR H 43 52.45 31.37 2.60
C THR H 43 53.00 31.10 3.99
N LEU H 44 52.36 31.67 5.02
CA LEU H 44 52.79 31.41 6.38
C LEU H 44 52.59 29.95 6.77
N GLN H 45 51.48 29.35 6.36
CA GLN H 45 51.30 27.92 6.61
C GLN H 45 52.39 27.10 5.91
N LEU H 46 52.61 27.37 4.63
CA LEU H 46 53.63 26.61 3.89
C LEU H 46 55.05 26.90 4.36
N GLY H 47 55.25 27.92 5.18
CA GLY H 47 56.57 28.23 5.66
C GLY H 47 57.50 28.80 4.60
N LYS H 48 56.94 29.32 3.52
CA LYS H 48 57.75 29.88 2.44
C LYS H 48 58.16 31.30 2.78
N ASP H 49 58.83 31.97 1.85
CA ASP H 49 59.22 33.37 2.04
C ASP H 49 58.12 34.28 1.51
N THR H 50 57.87 35.36 2.24
CA THR H 50 56.78 36.27 1.92
C THR H 50 57.27 37.60 1.35
N ASP H 51 58.57 37.73 1.07
CA ASP H 51 59.09 39.01 0.60
C ASP H 51 58.53 39.37 -0.77
N TRP H 52 58.34 38.36 -1.63
CA TRP H 52 57.78 38.62 -2.95
C TRP H 52 56.36 39.17 -2.87
N LEU H 53 55.59 38.74 -1.87
CA LEU H 53 54.27 39.32 -1.64
C LEU H 53 54.36 40.81 -1.32
N LEU H 54 55.31 41.18 -0.45
CA LEU H 54 55.39 42.54 0.04
C LEU H 54 56.13 43.50 -0.87
N ASN H 55 56.89 42.99 -1.85
CA ASN H 55 57.72 43.87 -2.65
C ASN H 55 57.63 43.65 -4.15
N ASP H 56 57.22 42.47 -4.63
CA ASP H 56 57.20 42.20 -6.06
C ASP H 56 55.86 41.74 -6.62
N LEU H 57 54.82 41.64 -5.79
CA LEU H 57 53.55 41.07 -6.25
C LEU H 57 52.51 42.17 -6.42
N ILE H 58 51.85 42.17 -7.58
CA ILE H 58 50.70 43.01 -7.86
C ILE H 58 49.51 42.10 -8.11
N ILE H 59 48.42 42.33 -7.40
CA ILE H 59 47.18 41.57 -7.60
C ILE H 59 46.01 42.55 -7.60
N SER H 60 44.87 42.08 -8.09
CA SER H 60 43.67 42.89 -8.23
C SER H 60 42.53 42.25 -7.47
N ASP H 61 41.43 42.99 -7.36
CA ASP H 61 40.23 42.48 -6.73
C ASP H 61 39.70 41.28 -7.52
N THR H 62 38.92 40.44 -6.85
CA THR H 62 38.26 39.34 -7.52
C THR H 62 37.10 39.87 -8.36
N PHE H 63 36.99 39.39 -9.59
CA PHE H 63 35.96 39.79 -10.53
C PHE H 63 35.22 38.55 -11.02
N PRO H 64 33.95 38.69 -11.39
CA PRO H 64 33.17 37.51 -11.79
C PRO H 64 33.43 37.09 -13.22
N TYR H 65 33.08 35.83 -13.51
CA TYR H 65 32.95 35.38 -14.89
C TYR H 65 31.78 34.42 -15.00
N GLU H 66 30.99 34.60 -16.07
CA GLU H 66 29.80 33.79 -16.34
C GLU H 66 30.12 32.70 -17.38
N ASN H 67 30.97 31.78 -16.94
CA ASN H 67 31.23 30.48 -17.58
C ASN H 67 32.06 30.56 -18.85
N GLU H 68 32.16 31.73 -19.48
CA GLU H 68 33.10 31.88 -20.58
C GLU H 68 33.78 33.24 -20.63
N LEU H 69 33.16 34.30 -20.11
CA LEU H 69 33.58 35.66 -20.34
C LEU H 69 33.82 36.36 -19.01
N TYR H 70 34.84 37.20 -18.97
CA TYR H 70 35.30 37.81 -17.72
C TYR H 70 34.74 39.22 -17.59
N TYR H 71 34.62 39.66 -16.34
CA TYR H 71 34.11 40.98 -16.01
C TYR H 71 35.20 41.78 -15.32
N LEU H 72 35.04 43.10 -15.34
CA LEU H 72 35.87 44.01 -14.56
C LEU H 72 34.97 45.10 -14.00
N PRO H 73 35.37 45.72 -12.88
CA PRO H 73 34.51 46.73 -12.26
C PRO H 73 34.26 47.91 -13.19
N LYS H 74 33.08 48.50 -13.04
CA LYS H 74 32.67 49.58 -13.94
C LYS H 74 33.53 50.81 -13.70
N PRO H 75 34.20 51.34 -14.72
CA PRO H 75 34.93 52.60 -14.55
C PRO H 75 33.97 53.75 -14.31
N LEU H 76 34.42 54.71 -13.50
CA LEU H 76 33.61 55.87 -13.14
C LEU H 76 34.00 57.08 -13.98
N ILE H 77 33.60 57.04 -15.25
CA ILE H 77 33.87 58.14 -16.16
C ILE H 77 32.57 58.79 -16.62
N LYS H 91 24.54 53.08 -15.46
CA LYS H 91 24.13 53.47 -14.11
C LYS H 91 23.92 52.26 -13.22
N LYS H 92 23.19 51.28 -13.73
CA LYS H 92 22.87 50.07 -12.98
C LYS H 92 23.89 48.96 -13.19
N LEU H 93 24.93 49.20 -13.99
CA LEU H 93 25.95 48.20 -14.21
C LEU H 93 26.86 48.09 -12.98
N LYS H 94 27.28 46.87 -12.69
CA LYS H 94 28.24 46.61 -11.62
C LYS H 94 29.52 45.96 -12.10
N TYR H 95 29.47 45.16 -13.17
CA TYR H 95 30.65 44.52 -13.73
C TYR H 95 30.49 44.47 -15.24
N VAL H 96 31.40 45.12 -15.95
CA VAL H 96 31.35 45.20 -17.40
C VAL H 96 32.17 44.06 -18.00
N PRO H 97 31.66 43.34 -18.99
CA PRO H 97 32.44 42.25 -19.60
C PRO H 97 33.69 42.79 -20.28
N VAL H 98 34.60 41.86 -20.59
CA VAL H 98 35.89 42.22 -21.16
C VAL H 98 35.71 42.89 -22.52
N HIS H 99 34.86 42.32 -23.37
CA HIS H 99 34.72 42.78 -24.75
C HIS H 99 33.89 44.06 -24.88
N HIS H 100 33.65 44.78 -23.78
CA HIS H 100 32.93 46.04 -23.83
C HIS H 100 33.76 47.22 -23.35
N TYR H 101 34.96 46.99 -22.84
CA TYR H 101 35.82 48.10 -22.44
C TYR H 101 36.40 48.84 -23.64
N ASN H 102 36.53 48.17 -24.78
CA ASN H 102 37.02 48.85 -25.98
C ASN H 102 36.06 49.93 -26.47
N GLN H 103 34.83 49.96 -25.96
CA GLN H 103 33.87 51.01 -26.29
C GLN H 103 33.37 51.80 -25.09
N TYR H 104 33.40 51.22 -23.88
CA TYR H 104 32.75 51.90 -22.76
C TYR H 104 33.57 53.10 -22.29
N LEU H 105 34.89 52.94 -22.17
CA LEU H 105 35.73 54.06 -21.73
C LEU H 105 35.63 55.24 -22.68
N ASN H 106 35.64 54.98 -23.99
CA ASN H 106 35.44 56.05 -24.95
C ASN H 106 34.01 56.59 -24.93
N GLY H 107 33.07 55.82 -24.37
CA GLY H 107 31.72 56.29 -24.18
C GLY H 107 30.75 55.92 -25.28
N GLU H 108 30.74 54.65 -25.69
CA GLU H 108 29.85 54.17 -26.74
C GLU H 108 29.14 52.90 -26.32
N LEU H 109 28.57 52.91 -25.11
CA LEU H 109 27.73 51.82 -24.63
C LEU H 109 26.35 52.39 -24.36
N SER H 110 25.33 51.82 -25.02
CA SER H 110 23.96 52.30 -24.85
C SER H 110 23.41 51.89 -23.49
N ALA H 111 22.48 52.69 -22.98
CA ALA H 111 21.82 52.36 -21.72
C ALA H 111 21.02 51.07 -21.84
N GLU H 112 20.43 50.82 -23.02
CA GLU H 112 19.74 49.55 -23.24
C GLU H 112 20.71 48.38 -23.14
N ASP H 113 21.93 48.55 -23.67
CA ASP H 113 22.94 47.50 -23.53
C ASP H 113 23.27 47.23 -22.07
N ALA H 114 23.43 48.31 -21.27
CA ALA H 114 23.72 48.13 -19.85
C ALA H 114 22.59 47.41 -19.14
N THR H 115 21.34 47.78 -19.45
CA THR H 115 20.20 47.10 -18.86
C THR H 115 20.17 45.62 -19.25
N ASP H 116 20.46 45.32 -20.51
CA ASP H 116 20.50 43.93 -20.94
C ASP H 116 21.57 43.14 -20.22
N LEU H 117 22.76 43.72 -20.06
CA LEU H 117 23.82 43.05 -19.33
C LEU H 117 23.42 42.81 -17.88
N ASN H 118 22.81 43.82 -17.24
CA ASN H 118 22.35 43.64 -15.87
C ASN H 118 21.31 42.53 -15.76
N ASP H 119 20.42 42.44 -16.75
CA ASP H 119 19.42 41.38 -16.76
C ASP H 119 20.08 40.01 -16.93
N ILE H 120 21.10 39.93 -17.77
CA ILE H 120 21.70 38.63 -18.08
C ILE H 120 22.75 38.23 -17.03
N PHE H 121 23.53 39.19 -16.55
CA PHE H 121 24.64 38.89 -15.64
C PHE H 121 24.10 38.40 -14.30
N ASN H 122 24.32 37.12 -14.01
CA ASN H 122 24.03 36.58 -12.68
C ASN H 122 24.95 35.38 -12.47
N ILE H 123 26.06 35.61 -11.77
CA ILE H 123 27.03 34.54 -11.50
C ILE H 123 26.58 33.59 -10.40
N GLY H 124 25.55 33.96 -9.65
CA GLY H 124 25.10 33.09 -8.58
C GLY H 124 23.94 33.74 -7.85
N TYR H 125 23.55 33.11 -6.75
CA TYR H 125 22.42 33.55 -5.96
C TYR H 125 22.82 33.71 -4.50
N PHE H 126 22.34 34.78 -3.89
CA PHE H 126 22.57 35.02 -2.46
C PHE H 126 21.56 34.24 -1.65
N SER H 127 22.05 33.45 -0.70
CA SER H 127 21.22 32.62 0.15
C SER H 127 21.49 32.98 1.61
N LEU H 128 20.45 33.39 2.31
CA LEU H 128 20.57 33.70 3.74
C LEU H 128 20.22 32.42 4.50
N GLN H 129 21.24 31.57 4.70
CA GLN H 129 21.00 30.30 5.36
C GLN H 129 20.94 30.50 6.86
N THR H 130 19.86 30.01 7.47
CA THR H 130 19.64 30.18 8.89
C THR H 130 20.17 28.98 9.64
N LYS H 131 21.00 29.22 10.65
CA LYS H 131 21.65 28.19 11.43
C LYS H 131 21.35 28.41 12.90
N VAL H 132 21.76 27.46 13.74
CA VAL H 132 21.60 27.57 15.18
C VAL H 132 22.93 27.28 15.84
N SER H 133 23.09 27.83 17.04
CA SER H 133 24.18 27.47 17.93
C SER H 133 23.59 26.81 19.16
N LEU H 134 24.09 25.61 19.47
CA LEU H 134 23.66 24.84 20.63
C LEU H 134 24.75 24.72 21.68
N ILE H 135 25.72 25.65 21.68
CA ILE H 135 26.77 25.63 22.70
C ILE H 135 26.16 25.77 24.09
N ALA H 136 25.19 26.67 24.24
CA ALA H 136 24.54 26.85 25.53
C ALA H 136 23.86 25.56 26.00
N GLN H 137 23.38 24.74 25.07
CA GLN H 137 22.79 23.47 25.45
C GLN H 137 23.83 22.39 25.74
N GLU H 138 25.08 22.59 25.34
CA GLU H 138 26.11 21.59 25.62
C GLU H 138 26.36 21.48 27.12
N THR H 139 26.41 22.61 27.82
CA THR H 139 26.61 22.63 29.26
C THR H 139 25.28 22.80 30.00
N ASP H 140 24.54 23.86 29.68
CA ASP H 140 23.20 24.08 30.25
C ASP H 140 22.21 23.37 29.34
N SER H 141 22.00 22.07 29.62
CA SER H 141 21.10 21.28 28.79
C SER H 141 19.68 21.80 28.81
N SER H 142 19.32 22.59 29.81
CA SER H 142 17.99 23.19 29.89
C SER H 142 17.91 24.55 29.21
N ALA H 143 18.99 25.00 28.58
CA ALA H 143 19.01 26.30 27.91
C ALA H 143 18.31 26.18 26.56
N ASP H 144 18.44 27.21 25.73
CA ASP H 144 17.76 27.26 24.44
C ASP H 144 18.76 27.55 23.33
N SER H 145 18.43 27.08 22.13
CA SER H 145 19.26 27.33 20.96
C SER H 145 19.28 28.81 20.62
N GLU H 146 20.41 29.27 20.10
CA GLU H 146 20.47 30.64 19.62
C GLU H 146 20.59 30.66 18.10
N PRO H 147 19.55 31.05 17.37
CA PRO H 147 19.63 31.05 15.91
C PRO H 147 20.29 32.31 15.37
N TYR H 148 20.94 32.14 14.22
CA TYR H 148 21.57 33.24 13.51
C TYR H 148 21.44 32.96 12.02
N SER H 149 21.94 33.89 11.21
CA SER H 149 21.86 33.77 9.77
C SER H 149 23.21 34.07 9.15
N VAL H 150 23.58 33.29 8.15
CA VAL H 150 24.81 33.49 7.39
C VAL H 150 24.40 33.79 5.95
N GLY H 151 24.82 34.93 5.44
CA GLY H 151 24.51 35.29 4.07
C GLY H 151 25.60 34.84 3.12
N THR H 152 25.39 33.71 2.46
CA THR H 152 26.37 33.16 1.55
C THR H 152 25.98 33.46 0.10
N PHE H 153 26.92 33.23 -0.80
CA PHE H 153 26.72 33.44 -2.23
C PHE H 153 27.07 32.13 -2.93
N THR H 154 26.05 31.44 -3.45
CA THR H 154 26.26 30.17 -4.13
C THR H 154 26.41 30.44 -5.63
N PHE H 155 27.55 30.04 -6.18
CA PHE H 155 27.87 30.36 -7.56
C PHE H 155 27.18 29.40 -8.53
N GLU H 156 26.83 29.91 -9.69
CA GLU H 156 26.35 29.07 -10.78
C GLU H 156 27.49 28.19 -11.26
N PRO H 157 27.19 27.04 -11.87
CA PRO H 157 28.27 26.13 -12.25
C PRO H 157 29.04 26.61 -13.48
N GLU H 158 30.33 26.31 -13.48
CA GLU H 158 31.31 26.93 -14.37
C GLU H 158 31.35 28.46 -14.25
N ALA H 159 30.57 29.04 -13.35
CA ALA H 159 30.65 30.46 -13.06
C ALA H 159 31.49 30.68 -11.81
N GLY H 160 32.16 31.83 -11.73
CA GLY H 160 32.98 32.04 -10.55
C GLY H 160 33.83 33.29 -10.53
N LEU H 161 35.02 33.19 -9.94
CA LEU H 161 35.86 34.36 -9.70
C LEU H 161 37.14 34.29 -10.53
N TYR H 162 37.78 35.43 -10.72
CA TYR H 162 39.07 35.47 -11.41
C TYR H 162 39.72 36.80 -11.09
N PHE H 163 41.05 36.82 -11.15
CA PHE H 163 41.76 38.07 -10.92
C PHE H 163 43.08 38.10 -11.68
N ILE H 164 43.63 39.30 -11.82
CA ILE H 164 44.85 39.55 -12.58
C ILE H 164 45.98 39.77 -11.58
N ALA H 165 47.06 38.98 -11.72
CA ALA H 165 48.23 39.07 -10.86
C ALA H 165 49.45 39.37 -11.71
N LYS H 166 50.30 40.27 -11.23
CA LYS H 166 51.50 40.68 -11.94
C LYS H 166 52.74 40.40 -11.11
N GLY H 167 53.86 40.20 -11.80
CA GLY H 167 55.12 39.95 -11.13
C GLY H 167 56.09 39.26 -12.06
N SER H 168 57.21 38.84 -11.48
CA SER H 168 58.21 38.08 -12.20
C SER H 168 57.78 36.62 -12.32
N GLU H 169 58.48 35.88 -13.19
CA GLU H 169 58.15 34.48 -13.38
C GLU H 169 58.36 33.68 -12.10
N GLU H 170 59.39 34.03 -11.33
CA GLU H 170 59.64 33.32 -10.07
C GLU H 170 58.59 33.70 -9.03
N THR H 171 58.22 34.98 -8.98
CA THR H 171 57.13 35.38 -8.09
C THR H 171 55.81 34.73 -8.50
N LEU H 172 55.58 34.59 -9.81
CA LEU H 172 54.38 33.91 -10.27
C LEU H 172 54.39 32.43 -9.90
N ASP H 173 55.55 31.77 -9.98
CA ASP H 173 55.63 30.38 -9.53
C ASP H 173 55.40 30.26 -8.03
N HIS H 174 55.95 31.21 -7.25
CA HIS H 174 55.67 31.27 -5.83
C HIS H 174 54.17 31.35 -5.58
N LEU H 175 53.50 32.26 -6.30
CA LEU H 175 52.06 32.44 -6.09
C LEU H 175 51.29 31.22 -6.54
N ASN H 176 51.77 30.54 -7.60
CA ASN H 176 51.12 29.31 -8.05
C ASN H 176 51.17 28.23 -6.98
N ASN H 177 52.32 28.08 -6.32
CA ASN H 177 52.41 27.12 -5.22
C ASN H 177 51.51 27.53 -4.05
N ILE H 178 51.53 28.81 -3.70
CA ILE H 178 50.69 29.30 -2.60
C ILE H 178 49.23 29.03 -2.90
N MET H 179 48.81 29.22 -4.14
CA MET H 179 47.42 29.03 -4.50
C MET H 179 47.07 27.56 -4.67
N THR H 180 48.06 26.73 -5.01
CA THR H 180 47.87 25.28 -4.95
C THR H 180 47.49 24.86 -3.54
N ALA H 181 48.14 25.45 -2.54
CA ALA H 181 47.69 25.23 -1.16
C ALA H 181 46.35 25.92 -0.89
N LEU H 182 46.12 27.09 -1.51
CA LEU H 182 44.96 27.90 -1.18
C LEU H 182 43.66 27.22 -1.58
N GLN H 183 43.62 26.54 -2.72
CA GLN H 183 42.35 25.99 -3.18
C GLN H 183 41.75 25.03 -2.16
N TYR H 184 42.59 24.35 -1.40
CA TYR H 184 42.13 23.54 -0.29
C TYR H 184 42.15 24.31 1.03
N SER H 185 42.78 25.47 1.07
CA SER H 185 42.65 26.33 2.25
C SER H 185 41.27 26.97 2.32
N GLY H 186 40.79 27.52 1.21
CA GLY H 186 39.51 28.20 1.15
C GLY H 186 39.65 29.72 1.14
N LEU H 187 38.55 30.38 0.84
CA LEU H 187 38.50 31.84 0.76
C LEU H 187 37.31 32.39 1.56
N GLY H 188 37.43 33.65 1.95
CA GLY H 188 36.33 34.33 2.60
C GLY H 188 36.11 33.87 4.02
N GLY H 189 34.89 34.13 4.51
CA GLY H 189 34.52 33.74 5.85
C GLY H 189 33.86 32.37 5.90
N LYS H 190 33.75 31.85 7.13
CA LYS H 190 33.17 30.54 7.39
C LYS H 190 33.86 29.46 6.56
N ARG H 191 35.19 29.54 6.49
CA ARG H 191 35.95 28.60 5.69
C ARG H 191 35.87 27.18 6.26
N ASN H 192 35.96 27.05 7.58
CA ASN H 192 35.85 25.75 8.21
C ASN H 192 34.42 25.22 8.26
N ALA H 193 33.44 26.04 7.90
CA ALA H 193 32.03 25.68 8.01
C ALA H 193 31.40 25.43 6.63
N GLY H 194 32.15 24.81 5.74
CA GLY H 194 31.61 24.38 4.46
C GLY H 194 31.58 25.43 3.38
N TYR H 195 32.35 26.50 3.51
CA TYR H 195 32.35 27.58 2.54
C TYR H 195 33.78 27.96 2.17
N GLY H 196 33.93 28.52 0.98
CA GLY H 196 35.19 29.10 0.56
C GLY H 196 36.12 28.17 -0.19
N GLN H 197 35.91 26.87 -0.14
CA GLN H 197 36.77 25.94 -0.88
C GLN H 197 36.53 26.10 -2.37
N PHE H 198 37.61 26.03 -3.13
CA PHE H 198 37.56 26.28 -4.57
C PHE H 198 38.61 25.44 -5.28
N GLU H 199 38.68 25.61 -6.60
CA GLU H 199 39.74 25.04 -7.40
C GLU H 199 40.08 26.03 -8.50
N TYR H 200 41.37 26.22 -8.76
CA TYR H 200 41.83 27.27 -9.64
C TYR H 200 42.48 26.66 -10.89
N GLU H 201 42.57 27.50 -11.92
CA GLU H 201 43.24 27.14 -13.15
C GLU H 201 43.89 28.39 -13.75
N ILE H 202 44.85 28.14 -14.63
CA ILE H 202 45.63 29.18 -15.28
C ILE H 202 45.36 29.07 -16.78
N ILE H 203 44.65 30.05 -17.33
CA ILE H 203 44.40 30.12 -18.76
C ILE H 203 44.65 31.54 -19.23
N ASN H 204 44.93 31.67 -20.52
CA ASN H 204 45.23 32.95 -21.14
C ASN H 204 44.11 33.36 -22.07
N ASN H 205 43.62 34.59 -21.90
CA ASN H 205 42.67 35.20 -22.81
C ASN H 205 43.38 36.36 -23.51
N GLN H 206 43.38 36.34 -24.84
CA GLN H 206 44.03 37.40 -25.59
C GLN H 206 43.37 38.75 -25.34
N GLN H 207 42.07 38.76 -25.07
CA GLN H 207 41.41 40.02 -24.73
C GLN H 207 41.95 40.59 -23.42
N LEU H 208 42.15 39.72 -22.42
CA LEU H 208 42.67 40.22 -21.15
C LEU H 208 44.04 40.85 -21.32
N SER H 209 44.91 40.21 -22.11
CA SER H 209 46.21 40.81 -22.42
C SER H 209 46.04 42.14 -23.14
N LYS H 210 45.11 42.19 -24.10
CA LYS H 210 44.96 43.42 -24.89
C LYS H 210 44.50 44.59 -24.03
N LEU H 211 43.51 44.37 -23.16
CA LEU H 211 43.11 45.44 -22.24
C LEU H 211 44.23 45.76 -21.24
N LEU H 212 45.01 44.75 -20.84
CA LEU H 212 46.13 45.01 -19.95
C LEU H 212 47.24 45.81 -20.62
N ASN H 213 47.31 45.80 -21.96
CA ASN H 213 48.37 46.49 -22.68
C ASN H 213 47.92 47.82 -23.29
N GLN H 214 46.77 48.35 -22.90
CA GLN H 214 46.34 49.62 -23.43
C GLN H 214 47.12 50.77 -22.81
N ASN H 215 46.96 51.95 -23.39
CA ASN H 215 47.51 53.18 -22.86
C ASN H 215 46.46 54.28 -22.95
N GLY H 216 46.58 55.27 -22.07
CA GLY H 216 45.64 56.37 -22.06
C GLY H 216 46.01 57.37 -21.00
N LYS H 217 45.44 58.57 -21.15
CA LYS H 217 45.69 59.64 -20.19
C LYS H 217 45.15 59.29 -18.81
N HIS H 218 43.97 58.66 -18.76
CA HIS H 218 43.37 58.26 -17.49
C HIS H 218 44.09 57.03 -16.95
N SER H 219 43.58 56.48 -15.86
CA SER H 219 44.15 55.25 -15.29
C SER H 219 43.08 54.60 -14.42
N ILE H 220 42.44 53.56 -14.94
CA ILE H 220 41.43 52.84 -14.17
C ILE H 220 42.12 51.86 -13.22
N LEU H 221 41.63 51.84 -11.99
CA LEU H 221 42.23 51.10 -10.89
C LEU H 221 41.49 49.79 -10.65
N LEU H 222 42.23 48.76 -10.21
CA LEU H 222 41.67 47.43 -10.07
C LEU H 222 41.95 46.78 -8.72
N SER H 223 42.53 47.51 -7.77
CA SER H 223 42.84 46.95 -6.45
C SER H 223 42.81 48.06 -5.42
N THR H 224 42.10 47.84 -4.31
CA THR H 224 41.87 48.87 -3.29
C THR H 224 43.19 49.47 -2.83
N ALA H 225 43.40 50.77 -3.11
CA ALA H 225 44.74 51.35 -3.02
C ALA H 225 44.71 52.73 -2.37
N MET H 226 45.84 53.07 -1.76
CA MET H 226 46.19 54.42 -1.31
C MET H 226 47.70 54.62 -1.43
N ALA H 227 48.08 55.86 -1.70
CA ALA H 227 49.47 56.26 -1.87
C ALA H 227 50.17 56.36 -0.52
N LYS H 228 51.48 56.55 -0.57
CA LYS H 228 52.25 56.80 0.63
C LYS H 228 51.97 58.22 1.14
N LYS H 229 52.48 58.51 2.33
CA LYS H 229 52.25 59.81 2.95
C LYS H 229 52.87 60.95 2.17
N GLU H 230 53.79 60.65 1.26
CA GLU H 230 54.40 61.67 0.41
C GLU H 230 53.86 61.69 -1.01
N GLU H 231 53.25 60.60 -1.47
CA GLU H 231 52.69 60.51 -2.81
C GLU H 231 51.20 60.82 -2.86
N ILE H 232 50.57 61.08 -1.70
CA ILE H 232 49.13 61.22 -1.66
C ILE H 232 48.69 62.51 -2.34
N GLU H 233 49.47 63.59 -2.19
CA GLU H 233 49.05 64.90 -2.67
C GLU H 233 48.86 64.91 -4.18
N SER H 234 49.87 64.44 -4.92
CA SER H 234 49.82 64.48 -6.39
C SER H 234 49.25 63.18 -6.95
N ALA H 235 48.08 62.79 -6.45
CA ALA H 235 47.40 61.60 -6.97
C ALA H 235 45.92 61.90 -7.18
N LEU H 236 45.38 62.85 -6.42
CA LEU H 236 43.96 63.17 -6.45
C LEU H 236 43.59 64.14 -7.56
N LYS H 237 44.56 64.75 -8.22
CA LYS H 237 44.26 65.78 -9.22
C LYS H 237 43.59 65.15 -10.44
N GLU H 238 42.50 65.78 -10.89
CA GLU H 238 41.72 65.32 -12.04
C GLU H 238 41.32 63.86 -11.88
N ALA H 239 40.52 63.62 -10.83
CA ALA H 239 40.12 62.27 -10.48
C ALA H 239 38.66 62.25 -10.03
N ARG H 240 37.93 61.25 -10.47
CA ARG H 240 36.61 60.93 -9.96
C ARG H 240 36.59 59.45 -9.62
N TYR H 241 36.29 59.13 -8.37
CA TYR H 241 36.45 57.77 -7.88
C TYR H 241 35.41 57.50 -6.79
N ILE H 242 35.50 56.33 -6.18
CA ILE H 242 34.70 55.97 -5.02
C ILE H 242 35.63 55.47 -3.94
N LEU H 243 35.48 56.00 -2.72
CA LEU H 243 36.33 55.68 -1.60
C LEU H 243 35.54 54.89 -0.57
N THR H 244 36.15 53.82 -0.04
CA THR H 244 35.45 52.90 0.83
C THR H 244 36.18 52.72 2.16
N LYS H 245 35.39 52.48 3.19
CA LYS H 245 35.92 52.04 4.48
C LYS H 245 36.16 50.54 4.43
N ARG H 246 37.34 50.12 4.87
CA ARG H 246 37.72 48.72 4.93
C ARG H 246 38.19 48.44 6.35
N SER H 247 37.58 47.45 6.98
CA SER H 247 37.88 47.07 8.34
C SER H 247 37.78 45.56 8.44
N GLY H 248 37.73 45.06 9.66
CA GLY H 248 37.66 43.65 9.90
C GLY H 248 38.42 43.29 11.16
N PHE H 249 38.57 42.01 11.40
CA PHE H 249 39.26 41.49 12.57
C PHE H 249 40.50 40.72 12.13
N VAL H 250 41.56 40.86 12.90
CA VAL H 250 42.83 40.19 12.60
C VAL H 250 42.64 38.69 12.77
N GLN H 251 42.63 37.96 11.66
CA GLN H 251 42.47 36.50 11.68
C GLN H 251 43.86 35.89 11.86
N SER H 252 44.27 35.79 13.12
CA SER H 252 45.59 35.26 13.43
C SER H 252 45.57 34.59 14.79
N THR H 253 46.20 33.43 14.88
CA THR H 253 46.30 32.74 16.16
C THR H 253 47.14 33.52 17.16
N ASN H 254 48.24 34.12 16.70
CA ASN H 254 49.25 34.67 17.59
C ASN H 254 49.24 36.19 17.66
N TYR H 255 48.32 36.86 16.95
CA TYR H 255 48.33 38.33 16.94
C TYR H 255 48.10 38.89 18.34
N SER H 256 47.13 38.33 19.06
CA SER H 256 46.80 38.80 20.40
C SER H 256 46.10 37.69 21.16
N GLU H 257 46.01 37.85 22.47
CA GLU H 257 45.27 36.91 23.30
C GLU H 257 43.80 36.88 22.90
N MET H 258 43.21 38.05 22.68
CA MET H 258 41.81 38.19 22.29
C MET H 258 41.73 38.69 20.85
N LEU H 259 40.64 38.37 20.18
CA LEU H 259 40.40 38.88 18.83
C LEU H 259 40.39 40.40 18.84
N VAL H 260 41.09 40.99 17.87
CA VAL H 260 41.25 42.44 17.79
C VAL H 260 40.78 42.91 16.43
N LYS H 261 39.92 43.93 16.43
CA LYS H 261 39.46 44.53 15.18
C LYS H 261 40.63 45.24 14.48
N LYS H 262 40.67 45.13 13.16
CA LYS H 262 41.68 45.84 12.40
C LYS H 262 41.47 47.34 12.50
N SER H 263 42.56 48.09 12.55
CA SER H 263 42.46 49.54 12.47
C SER H 263 41.82 49.93 11.14
N ASP H 264 40.85 50.83 11.20
CA ASP H 264 40.09 51.19 10.01
C ASP H 264 41.02 51.78 8.96
N PHE H 265 40.84 51.36 7.71
CA PHE H 265 41.64 51.84 6.61
C PHE H 265 40.73 52.18 5.44
N TYR H 266 40.89 53.37 4.88
CA TYR H 266 40.09 53.79 3.74
C TYR H 266 40.88 53.52 2.47
N SER H 267 40.20 53.07 1.42
CA SER H 267 40.86 52.66 0.19
C SER H 267 40.04 53.08 -1.02
N PHE H 268 40.73 53.34 -2.12
CA PHE H 268 40.05 53.60 -3.38
C PHE H 268 39.48 52.29 -3.93
N SER H 269 38.17 52.24 -4.09
CA SER H 269 37.54 51.03 -4.60
C SER H 269 37.94 50.80 -6.06
N SER H 270 37.80 49.55 -6.50
CA SER H 270 38.14 49.19 -7.86
C SER H 270 37.27 49.95 -8.86
N GLY H 271 37.86 50.29 -9.99
CA GLY H 271 37.17 51.06 -11.01
C GLY H 271 37.35 52.56 -10.92
N SER H 272 38.31 53.04 -10.12
CA SER H 272 38.54 54.46 -9.96
C SER H 272 39.20 55.04 -11.21
N VAL H 273 39.32 56.36 -11.23
CA VAL H 273 39.92 57.09 -12.36
C VAL H 273 40.94 58.07 -11.81
N PHE H 274 42.17 58.00 -12.33
CA PHE H 274 43.27 58.84 -11.89
C PHE H 274 43.97 59.46 -13.10
N LYS H 275 44.28 60.75 -12.98
CA LYS H 275 45.06 61.40 -14.03
C LYS H 275 46.50 60.87 -14.05
N ASN H 276 47.14 60.82 -12.88
CA ASN H 276 48.49 60.31 -12.74
C ASN H 276 48.49 59.13 -11.79
N ILE H 277 49.19 58.06 -12.18
CA ILE H 277 49.18 56.83 -11.40
C ILE H 277 50.01 57.00 -10.13
N PHE H 278 49.83 56.07 -9.19
CA PHE H 278 50.62 56.01 -7.97
C PHE H 278 50.98 54.56 -7.70
N ASN H 279 52.10 54.36 -7.01
CA ASN H 279 52.65 53.02 -6.82
C ASN H 279 51.92 52.19 -5.76
N GLY H 280 51.23 52.84 -4.83
CA GLY H 280 50.54 52.11 -3.77
C GLY H 280 51.50 51.64 -2.70
N ASP H 281 50.94 50.97 -1.69
CA ASP H 281 51.76 50.55 -0.57
C ASP H 281 51.07 49.44 0.21
N ILE H 282 51.86 48.74 1.01
CA ILE H 282 51.37 47.70 1.90
C ILE H 282 51.41 48.30 3.30
N PHE H 283 50.29 48.86 3.76
CA PHE H 283 50.28 49.58 5.03
C PHE H 283 50.05 48.63 6.21
N ASN H 284 50.85 48.80 7.25
CA ASN H 284 50.66 48.07 8.50
C ASN H 284 49.48 48.70 9.25
N VAL H 285 48.33 48.04 9.18
CA VAL H 285 47.13 48.53 9.84
C VAL H 285 46.88 47.81 11.17
N GLY H 286 47.91 47.22 11.76
CA GLY H 286 47.79 46.62 13.07
C GLY H 286 48.39 47.49 14.15
N HIS H 287 47.93 47.30 15.39
CA HIS H 287 48.51 48.00 16.53
C HIS H 287 49.80 47.31 16.95
N ASN H 288 50.30 47.60 18.15
CA ASN H 288 51.53 46.97 18.61
C ASN H 288 51.27 45.51 18.97
N GLY H 289 50.82 44.73 18.00
CA GLY H 289 50.61 43.30 18.19
C GLY H 289 51.88 42.51 17.96
N LYS H 290 51.75 41.19 18.06
CA LYS H 290 52.90 40.32 17.89
C LYS H 290 53.45 40.38 16.48
N HIS H 291 52.59 40.55 15.49
CA HIS H 291 53.01 40.63 14.09
C HIS H 291 52.19 41.70 13.37
N PRO H 292 52.72 42.27 12.30
CA PRO H 292 51.97 43.30 11.58
C PRO H 292 50.83 42.72 10.77
N VAL H 293 49.93 43.61 10.35
CA VAL H 293 48.82 43.29 9.46
C VAL H 293 48.98 44.15 8.22
N TYR H 294 48.98 43.52 7.05
CA TYR H 294 49.45 44.15 5.82
C TYR H 294 48.27 44.45 4.90
N ARG H 295 47.64 45.60 5.09
CA ARG H 295 46.59 46.03 4.18
C ARG H 295 47.21 46.32 2.82
N TYR H 296 46.73 45.60 1.80
CA TYR H 296 47.23 45.70 0.45
C TYR H 296 46.65 46.92 -0.25
N ALA H 297 47.52 47.77 -0.80
CA ALA H 297 47.06 48.93 -1.55
C ALA H 297 47.97 49.17 -2.75
N LYS H 298 48.31 48.12 -3.47
CA LYS H 298 49.09 48.27 -4.70
C LYS H 298 48.12 48.27 -5.87
N PRO H 299 47.92 49.40 -6.55
CA PRO H 299 46.89 49.46 -7.59
C PRO H 299 47.36 48.84 -8.89
N LEU H 300 46.48 48.05 -9.49
CA LEU H 300 46.71 47.47 -10.82
C LEU H 300 45.92 48.31 -11.82
N TRP H 301 46.62 48.88 -12.79
CA TRP H 301 46.03 49.78 -13.77
C TRP H 301 45.77 49.05 -15.08
N LEU H 302 44.57 49.23 -15.62
CA LEU H 302 44.16 48.63 -16.89
C LEU H 302 43.55 49.70 -17.79
N GLU H 303 44.20 50.85 -17.87
CA GLU H 303 43.72 51.93 -18.72
C GLU H 303 43.97 51.60 -20.18
N THR I 2 -37.93 -5.49 19.00
CA THR I 2 -38.62 -6.66 19.53
C THR I 2 -38.07 -7.94 18.90
N ILE I 3 -37.32 -8.71 19.70
CA ILE I 3 -36.62 -9.90 19.23
C ILE I 3 -37.42 -11.13 19.65
N LYS I 4 -37.74 -11.97 18.67
CA LYS I 4 -38.49 -13.19 18.90
C LYS I 4 -37.96 -14.28 17.98
N ASN I 5 -37.71 -15.46 18.55
CA ASN I 5 -37.13 -16.58 17.82
C ASN I 5 -38.13 -17.72 17.75
N TYR I 6 -38.11 -18.43 16.62
CA TYR I 6 -39.10 -19.44 16.33
C TYR I 6 -38.44 -20.69 15.76
N GLU I 7 -38.90 -21.84 16.24
CA GLU I 7 -38.53 -23.12 15.65
C GLU I 7 -39.57 -23.45 14.60
N VAL I 8 -39.13 -23.56 13.35
CA VAL I 8 -40.01 -23.84 12.23
C VAL I 8 -39.68 -25.24 11.73
N VAL I 9 -40.70 -26.10 11.68
CA VAL I 9 -40.57 -27.48 11.25
C VAL I 9 -41.19 -27.59 9.87
N ILE I 10 -40.41 -28.10 8.93
CA ILE I 10 -40.87 -28.38 7.57
C ILE I 10 -40.98 -29.89 7.44
N LYS I 11 -42.20 -30.35 7.16
CA LYS I 11 -42.49 -31.77 6.94
C LYS I 11 -42.69 -31.97 5.45
N THR I 12 -41.85 -32.80 4.85
CA THR I 12 -41.85 -32.98 3.40
C THR I 12 -43.02 -33.87 3.01
N LEU I 13 -44.12 -33.26 2.57
CA LEU I 13 -45.20 -34.04 1.97
C LEU I 13 -44.83 -34.49 0.56
N GLY I 14 -44.03 -33.69 -0.14
CA GLY I 14 -43.46 -34.07 -1.40
C GLY I 14 -41.96 -33.85 -1.39
N PRO I 15 -41.23 -34.61 -2.19
CA PRO I 15 -39.77 -34.44 -2.24
C PRO I 15 -39.38 -33.05 -2.69
N ILE I 16 -38.32 -32.51 -2.09
CA ILE I 16 -37.81 -31.19 -2.40
C ILE I 16 -36.34 -31.29 -2.75
N HIS I 17 -35.93 -30.61 -3.81
CA HIS I 17 -34.55 -30.64 -4.28
C HIS I 17 -34.09 -29.22 -4.55
N ILE I 18 -33.11 -28.76 -3.77
CA ILE I 18 -32.51 -27.45 -3.97
C ILE I 18 -31.19 -27.68 -4.71
N GLY I 19 -31.18 -27.35 -5.99
CA GLY I 19 -30.04 -27.68 -6.82
C GLY I 19 -28.84 -26.81 -6.55
N SER I 20 -27.77 -27.09 -7.30
CA SER I 20 -26.53 -26.33 -7.22
C SER I 20 -25.93 -26.04 -8.59
N GLY I 21 -26.58 -26.47 -9.67
CA GLY I 21 -26.00 -26.41 -10.99
C GLY I 21 -25.03 -27.53 -11.30
N GLN I 22 -24.80 -28.44 -10.35
CA GLN I 22 -23.90 -29.57 -10.57
C GLN I 22 -24.68 -30.71 -11.21
N VAL I 23 -25.02 -30.52 -12.49
CA VAL I 23 -25.66 -31.57 -13.25
C VAL I 23 -24.59 -32.58 -13.63
N MET I 24 -24.43 -33.61 -12.80
CA MET I 24 -23.37 -34.59 -13.00
C MET I 24 -23.83 -35.60 -14.06
N LYS I 25 -22.94 -35.94 -14.97
CA LYS I 25 -23.32 -36.63 -16.19
C LYS I 25 -23.30 -38.15 -15.98
N LYS I 26 -23.40 -38.89 -17.09
CA LYS I 26 -23.55 -40.34 -17.05
C LYS I 26 -22.30 -41.07 -16.63
N GLN I 27 -21.15 -40.41 -16.62
CA GLN I 27 -19.86 -41.06 -16.39
C GLN I 27 -19.39 -40.94 -14.96
N ASP I 28 -20.23 -40.46 -14.04
CA ASP I 28 -19.80 -40.22 -12.67
C ASP I 28 -20.71 -40.99 -11.70
N TYR I 29 -21.35 -42.06 -12.17
CA TYR I 29 -22.16 -42.89 -11.28
C TYR I 29 -22.34 -44.26 -11.91
N ILE I 30 -22.67 -45.23 -11.06
CA ILE I 30 -23.01 -46.58 -11.48
C ILE I 30 -24.37 -46.93 -10.90
N TYR I 31 -25.34 -47.20 -11.76
CA TYR I 31 -26.68 -47.56 -11.32
C TYR I 31 -26.84 -49.08 -11.32
N ASP I 32 -27.16 -49.65 -10.16
CA ASP I 32 -27.41 -51.08 -10.07
C ASP I 32 -28.90 -51.31 -10.27
N PHE I 33 -29.28 -51.70 -11.49
CA PHE I 33 -30.69 -51.88 -11.82
C PHE I 33 -31.37 -52.95 -10.96
N TYR I 34 -30.59 -53.87 -10.40
CA TYR I 34 -31.12 -54.93 -9.56
C TYR I 34 -31.20 -54.53 -8.09
N ASN I 35 -30.58 -53.40 -7.71
CA ASN I 35 -30.59 -52.96 -6.33
C ASN I 35 -31.38 -51.69 -6.09
N SER I 36 -31.89 -51.04 -7.15
CA SER I 36 -32.56 -49.73 -7.02
C SER I 36 -31.66 -48.74 -6.30
N LYS I 37 -30.37 -48.78 -6.62
CA LYS I 37 -29.37 -47.98 -5.94
C LYS I 37 -28.42 -47.38 -6.97
N VAL I 38 -27.92 -46.18 -6.65
CA VAL I 38 -26.90 -45.52 -7.46
C VAL I 38 -25.67 -45.30 -6.59
N TYR I 39 -24.51 -45.57 -7.16
CA TYR I 39 -23.23 -45.35 -6.49
C TYR I 39 -22.58 -44.14 -7.14
N MET I 40 -22.29 -43.13 -6.32
CA MET I 40 -21.68 -41.88 -6.74
C MET I 40 -20.22 -41.94 -6.35
N ILE I 41 -19.34 -41.70 -7.33
CA ILE I 41 -17.91 -41.86 -7.15
C ILE I 41 -17.25 -40.48 -7.13
N ASN I 42 -16.02 -40.44 -6.64
CA ASN I 42 -15.20 -39.24 -6.66
C ASN I 42 -14.27 -39.34 -7.85
N GLY I 43 -14.18 -38.27 -8.64
CA GLY I 43 -13.42 -38.32 -9.88
C GLY I 43 -11.94 -38.59 -9.66
N ASN I 44 -11.37 -38.02 -8.59
CA ASN I 44 -9.96 -38.25 -8.29
C ASN I 44 -9.69 -39.74 -8.06
N LYS I 45 -10.54 -40.39 -7.25
CA LYS I 45 -10.35 -41.81 -7.00
C LYS I 45 -10.49 -42.63 -8.27
N LEU I 46 -11.47 -42.30 -9.11
CA LEU I 46 -11.68 -43.06 -10.33
C LEU I 46 -10.50 -42.92 -11.29
N VAL I 47 -10.01 -41.70 -11.49
CA VAL I 47 -8.89 -41.51 -12.41
C VAL I 47 -7.62 -42.12 -11.84
N LYS I 48 -7.43 -42.05 -10.52
CA LYS I 48 -6.27 -42.70 -9.92
C LYS I 48 -6.36 -44.22 -10.09
N PHE I 49 -7.55 -44.78 -9.96
CA PHE I 49 -7.75 -46.21 -10.21
C PHE I 49 -7.42 -46.57 -11.65
N LEU I 50 -7.90 -45.76 -12.60
CA LEU I 50 -7.66 -46.02 -14.01
C LEU I 50 -6.20 -45.81 -14.39
N LYS I 51 -5.44 -45.05 -13.59
CA LYS I 51 -4.02 -44.91 -13.83
C LYS I 51 -3.20 -45.97 -13.11
N ARG I 52 -3.71 -46.55 -12.03
CA ARG I 52 -2.95 -47.53 -11.27
C ARG I 52 -2.64 -48.77 -12.10
N LYS I 53 -3.62 -49.27 -12.83
CA LYS I 53 -3.45 -50.45 -13.69
C LYS I 53 -3.44 -50.08 -15.17
N ASN I 54 -3.21 -48.81 -15.49
CA ASN I 54 -3.10 -48.34 -16.87
C ASN I 54 -4.37 -48.64 -17.67
N LEU I 55 -5.52 -48.46 -17.04
CA LEU I 55 -6.81 -48.52 -17.72
C LEU I 55 -7.25 -47.16 -18.25
N LEU I 56 -6.47 -46.11 -18.01
CA LEU I 56 -6.82 -44.79 -18.54
C LEU I 56 -6.65 -44.76 -20.06
N TYR I 57 -5.64 -45.47 -20.56
CA TYR I 57 -5.36 -45.46 -22.00
C TYR I 57 -6.54 -46.00 -22.79
N THR I 58 -7.12 -47.12 -22.35
CA THR I 58 -8.32 -47.63 -22.98
C THR I 58 -9.56 -46.82 -22.62
N TYR I 59 -9.53 -46.10 -21.50
CA TYR I 59 -10.62 -45.17 -21.19
C TYR I 59 -10.75 -44.09 -22.26
N GLN I 60 -9.61 -43.53 -22.69
CA GLN I 60 -9.66 -42.41 -23.62
C GLN I 60 -10.28 -42.81 -24.95
N ASN I 61 -9.91 -43.97 -25.47
CA ASN I 61 -10.53 -44.43 -26.72
C ASN I 61 -11.83 -45.20 -26.50
N PHE I 62 -12.22 -45.44 -25.24
CA PHE I 62 -13.59 -45.85 -24.98
C PHE I 62 -14.54 -44.66 -25.06
N LEU I 63 -14.10 -43.50 -24.58
CA LEU I 63 -14.95 -42.32 -24.62
C LEU I 63 -15.08 -41.80 -26.05
N ARG I 64 -13.97 -41.36 -26.63
CA ARG I 64 -13.96 -40.92 -28.01
C ARG I 64 -13.74 -42.12 -28.94
N TYR I 65 -14.13 -41.96 -30.21
CA TYR I 65 -14.52 -43.10 -31.04
C TYR I 65 -15.62 -43.87 -30.34
N PRO I 66 -16.84 -43.35 -30.33
CA PRO I 66 -17.90 -43.89 -29.45
C PRO I 66 -18.19 -45.35 -29.73
N PRO I 67 -18.42 -46.15 -28.69
CA PRO I 67 -18.83 -47.55 -28.89
C PRO I 67 -20.29 -47.66 -29.30
N LYS I 68 -20.56 -47.60 -30.61
CA LYS I 68 -21.91 -47.63 -31.16
C LYS I 68 -22.66 -46.35 -30.83
N ASN I 69 -23.60 -46.42 -29.90
CA ASN I 69 -24.36 -45.24 -29.53
C ASN I 69 -23.47 -44.27 -28.76
N PRO I 70 -23.27 -43.03 -29.23
CA PRO I 70 -22.43 -42.08 -28.51
C PRO I 70 -23.08 -41.38 -27.34
N ARG I 71 -24.28 -41.78 -26.94
CA ARG I 71 -24.98 -41.17 -25.81
C ARG I 71 -25.37 -42.16 -24.73
N GLU I 72 -25.50 -43.45 -25.04
CA GLU I 72 -25.82 -44.47 -24.06
C GLU I 72 -24.60 -45.04 -23.36
N ASN I 73 -23.41 -44.56 -23.70
CA ASN I 73 -22.16 -45.11 -23.17
C ASN I 73 -21.98 -44.64 -21.73
N GLY I 74 -22.60 -45.38 -20.81
CA GLY I 74 -22.47 -45.09 -19.40
C GLY I 74 -21.22 -45.68 -18.79
N LEU I 75 -21.13 -45.54 -17.47
CA LEU I 75 -20.03 -46.15 -16.72
C LEU I 75 -20.10 -47.66 -16.70
N LYS I 76 -21.29 -48.24 -16.89
CA LYS I 76 -21.44 -49.68 -16.80
C LYS I 76 -20.86 -50.38 -18.03
N ASP I 77 -20.93 -49.73 -19.20
CA ASP I 77 -20.44 -50.35 -20.42
C ASP I 77 -18.94 -50.57 -20.38
N TYR I 78 -18.18 -49.59 -19.87
CA TYR I 78 -16.73 -49.73 -19.84
C TYR I 78 -16.30 -50.83 -18.88
N LEU I 79 -16.83 -50.82 -17.65
CA LEU I 79 -16.47 -51.84 -16.68
C LEU I 79 -16.90 -53.23 -17.15
N ASP I 80 -18.00 -53.30 -17.91
CA ASP I 80 -18.37 -54.56 -18.55
C ASP I 80 -17.32 -54.97 -19.59
N ALA I 81 -16.82 -54.00 -20.37
CA ALA I 81 -15.79 -54.31 -21.35
C ALA I 81 -14.50 -54.77 -20.68
N GLN I 82 -14.13 -54.14 -19.57
CA GLN I 82 -12.92 -54.50 -18.84
C GLN I 82 -13.17 -55.61 -17.81
N ASN I 83 -14.42 -56.05 -17.66
CA ASN I 83 -14.75 -57.17 -16.76
C ASN I 83 -14.31 -56.90 -15.33
N VAL I 84 -14.46 -55.66 -14.89
CA VAL I 84 -14.21 -55.29 -13.49
C VAL I 84 -15.49 -55.53 -12.70
N LYS I 85 -15.41 -56.39 -11.70
CA LYS I 85 -16.60 -56.79 -10.96
C LYS I 85 -17.03 -55.70 -9.98
N GLN I 86 -18.27 -55.83 -9.49
CA GLN I 86 -18.85 -54.80 -8.64
C GLN I 86 -18.26 -54.85 -7.23
N SER I 87 -18.00 -56.04 -6.70
CA SER I 87 -17.59 -56.21 -5.31
C SER I 87 -16.25 -55.55 -4.99
N GLU I 88 -15.59 -54.92 -5.97
CA GLU I 88 -14.33 -54.23 -5.74
C GLU I 88 -14.43 -52.73 -6.00
N TRP I 89 -15.66 -52.19 -6.03
CA TRP I 89 -15.86 -50.79 -6.35
C TRP I 89 -15.72 -49.85 -5.17
N GLU I 90 -15.66 -50.38 -3.94
CA GLU I 90 -15.64 -49.55 -2.75
C GLU I 90 -14.37 -48.71 -2.64
N ALA I 91 -13.33 -49.01 -3.42
CA ALA I 91 -12.08 -48.24 -3.33
C ALA I 91 -12.20 -46.87 -3.98
N PHE I 92 -13.23 -46.63 -4.79
CA PHE I 92 -13.38 -45.33 -5.44
C PHE I 92 -14.81 -44.79 -5.42
N VAL I 93 -15.76 -45.50 -4.82
CA VAL I 93 -17.14 -45.01 -4.74
C VAL I 93 -17.26 -44.11 -3.52
N SER I 94 -17.87 -42.93 -3.71
CA SER I 94 -18.06 -42.01 -2.60
C SER I 94 -19.22 -42.45 -1.71
N TYR I 95 -20.42 -42.54 -2.27
CA TYR I 95 -21.57 -42.94 -1.46
C TYR I 95 -22.70 -43.45 -2.33
N SER I 96 -23.57 -44.25 -1.73
CA SER I 96 -24.66 -44.91 -2.43
C SER I 96 -26.00 -44.39 -1.92
N GLU I 97 -26.97 -44.26 -2.83
CA GLU I 97 -28.28 -43.72 -2.49
C GLU I 97 -29.36 -44.48 -3.26
N LYS I 98 -30.61 -44.26 -2.83
CA LYS I 98 -31.77 -44.90 -3.43
C LYS I 98 -32.28 -44.09 -4.61
N VAL I 99 -32.81 -44.79 -5.62
CA VAL I 99 -33.28 -44.18 -6.86
C VAL I 99 -34.72 -44.58 -7.11
N ASN I 100 -35.55 -43.61 -7.53
CA ASN I 100 -36.96 -43.82 -7.81
C ASN I 100 -37.24 -43.36 -9.24
N GLN I 101 -37.30 -44.31 -10.17
CA GLN I 101 -37.59 -44.02 -11.56
C GLN I 101 -39.09 -43.85 -11.77
N GLY I 102 -39.47 -43.58 -13.01
CA GLY I 102 -40.88 -43.50 -13.37
C GLY I 102 -41.14 -44.16 -14.71
N LYS I 103 -40.31 -45.13 -15.06
CA LYS I 103 -40.42 -45.82 -16.34
C LYS I 103 -40.73 -47.29 -16.14
N LYS I 111 -33.40 -50.38 -17.22
CA LYS I 111 -33.61 -48.95 -17.35
C LYS I 111 -32.60 -48.16 -16.54
N PRO I 112 -31.70 -47.46 -17.22
CA PRO I 112 -30.63 -46.72 -16.55
C PRO I 112 -31.09 -45.32 -16.14
N LEU I 113 -30.16 -44.58 -15.56
CA LEU I 113 -30.39 -43.20 -15.15
C LEU I 113 -29.79 -42.25 -16.18
N ASN I 114 -30.51 -41.18 -16.50
CA ASN I 114 -30.08 -40.27 -17.55
C ASN I 114 -29.08 -39.24 -17.04
N ASP I 115 -29.48 -38.41 -16.08
CA ASP I 115 -28.55 -37.50 -15.44
C ASP I 115 -29.03 -37.22 -14.02
N LEU I 116 -28.08 -37.00 -13.12
CA LEU I 116 -28.34 -36.90 -11.70
C LEU I 116 -27.97 -35.50 -11.22
N HIS I 117 -28.96 -34.64 -11.04
CA HIS I 117 -28.73 -33.35 -10.41
C HIS I 117 -28.35 -33.54 -8.95
N LEU I 118 -27.28 -32.86 -8.53
CA LEU I 118 -26.80 -32.95 -7.16
C LEU I 118 -27.37 -31.78 -6.36
N MET I 119 -27.99 -32.09 -5.24
CA MET I 119 -28.61 -31.06 -4.43
C MET I 119 -27.57 -30.33 -3.58
N VAL I 120 -28.00 -29.24 -2.95
CA VAL I 120 -27.06 -28.36 -2.26
C VAL I 120 -26.42 -29.08 -1.08
N ARG I 121 -25.10 -29.00 -1.01
CA ARG I 121 -24.34 -29.51 0.12
C ARG I 121 -23.30 -28.49 0.52
N ASP I 122 -22.96 -28.49 1.82
CA ASP I 122 -21.94 -27.58 2.34
C ASP I 122 -20.57 -28.20 2.08
N GLY I 123 -19.53 -27.56 2.63
CA GLY I 123 -18.18 -28.07 2.45
C GLY I 123 -17.96 -29.42 3.09
N GLN I 124 -18.64 -29.68 4.20
CA GLN I 124 -18.57 -30.97 4.88
C GLN I 124 -19.30 -32.07 4.15
N ASN I 125 -19.80 -31.80 2.93
CA ASN I 125 -20.55 -32.77 2.14
C ASN I 125 -21.74 -33.30 2.94
N LYS I 126 -22.45 -32.39 3.60
CA LYS I 126 -23.69 -32.70 4.31
C LYS I 126 -24.85 -31.97 3.66
N VAL I 127 -26.05 -32.42 4.00
CA VAL I 127 -27.28 -31.92 3.39
C VAL I 127 -27.96 -30.95 4.35
N TYR I 128 -28.37 -29.79 3.84
CA TYR I 128 -29.07 -28.81 4.62
C TYR I 128 -30.10 -28.10 3.75
N LEU I 129 -31.15 -27.58 4.37
CA LEU I 129 -32.04 -26.66 3.70
C LEU I 129 -31.41 -25.27 3.73
N PRO I 130 -31.15 -24.64 2.59
CA PRO I 130 -30.62 -23.28 2.60
C PRO I 130 -31.60 -22.32 3.25
N GLY I 131 -31.06 -21.37 4.02
CA GLY I 131 -31.91 -20.32 4.56
C GLY I 131 -32.43 -19.40 3.47
N SER I 132 -31.61 -19.13 2.45
CA SER I 132 -32.02 -18.23 1.39
C SER I 132 -33.18 -18.80 0.59
N SER I 133 -33.16 -20.11 0.31
CA SER I 133 -34.21 -20.70 -0.51
C SER I 133 -35.56 -20.66 0.19
N ILE I 134 -35.62 -21.11 1.44
CA ILE I 134 -36.90 -21.12 2.15
C ILE I 134 -37.34 -19.70 2.48
N LYS I 135 -36.38 -18.78 2.73
CA LYS I 135 -36.78 -17.39 2.92
C LYS I 135 -37.36 -16.82 1.64
N GLY I 136 -36.81 -17.19 0.49
CA GLY I 136 -37.37 -16.75 -0.78
C GLY I 136 -38.77 -17.31 -1.01
N ALA I 137 -39.00 -18.55 -0.61
CA ALA I 137 -40.35 -19.13 -0.74
C ALA I 137 -41.34 -18.41 0.17
N ILE I 138 -40.96 -18.17 1.43
CA ILE I 138 -41.84 -17.46 2.35
C ILE I 138 -42.12 -16.05 1.84
N LYS I 139 -41.09 -15.38 1.32
CA LYS I 139 -41.28 -14.05 0.77
C LYS I 139 -42.13 -14.09 -0.50
N THR I 140 -42.06 -15.18 -1.27
CA THR I 140 -42.96 -15.33 -2.40
C THR I 140 -44.41 -15.38 -1.93
N THR I 141 -44.67 -16.13 -0.86
CA THR I 141 -46.02 -16.16 -0.30
C THR I 141 -46.45 -14.76 0.16
N LEU I 142 -45.57 -14.05 0.86
CA LEU I 142 -45.92 -12.73 1.38
C LEU I 142 -46.17 -11.74 0.25
N VAL I 143 -45.33 -11.75 -0.78
CA VAL I 143 -45.50 -10.85 -1.91
C VAL I 143 -46.78 -11.19 -2.68
N SER I 144 -47.07 -12.49 -2.81
CA SER I 144 -48.37 -12.90 -3.33
C SER I 144 -49.50 -12.26 -2.53
N LYS I 145 -49.35 -12.21 -1.22
CA LYS I 145 -50.38 -11.60 -0.38
C LYS I 145 -50.48 -10.09 -0.58
N TYR I 146 -49.34 -9.40 -0.75
CA TYR I 146 -49.34 -7.94 -0.75
C TYR I 146 -48.75 -7.28 -1.99
N ASN I 147 -47.84 -7.95 -2.70
CA ASN I 147 -47.12 -7.38 -3.85
C ASN I 147 -46.38 -6.13 -3.36
N ASN I 148 -45.35 -6.36 -2.54
CA ASN I 148 -44.36 -5.35 -2.20
C ASN I 148 -42.97 -5.99 -2.21
N GLU I 149 -42.36 -6.05 -3.40
CA GLU I 149 -40.97 -6.48 -3.48
C GLU I 149 -40.00 -5.31 -3.46
N LYS I 150 -40.45 -4.13 -3.87
CA LYS I 150 -39.60 -2.94 -3.84
C LYS I 150 -39.14 -2.63 -2.42
N ASN I 151 -39.99 -2.93 -1.44
CA ASN I 151 -39.67 -2.61 -0.05
C ASN I 151 -38.51 -3.47 0.43
N LYS I 152 -37.33 -2.87 0.51
CA LYS I 152 -36.14 -3.58 0.96
C LYS I 152 -35.92 -3.48 2.46
N ASP I 153 -36.68 -2.64 3.16
CA ASP I 153 -36.53 -2.47 4.59
C ASP I 153 -37.34 -3.47 5.40
N ILE I 154 -38.39 -4.04 4.81
CA ILE I 154 -39.23 -4.98 5.54
C ILE I 154 -38.47 -6.27 5.81
N TYR I 155 -37.83 -6.82 4.79
CA TYR I 155 -37.23 -8.14 4.88
C TYR I 155 -35.81 -8.11 5.43
N SER I 156 -35.27 -6.92 5.71
CA SER I 156 -34.04 -6.83 6.47
C SER I 156 -34.23 -7.31 7.91
N LYS I 157 -35.48 -7.41 8.36
CA LYS I 157 -35.80 -7.82 9.72
C LYS I 157 -36.07 -9.31 9.85
N ILE I 158 -36.49 -9.98 8.78
CA ILE I 158 -36.83 -11.39 8.83
C ILE I 158 -35.57 -12.20 8.56
N LYS I 159 -35.05 -12.83 9.60
CA LYS I 159 -33.83 -13.63 9.51
C LYS I 159 -34.19 -15.11 9.50
N VAL I 160 -33.68 -15.83 8.51
CA VAL I 160 -33.91 -17.27 8.36
C VAL I 160 -32.56 -17.95 8.38
N SER I 161 -32.41 -18.94 9.25
CA SER I 161 -31.14 -19.64 9.38
C SER I 161 -31.11 -20.89 8.51
N ASP I 162 -29.90 -21.32 8.19
CA ASP I 162 -29.72 -22.57 7.46
C ASP I 162 -30.10 -23.74 8.35
N SER I 163 -30.74 -24.75 7.75
CA SER I 163 -31.19 -25.90 8.52
C SER I 163 -30.01 -26.72 9.00
N LYS I 164 -30.27 -27.55 10.01
CA LYS I 164 -29.25 -28.43 10.56
C LYS I 164 -28.87 -29.49 9.53
N PRO I 165 -27.68 -30.08 9.66
CA PRO I 165 -27.26 -31.12 8.72
C PRO I 165 -28.21 -32.32 8.74
N ILE I 166 -28.40 -32.91 7.57
CA ILE I 166 -29.34 -34.02 7.37
C ILE I 166 -28.55 -35.31 7.24
N ASP I 167 -29.02 -36.35 7.93
CA ASP I 167 -28.38 -37.66 7.84
C ASP I 167 -28.45 -38.20 6.42
N GLU I 168 -27.40 -38.90 6.02
CA GLU I 168 -27.31 -39.40 4.65
C GLU I 168 -28.38 -40.45 4.35
N SER I 169 -28.85 -41.16 5.37
CA SER I 169 -29.85 -42.21 5.16
C SER I 169 -31.23 -41.66 4.83
N ASN I 170 -31.45 -40.36 5.00
CA ASN I 170 -32.76 -39.75 4.82
C ASN I 170 -32.96 -39.15 3.44
N LEU I 171 -31.99 -39.31 2.54
CA LEU I 171 -31.99 -38.66 1.24
C LEU I 171 -32.07 -39.69 0.13
N ALA I 172 -32.81 -39.38 -0.93
CA ALA I 172 -33.02 -40.31 -2.03
C ALA I 172 -32.89 -39.54 -3.33
N ILE I 173 -33.26 -40.18 -4.44
CA ILE I 173 -33.23 -39.58 -5.77
C ILE I 173 -34.55 -39.88 -6.44
N TYR I 174 -35.17 -38.86 -7.03
CA TYR I 174 -36.46 -39.00 -7.68
C TYR I 174 -36.37 -38.55 -9.13
N GLN I 175 -37.04 -39.27 -10.03
CA GLN I 175 -37.08 -38.85 -11.42
C GLN I 175 -38.13 -37.77 -11.61
N LYS I 176 -37.82 -36.80 -12.47
CA LYS I 176 -38.78 -35.76 -12.81
C LYS I 176 -39.90 -36.34 -13.66
N ILE I 177 -41.14 -36.07 -13.26
CA ILE I 177 -42.32 -36.53 -13.97
C ILE I 177 -43.15 -35.30 -14.32
N ASP I 178 -43.54 -35.18 -15.59
CA ASP I 178 -44.32 -34.02 -16.05
C ASP I 178 -45.68 -34.52 -16.54
N ILE I 179 -46.68 -34.35 -15.67
CA ILE I 179 -48.05 -34.77 -15.96
C ILE I 179 -48.70 -33.71 -16.85
N ASN I 180 -48.69 -33.95 -18.16
CA ASN I 180 -49.35 -33.09 -19.14
C ASN I 180 -50.54 -33.80 -19.78
N LYS I 181 -50.28 -34.95 -20.39
CA LYS I 181 -51.33 -35.83 -20.89
C LYS I 181 -51.38 -37.16 -20.16
N SER I 182 -50.21 -37.72 -19.84
CA SER I 182 -50.11 -38.91 -19.01
C SER I 182 -48.95 -38.70 -18.04
N GLU I 183 -48.58 -39.76 -17.33
CA GLU I 183 -47.49 -39.71 -16.35
C GLU I 183 -46.16 -39.88 -17.08
N LYS I 184 -45.79 -38.83 -17.80
CA LYS I 184 -44.54 -38.87 -18.56
C LYS I 184 -43.34 -38.72 -17.63
N SER I 185 -42.35 -39.59 -17.81
CA SER I 185 -41.14 -39.59 -17.01
C SER I 185 -40.02 -38.94 -17.82
N MET I 186 -39.52 -37.82 -17.32
CA MET I 186 -38.48 -37.05 -17.97
C MET I 186 -37.09 -37.62 -17.67
N PRO I 187 -36.13 -37.44 -18.59
CA PRO I 187 -34.75 -37.85 -18.34
C PRO I 187 -34.00 -36.92 -17.40
N LEU I 188 -34.62 -36.60 -16.27
CA LEU I 188 -33.99 -35.79 -15.23
C LEU I 188 -34.24 -36.47 -13.90
N TYR I 189 -33.18 -36.94 -13.27
CA TYR I 189 -33.23 -37.48 -11.93
C TYR I 189 -32.56 -36.48 -10.99
N ARG I 190 -33.26 -36.07 -9.95
CA ARG I 190 -32.75 -35.07 -9.02
C ARG I 190 -32.67 -35.66 -7.63
N GLU I 191 -31.60 -35.31 -6.92
CA GLU I 191 -31.34 -35.80 -5.57
C GLU I 191 -32.20 -35.01 -4.59
N CYS I 192 -33.17 -35.66 -3.96
CA CYS I 192 -34.17 -34.99 -3.16
C CYS I 192 -34.18 -35.52 -1.74
N ILE I 193 -34.58 -34.65 -0.81
CA ILE I 193 -34.87 -35.09 0.54
C ILE I 193 -36.16 -35.91 0.52
N ASP I 194 -36.13 -37.07 1.18
CA ASP I 194 -37.27 -37.97 1.15
C ASP I 194 -38.49 -37.34 1.81
N VAL I 195 -39.64 -37.96 1.61
CA VAL I 195 -40.90 -37.46 2.16
C VAL I 195 -40.99 -37.81 3.64
N ASN I 196 -41.94 -37.19 4.33
CA ASN I 196 -42.20 -37.47 5.76
C ASN I 196 -40.96 -37.21 6.60
N THR I 197 -40.29 -36.08 6.35
CA THR I 197 -39.09 -35.70 7.07
C THR I 197 -39.28 -34.34 7.70
N GLU I 198 -38.94 -34.23 8.98
CA GLU I 198 -39.07 -32.99 9.73
C GLU I 198 -37.71 -32.31 9.79
N ILE I 199 -37.62 -31.11 9.21
CA ILE I 199 -36.39 -30.32 9.20
C ILE I 199 -36.66 -29.01 9.91
N LYS I 200 -35.83 -28.69 10.89
CA LYS I 200 -36.06 -27.57 11.80
C LYS I 200 -35.08 -26.45 11.51
N PHE I 201 -35.61 -25.23 11.39
CA PHE I 201 -34.77 -24.04 11.23
C PHE I 201 -35.37 -22.90 12.05
N LYS I 202 -34.75 -21.73 11.96
CA LYS I 202 -35.14 -20.57 12.76
C LYS I 202 -35.73 -19.50 11.86
N LEU I 203 -36.82 -18.89 12.31
CA LEU I 203 -37.47 -17.78 11.61
C LEU I 203 -37.66 -16.66 12.62
N THR I 204 -36.73 -15.71 12.64
CA THR I 204 -36.77 -14.57 13.54
C THR I 204 -37.39 -13.38 12.80
N ILE I 205 -38.32 -12.70 13.46
CA ILE I 205 -38.96 -11.51 12.90
C ILE I 205 -38.64 -10.34 13.84
N GLU I 206 -38.12 -9.26 13.27
CA GLU I 206 -37.72 -8.09 14.03
C GLU I 206 -38.75 -6.98 13.88
N ASP I 207 -38.95 -6.22 14.95
CA ASP I 207 -39.85 -5.07 15.00
C ASP I 207 -41.31 -5.44 14.78
N GLU I 208 -41.62 -6.73 14.76
CA GLU I 208 -43.00 -7.22 14.63
C GLU I 208 -43.68 -6.68 13.36
N ILE I 209 -42.92 -6.53 12.27
CA ILE I 209 -43.52 -6.07 11.03
C ILE I 209 -44.48 -7.11 10.47
N TYR I 210 -44.13 -8.38 10.58
CA TYR I 210 -44.99 -9.47 10.13
C TYR I 210 -45.27 -10.39 11.32
N SER I 211 -46.55 -10.63 11.59
CA SER I 211 -46.95 -11.53 12.65
C SER I 211 -47.10 -12.94 12.12
N ILE I 212 -46.98 -13.92 13.03
CA ILE I 212 -47.01 -15.32 12.62
C ILE I 212 -48.37 -15.67 12.02
N ASN I 213 -49.45 -15.16 12.61
CA ASN I 213 -50.77 -15.47 12.09
C ASN I 213 -50.94 -14.95 10.67
N GLU I 214 -50.47 -13.73 10.40
CA GLU I 214 -50.70 -13.14 9.09
C GLU I 214 -49.78 -13.75 8.04
N ILE I 215 -48.56 -14.15 8.40
CA ILE I 215 -47.71 -14.84 7.44
C ILE I 215 -48.26 -16.23 7.15
N GLU I 216 -48.81 -16.91 8.17
CA GLU I 216 -49.48 -18.18 7.94
C GLU I 216 -50.68 -18.01 7.02
N GLN I 217 -51.45 -16.94 7.23
CA GLN I 217 -52.58 -16.65 6.35
C GLN I 217 -52.13 -16.34 4.94
N SER I 218 -51.00 -15.65 4.79
CA SER I 218 -50.45 -15.38 3.47
C SER I 218 -50.07 -16.68 2.77
N ILE I 219 -49.44 -17.60 3.51
CA ILE I 219 -49.09 -18.90 2.93
C ILE I 219 -50.35 -19.64 2.50
N GLN I 220 -51.36 -19.66 3.36
CA GLN I 220 -52.59 -20.39 3.06
C GLN I 220 -53.32 -19.77 1.88
N ASP I 221 -53.35 -18.44 1.77
CA ASP I 221 -53.99 -17.79 0.63
C ASP I 221 -53.21 -18.02 -0.65
N PHE I 222 -51.87 -18.03 -0.56
CA PHE I 222 -51.03 -18.38 -1.69
C PHE I 222 -51.42 -19.76 -2.22
N TYR I 223 -51.48 -20.75 -1.33
CA TYR I 223 -51.85 -22.08 -1.78
C TYR I 223 -53.30 -22.15 -2.23
N LYS I 224 -54.18 -21.35 -1.64
CA LYS I 224 -55.58 -21.35 -2.08
C LYS I 224 -55.70 -20.90 -3.53
N ASN I 225 -55.04 -19.79 -3.87
CA ASN I 225 -55.03 -19.34 -5.26
C ASN I 225 -54.32 -20.35 -6.16
N TYR I 226 -53.23 -20.95 -5.65
CA TYR I 226 -52.48 -21.93 -6.41
C TYR I 226 -53.35 -23.12 -6.79
N TYR I 227 -54.15 -23.60 -5.84
CA TYR I 227 -55.03 -24.74 -6.08
C TYR I 227 -56.21 -24.35 -6.97
N ASP I 228 -56.84 -23.21 -6.67
CA ASP I 228 -58.09 -22.86 -7.33
C ASP I 228 -57.87 -22.43 -8.78
N LYS I 229 -56.73 -21.80 -9.07
CA LYS I 229 -56.55 -21.21 -10.39
C LYS I 229 -55.87 -22.15 -11.38
N TRP I 230 -54.88 -22.93 -10.94
CA TRP I 230 -54.10 -23.74 -11.86
C TRP I 230 -54.20 -25.24 -11.60
N LEU I 231 -54.06 -25.67 -10.34
CA LEU I 231 -53.97 -27.10 -10.06
C LEU I 231 -55.23 -27.85 -10.44
N VAL I 232 -56.41 -27.28 -10.12
CA VAL I 232 -57.66 -28.01 -10.34
C VAL I 232 -57.85 -28.35 -11.81
N GLY I 233 -57.29 -27.54 -12.71
CA GLY I 233 -57.40 -27.80 -14.14
C GLY I 233 -56.78 -29.11 -14.57
N PHE I 234 -55.99 -29.74 -13.70
CA PHE I 234 -55.40 -31.03 -14.01
C PHE I 234 -56.28 -32.21 -13.62
N LYS I 235 -57.38 -31.97 -12.91
CA LYS I 235 -58.25 -33.07 -12.54
C LYS I 235 -59.05 -33.61 -13.72
N GLU I 236 -59.02 -32.94 -14.87
CA GLU I 236 -59.72 -33.42 -16.05
C GLU I 236 -58.79 -34.10 -17.05
N THR I 237 -57.51 -33.75 -17.08
CA THR I 237 -56.55 -34.47 -17.91
C THR I 237 -56.35 -35.87 -17.36
N LYS I 238 -56.33 -36.86 -18.27
CA LYS I 238 -56.28 -38.26 -17.85
C LYS I 238 -55.04 -38.55 -17.01
N GLY I 239 -53.89 -38.03 -17.43
CA GLY I 239 -52.70 -38.14 -16.61
C GLY I 239 -52.87 -37.48 -15.26
N GLY I 240 -53.60 -36.37 -15.22
CA GLY I 240 -53.87 -35.73 -13.94
C GLY I 240 -54.73 -36.58 -13.03
N ARG I 241 -55.75 -37.25 -13.59
CA ARG I 241 -56.56 -38.16 -12.79
C ARG I 241 -55.73 -39.32 -12.27
N ARG I 242 -54.86 -39.88 -13.12
CA ARG I 242 -53.99 -40.96 -12.67
C ARG I 242 -53.06 -40.49 -11.57
N PHE I 243 -52.51 -39.29 -11.70
CA PHE I 243 -51.61 -38.75 -10.69
C PHE I 243 -52.34 -38.53 -9.36
N ALA I 244 -53.55 -37.97 -9.42
CA ALA I 244 -54.30 -37.72 -8.20
C ALA I 244 -54.72 -39.02 -7.53
N LEU I 245 -55.14 -40.02 -8.32
CA LEU I 245 -55.55 -41.30 -7.75
C LEU I 245 -54.38 -42.01 -7.09
N GLU I 246 -53.16 -41.78 -7.58
CA GLU I 246 -51.98 -42.34 -6.96
C GLU I 246 -51.61 -41.64 -5.66
N GLY I 247 -52.25 -40.52 -5.34
CA GLY I 247 -51.96 -39.77 -4.14
C GLY I 247 -51.11 -38.54 -4.34
N GLY I 248 -50.88 -38.12 -5.58
CA GLY I 248 -50.04 -36.97 -5.84
C GLY I 248 -50.71 -35.62 -5.64
N ILE I 249 -52.03 -35.60 -5.53
CA ILE I 249 -52.74 -34.33 -5.36
C ILE I 249 -53.64 -34.50 -4.15
N PRO I 250 -53.15 -34.17 -2.95
CA PRO I 250 -54.01 -34.23 -1.77
C PRO I 250 -54.85 -32.97 -1.61
N ASP I 251 -56.02 -33.14 -1.01
CA ASP I 251 -56.91 -32.02 -0.71
C ASP I 251 -56.41 -31.35 0.56
N VAL I 252 -55.43 -30.46 0.41
CA VAL I 252 -54.79 -29.81 1.55
C VAL I 252 -55.08 -28.32 1.50
N LEU I 253 -56.25 -27.95 0.97
CA LEU I 253 -56.64 -26.55 0.91
C LEU I 253 -56.83 -25.99 2.32
N ASN I 254 -56.56 -24.70 2.47
CA ASN I 254 -56.58 -24.02 3.76
C ASN I 254 -55.62 -24.73 4.72
N GLN I 255 -54.34 -24.71 4.38
CA GLN I 255 -53.31 -25.35 5.18
C GLN I 255 -51.97 -24.70 4.88
N ASN I 256 -51.04 -24.86 5.82
CA ASN I 256 -49.71 -24.27 5.68
C ASN I 256 -48.89 -25.10 4.70
N ILE I 257 -48.83 -24.67 3.44
CA ILE I 257 -48.12 -25.39 2.40
C ILE I 257 -47.15 -24.43 1.72
N LEU I 258 -45.89 -24.84 1.65
CA LEU I 258 -44.84 -24.11 0.95
C LEU I 258 -44.29 -25.00 -0.16
N PHE I 259 -43.65 -24.35 -1.13
CA PHE I 259 -42.97 -25.04 -2.22
C PHE I 259 -41.50 -24.67 -2.19
N LEU I 260 -40.63 -25.67 -2.17
CA LEU I 260 -39.19 -25.48 -1.98
C LEU I 260 -38.42 -26.21 -3.05
N GLY I 261 -37.37 -25.58 -3.55
CA GLY I 261 -36.42 -26.26 -4.41
C GLY I 261 -36.80 -26.26 -5.87
N ALA I 262 -35.99 -26.99 -6.63
CA ALA I 262 -36.14 -27.02 -8.08
C ALA I 262 -37.33 -27.88 -8.49
N GLY I 263 -37.83 -27.63 -9.69
CA GLY I 263 -38.87 -28.45 -10.28
C GLY I 263 -40.21 -28.37 -9.59
N THR I 264 -40.47 -27.31 -8.83
CA THR I 264 -41.76 -27.15 -8.18
C THR I 264 -42.79 -26.49 -9.09
N GLY I 265 -42.36 -25.73 -10.08
CA GLY I 265 -43.29 -25.12 -11.03
C GLY I 265 -43.09 -23.62 -11.18
N PHE I 266 -43.43 -23.12 -12.37
CA PHE I 266 -43.42 -21.68 -12.60
C PHE I 266 -44.42 -20.96 -11.70
N VAL I 267 -45.62 -21.53 -11.56
CA VAL I 267 -46.65 -20.91 -10.74
C VAL I 267 -46.27 -20.95 -9.27
N SER I 268 -45.64 -22.04 -8.82
CA SER I 268 -45.29 -22.19 -7.41
C SER I 268 -44.23 -21.20 -6.94
N LYS I 269 -43.56 -20.50 -7.86
CA LYS I 269 -42.54 -19.54 -7.49
C LYS I 269 -42.81 -18.15 -8.06
N THR I 270 -43.97 -17.94 -8.68
CA THR I 270 -44.32 -16.64 -9.23
C THR I 270 -45.64 -16.19 -8.62
N THR I 271 -45.68 -14.93 -8.19
CA THR I 271 -46.90 -14.33 -7.68
C THR I 271 -47.86 -13.93 -8.80
N HIS I 272 -47.60 -14.41 -10.02
CA HIS I 272 -48.40 -14.00 -11.16
C HIS I 272 -49.83 -14.52 -11.07
N TYR I 273 -50.00 -15.76 -10.61
CA TYR I 273 -51.31 -16.36 -10.43
C TYR I 273 -51.97 -15.95 -9.13
N GLN I 274 -51.52 -14.86 -8.52
CA GLN I 274 -52.05 -14.38 -7.25
C GLN I 274 -52.60 -12.97 -7.34
N LEU I 275 -51.89 -12.08 -8.03
CA LEU I 275 -52.30 -10.69 -8.17
C LEU I 275 -53.30 -10.48 -9.30
N LYS I 276 -53.61 -11.52 -10.08
CA LYS I 276 -54.54 -11.42 -11.20
C LYS I 276 -55.53 -12.57 -11.13
N ASN I 277 -56.61 -12.42 -11.88
CA ASN I 277 -57.61 -13.47 -12.01
C ASN I 277 -56.99 -14.68 -12.73
N ARG I 278 -57.60 -15.85 -12.53
CA ARG I 278 -57.08 -17.07 -13.11
C ARG I 278 -56.94 -16.96 -14.62
N LYS I 279 -57.97 -16.44 -15.29
CA LYS I 279 -57.93 -16.33 -16.75
C LYS I 279 -56.86 -15.33 -17.20
N GLN I 280 -56.88 -14.12 -16.63
CA GLN I 280 -55.92 -13.10 -17.03
C GLN I 280 -54.49 -13.53 -16.72
N ALA I 281 -54.28 -14.11 -15.54
CA ALA I 281 -52.97 -14.66 -15.22
C ALA I 281 -52.59 -15.74 -16.20
N LYS I 282 -53.55 -16.56 -16.64
CA LYS I 282 -53.26 -17.60 -17.61
C LYS I 282 -52.75 -17.02 -18.93
N GLN I 283 -53.48 -16.05 -19.50
CA GLN I 283 -53.01 -15.49 -20.76
C GLN I 283 -51.67 -14.78 -20.59
N ASP I 284 -51.49 -14.01 -19.51
CA ASP I 284 -50.25 -13.28 -19.34
C ASP I 284 -49.06 -14.20 -19.12
N SER I 285 -49.25 -15.27 -18.34
CA SER I 285 -48.17 -16.23 -18.13
C SER I 285 -47.88 -17.02 -19.39
N PHE I 286 -48.90 -17.31 -20.20
CA PHE I 286 -48.67 -17.94 -21.48
C PHE I 286 -47.83 -17.05 -22.38
N GLU I 287 -48.13 -15.75 -22.41
CA GLU I 287 -47.31 -14.82 -23.17
C GLU I 287 -45.87 -14.80 -22.64
N ILE I 288 -45.71 -14.81 -21.31
CA ILE I 288 -44.38 -14.78 -20.72
C ILE I 288 -43.57 -16.01 -21.13
N LEU I 289 -44.18 -17.19 -21.02
CA LEU I 289 -43.45 -18.41 -21.34
C LEU I 289 -43.24 -18.58 -22.84
N THR I 290 -44.14 -18.05 -23.66
CA THR I 290 -43.90 -17.99 -25.09
C THR I 290 -42.70 -17.10 -25.40
N LYS I 291 -42.59 -15.97 -24.70
CA LYS I 291 -41.43 -15.10 -24.88
C LYS I 291 -40.15 -15.80 -24.45
N LYS I 292 -40.19 -16.55 -23.34
CA LYS I 292 -38.96 -17.15 -22.82
C LYS I 292 -38.61 -18.44 -23.56
N PHE I 293 -39.49 -19.43 -23.50
CA PHE I 293 -39.19 -20.77 -24.03
C PHE I 293 -39.86 -20.96 -25.38
N ARG I 294 -39.08 -20.88 -26.45
CA ARG I 294 -39.58 -21.14 -27.79
C ARG I 294 -39.61 -22.62 -28.14
N GLY I 295 -38.98 -23.47 -27.32
CA GLY I 295 -38.93 -24.88 -27.64
C GLY I 295 -40.30 -25.55 -27.60
N THR I 296 -41.09 -25.26 -26.57
CA THR I 296 -42.41 -25.84 -26.42
C THR I 296 -43.51 -24.79 -26.58
N TYR I 297 -43.45 -23.71 -25.80
CA TYR I 297 -44.50 -22.69 -25.85
C TYR I 297 -44.52 -21.94 -27.17
N GLY I 298 -43.39 -21.88 -27.88
CA GLY I 298 -43.38 -21.25 -29.18
C GLY I 298 -44.08 -22.05 -30.26
N LYS I 299 -44.27 -23.35 -30.03
CA LYS I 299 -44.95 -24.22 -30.98
C LYS I 299 -46.42 -24.45 -30.64
N MET I 300 -46.92 -23.85 -29.57
CA MET I 300 -48.32 -23.99 -29.18
C MET I 300 -49.13 -22.86 -29.79
N LYS I 301 -50.07 -23.21 -30.66
CA LYS I 301 -50.88 -22.19 -31.31
C LYS I 301 -51.91 -21.60 -30.36
N GLU I 302 -52.55 -22.44 -29.55
CA GLU I 302 -53.62 -22.01 -28.67
C GLU I 302 -53.24 -22.26 -27.22
N ILE I 303 -53.76 -21.41 -26.33
CA ILE I 303 -53.49 -21.49 -24.90
C ILE I 303 -54.07 -22.78 -24.35
N PRO I 304 -53.29 -23.59 -23.64
CA PRO I 304 -53.83 -24.83 -23.06
C PRO I 304 -54.69 -24.56 -21.84
N SER I 305 -55.18 -25.63 -21.20
CA SER I 305 -55.92 -25.48 -19.96
C SER I 305 -55.06 -25.00 -18.81
N ASN I 306 -53.74 -25.14 -18.90
CA ASN I 306 -52.83 -24.65 -17.88
C ASN I 306 -51.64 -24.01 -18.56
N VAL I 307 -51.02 -23.05 -17.87
CA VAL I 307 -49.85 -22.36 -18.42
C VAL I 307 -48.61 -23.23 -18.30
N PRO I 308 -48.28 -23.80 -17.13
CA PRO I 308 -47.10 -24.69 -17.09
C PRO I 308 -47.42 -26.09 -17.58
N VAL I 309 -48.55 -26.22 -18.31
CA VAL I 309 -48.85 -27.40 -19.11
C VAL I 309 -48.79 -28.67 -18.27
N ALA I 310 -47.59 -29.07 -17.91
CA ALA I 310 -47.36 -30.29 -17.16
C ALA I 310 -47.06 -30.00 -15.69
N LEU I 311 -47.75 -30.70 -14.81
CA LEU I 311 -47.47 -30.60 -13.38
C LEU I 311 -46.23 -31.40 -13.05
N LYS I 312 -45.36 -30.84 -12.22
CA LYS I 312 -44.06 -31.41 -11.91
C LYS I 312 -44.15 -32.24 -10.64
N GLY I 313 -44.10 -33.56 -10.80
CA GLY I 313 -44.12 -34.47 -9.67
C GLY I 313 -43.12 -35.60 -9.81
N THR I 314 -43.33 -36.67 -9.04
CA THR I 314 -42.46 -37.83 -9.06
C THR I 314 -43.22 -39.00 -8.45
N THR I 315 -42.65 -40.20 -8.59
CA THR I 315 -43.27 -41.40 -8.07
C THR I 315 -42.25 -42.24 -7.30
N ASN I 316 -42.75 -42.96 -6.31
CA ASN I 316 -41.96 -43.89 -5.52
C ASN I 316 -42.56 -45.27 -5.68
N GLN I 317 -41.74 -46.22 -6.16
CA GLN I 317 -42.16 -47.59 -6.38
C GLN I 317 -42.05 -48.46 -5.15
N SER I 318 -41.35 -48.01 -4.12
CA SER I 318 -41.31 -48.73 -2.85
C SER I 318 -42.68 -48.77 -2.17
N ARG I 319 -43.56 -47.84 -2.51
CA ARG I 319 -44.93 -47.85 -2.03
C ARG I 319 -45.94 -47.66 -3.15
N HIS I 320 -45.51 -47.60 -4.42
CA HIS I 320 -46.41 -47.43 -5.56
C HIS I 320 -47.28 -46.19 -5.40
N THR I 321 -46.65 -45.09 -4.99
CA THR I 321 -47.35 -43.84 -4.72
C THR I 321 -46.71 -42.74 -5.55
N SER I 322 -47.41 -41.62 -5.69
CA SER I 322 -46.88 -40.46 -6.40
C SER I 322 -47.01 -39.23 -5.52
N TYR I 323 -46.01 -38.37 -5.58
CA TYR I 323 -46.03 -37.06 -4.96
C TYR I 323 -45.86 -36.00 -6.05
N GLN I 324 -46.14 -34.76 -5.70
CA GLN I 324 -45.78 -33.66 -6.57
C GLN I 324 -44.61 -32.91 -5.96
N GLN I 325 -43.76 -32.36 -6.82
CA GLN I 325 -42.51 -31.74 -6.39
C GLN I 325 -42.83 -30.38 -5.77
N GLY I 326 -42.58 -30.23 -4.47
CA GLY I 326 -42.70 -28.94 -3.83
C GLY I 326 -43.43 -28.89 -2.50
N MET I 327 -44.48 -29.69 -2.31
CA MET I 327 -45.26 -29.59 -1.08
C MET I 327 -44.41 -29.78 0.16
N CYS I 328 -44.56 -28.87 1.11
CA CYS I 328 -44.02 -29.07 2.45
C CYS I 328 -44.91 -28.34 3.45
N LYS I 329 -45.16 -28.99 4.58
CA LYS I 329 -45.96 -28.39 5.66
C LYS I 329 -45.04 -27.62 6.59
N VAL I 330 -45.40 -26.37 6.87
CA VAL I 330 -44.60 -25.48 7.70
C VAL I 330 -45.35 -25.22 8.99
N SER I 331 -44.68 -25.45 10.13
CA SER I 331 -45.27 -25.24 11.44
C SER I 331 -44.32 -24.41 12.29
N PHE I 332 -44.86 -23.42 12.99
CA PHE I 332 -44.08 -22.48 13.80
C PHE I 332 -44.32 -22.73 15.28
N GLN I 333 -43.25 -22.61 16.07
CA GLN I 333 -43.34 -22.71 17.53
C GLN I 333 -42.42 -21.68 18.15
N GLU I 334 -42.99 -20.73 18.88
CA GLU I 334 -42.19 -19.66 19.48
C GLU I 334 -41.28 -20.22 20.57
N LEU I 335 -40.15 -19.54 20.78
CA LEU I 335 -39.22 -19.92 21.83
C LEU I 335 -38.74 -18.69 22.59
#